data_8X8R
#
_entry.id   8X8R
#
_cell.length_a   1.00
_cell.length_b   1.00
_cell.length_c   1.00
_cell.angle_alpha   90.00
_cell.angle_beta   90.00
_cell.angle_gamma   90.00
#
_symmetry.space_group_name_H-M   'P 1'
#
loop_
_entity.id
_entity.type
_entity.pdbx_description
1 polymer Hemagglutinin
2 branched alpha-D-mannopyranose-(1-3)-[alpha-D-mannopyranose-(1-6)]beta-D-mannopyranose-(1-4)-2-acetamido-2-deoxy-beta-D-glucopyranose-(1-4)-2-acetamido-2-deoxy-beta-D-glucopyranose
3 branched 2-acetamido-2-deoxy-beta-D-glucopyranose-(1-4)-2-acetamido-2-deoxy-beta-D-glucopyranose
4 branched 'N-acetyl-alpha-neuraminic acid-(2-6)-beta-D-galactopyranose-(1-4)-2-acetamido-2-deoxy-beta-D-glucopyranose'
5 non-polymer 2-acetamido-2-deoxy-beta-D-glucopyranose
#
_entity_poly.entity_id   1
_entity_poly.type   'polypeptide(L)'
_entity_poly.pdbx_seq_one_letter_code
;LQQNLPGKDSSTATLCLGHHSVPNGTIVKTITDDQIEVTNATELVQNSSTGKICNNPHKVLDGRDCTLIDAMLGDPHCDV
FQDEKWDLFVERSSAFSNCYPYDVPDYASLRSLIASSGTLDFITESFTWAGVSQNGGSSACKRGPANGFFSRLNWLTKSG
SSYPLLNVTMPNNYNFDKLYIWGVHHPSTNQEQTNLYVQASGRVTVSTRRSQQTIVPNIGSRPWVRGQSGRISIYWTIVK
PGDVLVINSNGNLIAPRGFFKIRTGRSSIMRSDAPIETCISECITPNGSIPNDKPFQNVNKITYGACPKYVKQNTLKLAT
GMRNVPEKQTRGLFGAIAGFIENGWEGMIDGWYGFRHQNSEGTGQAADLKSTQAAIDQINGKLNRVIEKTNEKFHQIEKE
FSEVEGRIQDLEKYVEDTKVDLWSYNAELLVALENQHTIDLTDSEMNKLFEKTRRQLRENAEDMGNGCFKIYHKCDNACI
ESIRNGTYDHDIYRDEALNNRFQIRGVEF
;
_entity_poly.pdbx_strand_id   A,B,C
#
# COMPACT_ATOMS: atom_id res chain seq x y z
N THR A 12 -59.13 -15.51 31.43
CA THR A 12 -57.94 -14.77 30.97
C THR A 12 -57.10 -15.62 30.03
N ALA A 13 -56.03 -15.03 29.52
CA ALA A 13 -55.15 -15.72 28.58
C ALA A 13 -53.74 -15.20 28.74
N THR A 14 -52.81 -15.81 28.00
CA THR A 14 -51.41 -15.41 28.01
C THR A 14 -50.88 -15.47 26.59
N LEU A 15 -50.26 -14.39 26.14
CA LEU A 15 -49.67 -14.29 24.81
C LEU A 15 -48.19 -13.99 24.94
N CYS A 16 -47.36 -14.78 24.26
CA CYS A 16 -45.91 -14.68 24.38
C CYS A 16 -45.28 -14.54 23.00
N LEU A 17 -44.07 -13.99 22.99
CA LEU A 17 -43.28 -13.84 21.77
C LEU A 17 -41.90 -14.43 21.98
N GLY A 18 -41.38 -15.09 20.95
CA GLY A 18 -40.09 -15.74 21.07
C GLY A 18 -39.45 -15.96 19.70
N HIS A 19 -38.23 -16.48 19.74
CA HIS A 19 -37.44 -16.70 18.54
C HIS A 19 -36.88 -18.12 18.56
N HIS A 20 -36.53 -18.60 17.37
CA HIS A 20 -36.12 -19.99 17.20
C HIS A 20 -34.72 -20.21 17.79
N SER A 21 -34.42 -21.48 18.04
CA SER A 21 -33.11 -21.90 18.52
C SER A 21 -32.74 -23.21 17.84
N VAL A 22 -31.46 -23.56 17.92
CA VAL A 22 -30.96 -24.75 17.25
C VAL A 22 -30.12 -25.58 18.23
N PRO A 23 -30.08 -26.90 18.07
CA PRO A 23 -29.24 -27.72 18.96
C PRO A 23 -27.76 -27.40 18.87
N ASN A 24 -27.27 -27.04 17.68
CA ASN A 24 -25.86 -26.75 17.47
C ASN A 24 -25.71 -25.34 16.88
N GLY A 25 -24.75 -24.58 17.43
CA GLY A 25 -24.48 -23.24 16.97
C GLY A 25 -22.98 -22.97 16.89
N THR A 26 -22.63 -22.04 16.00
CA THR A 26 -21.24 -21.67 15.76
C THR A 26 -20.87 -20.46 16.59
N ILE A 27 -19.57 -20.25 16.75
CA ILE A 27 -19.03 -19.14 17.53
C ILE A 27 -18.35 -18.16 16.58
N VAL A 28 -18.80 -16.91 16.59
CA VAL A 28 -18.20 -15.84 15.80
C VAL A 28 -17.86 -14.69 16.75
N LYS A 29 -17.14 -13.72 16.22
CA LYS A 29 -16.67 -12.58 17.02
C LYS A 29 -17.14 -11.27 16.40
N THR A 30 -17.51 -10.33 17.26
CA THR A 30 -18.00 -9.02 16.87
C THR A 30 -17.06 -7.95 17.46
N ILE A 31 -17.47 -6.70 17.32
CA ILE A 31 -16.65 -5.59 17.83
C ILE A 31 -16.63 -5.59 19.35
N THR A 32 -17.79 -5.73 19.99
CA THR A 32 -17.89 -5.63 21.44
C THR A 32 -17.83 -6.98 22.16
N ASP A 33 -17.97 -8.09 21.46
CA ASP A 33 -17.97 -9.41 22.07
C ASP A 33 -16.78 -10.21 21.55
N ASP A 34 -16.02 -10.79 22.47
CA ASP A 34 -14.90 -11.64 22.08
C ASP A 34 -15.40 -12.90 21.37
N GLN A 35 -16.43 -13.53 21.92
CA GLN A 35 -16.98 -14.76 21.35
C GLN A 35 -18.47 -14.79 21.60
N ILE A 36 -19.26 -14.89 20.53
CA ILE A 36 -20.71 -14.98 20.63
C ILE A 36 -21.15 -16.18 19.80
N GLU A 37 -22.33 -16.71 20.14
CA GLU A 37 -22.86 -17.90 19.50
C GLU A 37 -24.08 -17.54 18.66
N VAL A 38 -24.10 -18.02 17.42
CA VAL A 38 -25.18 -17.74 16.49
C VAL A 38 -25.71 -19.06 15.94
N THR A 39 -26.89 -18.99 15.33
CA THR A 39 -27.53 -20.19 14.81
C THR A 39 -26.96 -20.65 13.48
N ASN A 40 -26.24 -19.79 12.77
CA ASN A 40 -25.75 -20.13 11.43
C ASN A 40 -24.61 -19.19 11.08
N ALA A 41 -23.64 -19.72 10.33
CA ALA A 41 -22.49 -18.93 9.89
C ALA A 41 -21.92 -19.52 8.62
N THR A 42 -21.11 -18.73 7.92
CA THR A 42 -20.45 -19.15 6.70
C THR A 42 -18.95 -18.89 6.81
N GLU A 43 -18.17 -19.67 6.07
CA GLU A 43 -16.72 -19.50 6.03
C GLU A 43 -16.33 -18.63 4.84
N LEU A 44 -15.40 -17.71 5.08
CA LEU A 44 -15.05 -16.69 4.10
C LEU A 44 -13.65 -16.84 3.51
N VAL A 45 -12.86 -17.79 3.99
CA VAL A 45 -11.48 -17.97 3.53
C VAL A 45 -11.37 -19.33 2.86
N GLN A 46 -10.89 -19.34 1.61
CA GLN A 46 -10.65 -20.58 0.87
C GLN A 46 -9.22 -21.01 1.13
N ASN A 47 -9.06 -22.15 1.81
CA ASN A 47 -7.75 -22.57 2.31
C ASN A 47 -7.35 -23.94 1.81
N SER A 48 -7.85 -24.35 0.64
CA SER A 48 -7.51 -25.65 0.10
C SER A 48 -7.62 -25.64 -1.41
N SER A 49 -6.98 -26.63 -2.04
CA SER A 49 -6.99 -26.78 -3.47
C SER A 49 -7.00 -28.26 -3.81
N THR A 50 -7.35 -28.57 -5.06
CA THR A 50 -7.39 -29.95 -5.52
C THR A 50 -6.03 -30.48 -5.94
N GLY A 51 -5.04 -29.61 -6.11
CA GLY A 51 -3.71 -30.03 -6.52
C GLY A 51 -3.51 -30.18 -8.01
N LYS A 52 -4.49 -29.79 -8.82
CA LYS A 52 -4.40 -29.89 -10.26
C LYS A 52 -4.81 -28.58 -10.90
N ILE A 53 -4.30 -28.34 -12.11
CA ILE A 53 -4.57 -27.12 -12.85
C ILE A 53 -5.57 -27.42 -13.95
N CYS A 54 -6.66 -26.65 -13.99
CA CYS A 54 -7.68 -26.82 -15.00
C CYS A 54 -7.23 -26.15 -16.31
N ASN A 55 -7.63 -26.75 -17.43
CA ASN A 55 -7.21 -26.28 -18.75
C ASN A 55 -8.25 -25.41 -19.44
N ASN A 56 -9.32 -25.02 -18.74
CA ASN A 56 -10.34 -24.16 -19.29
C ASN A 56 -10.77 -23.16 -18.23
N PRO A 57 -11.20 -21.94 -18.63
CA PRO A 57 -11.31 -21.42 -19.99
C PRO A 57 -10.03 -20.78 -20.51
N HIS A 58 -8.97 -20.73 -19.71
CA HIS A 58 -7.71 -20.18 -20.16
C HIS A 58 -6.93 -21.22 -20.96
N LYS A 59 -5.95 -20.74 -21.73
CA LYS A 59 -5.08 -21.61 -22.52
C LYS A 59 -3.79 -21.80 -21.77
N VAL A 60 -3.63 -22.97 -21.15
CA VAL A 60 -2.46 -23.28 -20.34
C VAL A 60 -1.51 -24.13 -21.17
N LEU A 61 -0.32 -23.61 -21.42
CA LEU A 61 0.72 -24.30 -22.19
C LEU A 61 1.76 -24.85 -21.23
N ASP A 62 2.02 -26.15 -21.33
CA ASP A 62 2.93 -26.83 -20.42
C ASP A 62 4.31 -26.92 -21.06
N GLY A 63 5.31 -26.37 -20.39
CA GLY A 63 6.69 -26.52 -20.82
C GLY A 63 7.38 -27.60 -20.01
N ARG A 64 7.51 -28.80 -20.60
CA ARG A 64 7.95 -29.96 -19.84
C ARG A 64 9.40 -29.81 -19.39
N ASP A 65 10.32 -29.71 -20.36
CA ASP A 65 11.74 -29.61 -20.06
C ASP A 65 12.34 -28.31 -20.59
N CYS A 66 11.53 -27.35 -20.98
CA CYS A 66 12.00 -26.13 -21.62
C CYS A 66 11.57 -24.91 -20.83
N THR A 67 12.47 -23.94 -20.72
CA THR A 67 12.08 -22.62 -20.25
C THR A 67 11.58 -21.77 -21.42
N LEU A 68 11.02 -20.61 -21.10
CA LEU A 68 10.51 -19.74 -22.15
C LEU A 68 11.64 -19.21 -23.02
N ILE A 69 12.77 -18.85 -22.40
CA ILE A 69 13.90 -18.33 -23.16
C ILE A 69 14.51 -19.41 -24.04
N ASP A 70 14.60 -20.65 -23.53
CA ASP A 70 15.12 -21.75 -24.33
C ASP A 70 14.22 -22.05 -25.51
N ALA A 71 12.90 -21.98 -25.31
CA ALA A 71 11.98 -22.21 -26.42
C ALA A 71 12.01 -21.07 -27.42
N MET A 72 12.27 -19.85 -26.96
CA MET A 72 12.36 -18.72 -27.87
C MET A 72 13.63 -18.77 -28.72
N LEU A 73 14.77 -19.07 -28.09
CA LEU A 73 16.04 -19.08 -28.82
C LEU A 73 16.11 -20.21 -29.82
N GLY A 74 15.48 -21.35 -29.54
CA GLY A 74 15.50 -22.46 -30.47
C GLY A 74 16.39 -23.61 -30.04
N ASP A 75 16.34 -23.96 -28.76
CA ASP A 75 17.06 -25.13 -28.27
C ASP A 75 16.60 -26.36 -29.03
N PRO A 76 17.51 -27.24 -29.45
CA PRO A 76 17.10 -28.38 -30.30
C PRO A 76 16.01 -29.26 -29.70
N HIS A 77 16.04 -29.49 -28.38
CA HIS A 77 15.00 -30.30 -27.75
C HIS A 77 13.73 -29.50 -27.49
N CYS A 78 13.75 -28.19 -27.75
CA CYS A 78 12.58 -27.33 -27.60
C CYS A 78 11.99 -26.94 -28.96
N ASP A 79 12.06 -27.85 -29.93
CA ASP A 79 11.59 -27.55 -31.27
C ASP A 79 10.10 -27.75 -31.46
N VAL A 80 9.42 -28.37 -30.48
CA VAL A 80 7.98 -28.53 -30.58
C VAL A 80 7.25 -27.28 -30.13
N PHE A 81 7.94 -26.35 -29.47
CA PHE A 81 7.35 -25.11 -28.99
C PHE A 81 7.49 -23.97 -29.99
N GLN A 82 7.60 -24.27 -31.28
CA GLN A 82 7.74 -23.23 -32.28
C GLN A 82 6.38 -22.69 -32.69
N ASP A 83 6.26 -21.36 -32.71
CA ASP A 83 5.02 -20.68 -33.12
C ASP A 83 3.85 -21.08 -32.23
N GLU A 84 4.03 -20.95 -30.92
CA GLU A 84 3.00 -21.28 -29.96
C GLU A 84 2.36 -20.03 -29.40
N LYS A 85 1.14 -20.21 -28.87
CA LYS A 85 0.41 -19.16 -28.18
C LYS A 85 -0.07 -19.69 -26.84
N TRP A 86 -0.24 -18.80 -25.88
CA TRP A 86 -0.63 -19.22 -24.54
C TRP A 86 -1.31 -18.07 -23.81
N ASP A 87 -2.09 -18.43 -22.80
CA ASP A 87 -2.56 -17.48 -21.79
C ASP A 87 -1.74 -17.56 -20.52
N LEU A 88 -1.38 -18.77 -20.09
CA LEU A 88 -0.46 -18.99 -18.99
C LEU A 88 0.57 -20.02 -19.42
N PHE A 89 1.85 -19.69 -19.24
CA PHE A 89 2.94 -20.61 -19.48
C PHE A 89 3.42 -21.16 -18.15
N VAL A 90 3.47 -22.48 -18.03
CA VAL A 90 3.84 -23.15 -16.79
C VAL A 90 5.25 -23.70 -16.96
N GLU A 91 6.18 -23.24 -16.12
CA GLU A 91 7.57 -23.66 -16.18
C GLU A 91 7.81 -24.72 -15.11
N ARG A 92 8.19 -25.91 -15.54
CA ARG A 92 8.49 -26.99 -14.61
C ARG A 92 9.89 -26.83 -14.03
N SER A 93 10.09 -27.38 -12.84
CA SER A 93 11.37 -27.29 -12.16
C SER A 93 12.43 -28.22 -12.75
N SER A 94 12.04 -29.12 -13.65
CA SER A 94 12.96 -30.10 -14.22
C SER A 94 13.51 -29.66 -15.57
N ALA A 95 13.23 -28.43 -16.00
CA ALA A 95 13.72 -27.94 -17.27
C ALA A 95 15.24 -27.81 -17.25
N PHE A 96 15.88 -28.09 -18.39
CA PHE A 96 17.32 -28.03 -18.50
C PHE A 96 17.70 -27.45 -19.85
N SER A 97 18.96 -27.00 -19.95
CA SER A 97 19.52 -26.46 -21.18
C SER A 97 20.44 -27.50 -21.82
N ASN A 98 20.35 -27.63 -23.14
CA ASN A 98 21.10 -28.64 -23.86
C ASN A 98 21.70 -28.08 -25.14
N CYS A 99 22.26 -26.87 -25.07
CA CYS A 99 22.89 -26.24 -26.22
C CYS A 99 24.13 -25.51 -25.74
N TYR A 100 24.66 -24.62 -26.57
CA TYR A 100 25.86 -23.88 -26.22
C TYR A 100 25.61 -23.03 -24.97
N PRO A 101 26.55 -22.99 -24.02
CA PRO A 101 26.33 -22.19 -22.81
C PRO A 101 26.18 -20.71 -23.12
N TYR A 102 25.33 -20.04 -22.35
CA TYR A 102 25.02 -18.65 -22.60
C TYR A 102 24.54 -18.01 -21.31
N ASP A 103 24.52 -16.67 -21.31
CA ASP A 103 23.97 -15.91 -20.20
C ASP A 103 23.33 -14.65 -20.76
N VAL A 104 22.22 -14.25 -20.16
CA VAL A 104 21.46 -13.09 -20.59
C VAL A 104 21.56 -12.02 -19.52
N PRO A 105 22.16 -10.87 -19.79
CA PRO A 105 21.99 -9.72 -18.87
C PRO A 105 20.52 -9.37 -18.78
N ASP A 106 20.12 -8.85 -17.61
CA ASP A 106 18.73 -8.59 -17.21
C ASP A 106 17.78 -9.64 -17.78
N TYR A 107 18.07 -10.90 -17.44
CA TYR A 107 17.26 -12.03 -17.88
C TYR A 107 15.79 -11.86 -17.49
N ALA A 108 15.54 -11.30 -16.32
CA ALA A 108 14.17 -11.17 -15.83
C ALA A 108 13.33 -10.28 -16.74
N SER A 109 13.91 -9.18 -17.24
CA SER A 109 13.16 -8.26 -18.08
C SER A 109 12.75 -8.92 -19.40
N LEU A 110 13.70 -9.60 -20.06
CA LEU A 110 13.38 -10.28 -21.30
C LEU A 110 12.35 -11.38 -21.08
N ARG A 111 12.50 -12.16 -20.00
CA ARG A 111 11.53 -13.20 -19.70
C ARG A 111 10.15 -12.60 -19.49
N SER A 112 10.06 -11.51 -18.73
CA SER A 112 8.78 -10.88 -18.43
C SER A 112 8.10 -10.37 -19.68
N LEU A 113 8.85 -9.68 -20.54
CA LEU A 113 8.21 -9.09 -21.72
C LEU A 113 7.85 -10.16 -22.74
N ILE A 114 8.67 -11.20 -22.88
CA ILE A 114 8.32 -12.30 -23.77
C ILE A 114 7.07 -13.01 -23.28
N ALA A 115 6.98 -13.27 -21.97
CA ALA A 115 5.79 -13.92 -21.42
C ALA A 115 4.55 -13.04 -21.60
N SER A 116 4.69 -11.75 -21.36
CA SER A 116 3.54 -10.84 -21.49
C SER A 116 3.12 -10.70 -22.95
N SER A 117 4.03 -10.88 -23.90
CA SER A 117 3.66 -10.78 -25.30
C SER A 117 2.64 -11.85 -25.68
N GLY A 118 2.85 -13.07 -25.22
CA GLY A 118 1.86 -14.13 -25.38
C GLY A 118 1.95 -14.96 -26.65
N THR A 119 3.00 -14.77 -27.45
CA THR A 119 3.12 -15.52 -28.70
C THR A 119 4.58 -15.65 -29.08
N LEU A 120 4.88 -16.66 -29.89
CA LEU A 120 6.22 -16.93 -30.38
C LEU A 120 6.26 -16.93 -31.90
N ASP A 121 5.50 -16.05 -32.53
CA ASP A 121 5.47 -15.99 -33.98
C ASP A 121 6.75 -15.34 -34.51
N PHE A 122 7.44 -16.04 -35.41
CA PHE A 122 8.73 -15.62 -35.93
C PHE A 122 8.64 -15.46 -37.44
N ILE A 123 9.14 -14.34 -37.95
CA ILE A 123 9.15 -14.05 -39.38
C ILE A 123 10.60 -13.99 -39.84
N THR A 124 10.95 -14.77 -40.85
CA THR A 124 12.30 -14.80 -41.37
C THR A 124 12.53 -13.64 -42.34
N GLU A 125 13.63 -12.93 -42.16
CA GLU A 125 14.00 -11.81 -43.01
C GLU A 125 15.21 -12.17 -43.87
N SER A 126 15.40 -11.41 -44.93
CA SER A 126 16.48 -11.68 -45.90
C SER A 126 17.69 -10.82 -45.52
N PHE A 127 18.51 -11.36 -44.63
CA PHE A 127 19.76 -10.72 -44.25
C PHE A 127 20.89 -11.24 -45.14
N THR A 128 21.68 -10.31 -45.67
CA THR A 128 22.80 -10.64 -46.54
C THR A 128 24.10 -10.32 -45.80
N TRP A 129 24.90 -11.35 -45.53
CA TRP A 129 26.18 -11.19 -44.86
C TRP A 129 27.26 -11.54 -45.88
N ALA A 130 27.97 -10.52 -46.36
CA ALA A 130 28.93 -10.68 -47.44
C ALA A 130 30.34 -10.82 -46.88
N GLY A 131 31.05 -11.84 -47.34
CA GLY A 131 32.43 -12.05 -46.95
C GLY A 131 32.65 -13.01 -45.80
N VAL A 132 31.58 -13.58 -45.24
CA VAL A 132 31.69 -14.48 -44.09
C VAL A 132 31.03 -15.81 -44.45
N SER A 133 31.06 -16.73 -43.50
CA SER A 133 30.42 -18.04 -43.63
C SER A 133 29.37 -18.20 -42.55
N GLN A 134 28.19 -18.68 -42.94
CA GLN A 134 27.03 -18.73 -42.07
C GLN A 134 26.79 -20.13 -41.55
N ASN A 135 25.83 -20.23 -40.63
CA ASN A 135 25.34 -21.50 -40.09
C ASN A 135 26.45 -22.30 -39.40
N GLY A 136 27.07 -21.65 -38.42
CA GLY A 136 28.04 -22.34 -37.59
C GLY A 136 27.40 -23.26 -36.58
N GLY A 137 28.17 -24.23 -36.11
CA GLY A 137 27.69 -25.21 -35.16
C GLY A 137 28.73 -25.52 -34.11
N SER A 138 28.32 -26.34 -33.14
CA SER A 138 29.20 -26.75 -32.05
C SER A 138 28.80 -28.13 -31.57
N SER A 139 29.76 -28.84 -30.96
CA SER A 139 29.49 -30.18 -30.46
C SER A 139 28.64 -30.17 -29.19
N ALA A 140 28.51 -29.01 -28.55
CA ALA A 140 27.67 -28.89 -27.37
C ALA A 140 26.18 -28.78 -27.70
N CYS A 141 25.84 -28.66 -28.99
CA CYS A 141 24.46 -28.49 -29.44
C CYS A 141 24.26 -29.41 -30.63
N LYS A 142 23.82 -30.63 -30.36
CA LYS A 142 23.71 -31.67 -31.38
C LYS A 142 22.26 -31.78 -31.87
N ARG A 143 22.08 -31.65 -33.17
CA ARG A 143 20.78 -31.84 -33.81
C ARG A 143 20.78 -33.24 -34.43
N GLY A 144 20.54 -34.25 -33.59
CA GLY A 144 20.65 -35.62 -34.02
C GLY A 144 22.07 -36.12 -33.91
N PRO A 145 22.64 -36.56 -35.03
CA PRO A 145 24.05 -36.98 -35.03
C PRO A 145 25.00 -35.85 -35.41
N ALA A 146 24.48 -34.76 -35.94
CA ALA A 146 25.27 -33.67 -36.47
C ALA A 146 25.30 -32.48 -35.51
N ASN A 147 26.35 -31.69 -35.63
CA ASN A 147 26.47 -30.49 -34.82
C ASN A 147 25.46 -29.43 -35.27
N GLY A 148 24.90 -28.72 -34.30
CA GLY A 148 23.90 -27.71 -34.60
C GLY A 148 24.04 -26.45 -33.78
N PHE A 149 22.98 -25.67 -33.70
CA PHE A 149 22.98 -24.39 -32.99
C PHE A 149 21.54 -23.99 -32.76
N PHE A 150 21.35 -22.83 -32.11
CA PHE A 150 20.02 -22.29 -31.96
C PHE A 150 19.39 -22.04 -33.33
N SER A 151 18.09 -22.30 -33.43
CA SER A 151 17.41 -22.19 -34.71
C SER A 151 17.06 -20.76 -35.09
N ARG A 152 17.12 -19.83 -34.14
CA ARG A 152 16.78 -18.43 -34.41
C ARG A 152 17.99 -17.52 -34.50
N LEU A 153 19.20 -18.06 -34.39
CA LEU A 153 20.41 -17.26 -34.41
C LEU A 153 21.36 -17.80 -35.47
N ASN A 154 22.25 -16.93 -35.94
CA ASN A 154 23.18 -17.25 -37.01
C ASN A 154 24.61 -17.00 -36.53
N TRP A 155 25.43 -18.04 -36.57
CA TRP A 155 26.83 -17.94 -36.14
C TRP A 155 27.70 -17.68 -37.36
N LEU A 156 28.25 -16.47 -37.46
CA LEU A 156 29.05 -16.05 -38.59
C LEU A 156 30.53 -16.07 -38.21
N THR A 157 31.34 -16.76 -39.01
CA THR A 157 32.77 -16.80 -38.79
C THR A 157 33.51 -16.37 -40.05
N LYS A 158 34.84 -16.49 -40.04
CA LYS A 158 35.63 -16.09 -41.19
C LYS A 158 35.39 -17.04 -42.37
N SER A 159 35.57 -16.51 -43.57
CA SER A 159 35.53 -17.31 -44.80
C SER A 159 36.89 -17.20 -45.47
N GLY A 160 37.56 -18.34 -45.63
CA GLY A 160 38.92 -18.33 -46.13
C GLY A 160 39.87 -17.78 -45.09
N SER A 161 40.37 -16.56 -45.31
CA SER A 161 41.32 -15.94 -44.39
C SER A 161 40.95 -14.50 -44.08
N SER A 162 39.68 -14.13 -44.18
CA SER A 162 39.26 -12.75 -43.96
C SER A 162 37.94 -12.71 -43.22
N TYR A 163 37.71 -11.60 -42.52
CA TYR A 163 36.43 -11.31 -41.88
C TYR A 163 36.16 -9.83 -42.08
N PRO A 164 35.42 -9.46 -43.11
CA PRO A 164 35.21 -8.05 -43.41
C PRO A 164 34.32 -7.37 -42.38
N LEU A 165 34.17 -6.06 -42.53
CA LEU A 165 33.30 -5.28 -41.66
C LEU A 165 31.87 -5.39 -42.16
N LEU A 166 30.98 -5.91 -41.32
CA LEU A 166 29.59 -6.11 -41.69
C LEU A 166 28.79 -4.85 -41.44
N ASN A 167 27.97 -4.46 -42.40
CA ASN A 167 27.18 -3.23 -42.30
C ASN A 167 25.89 -3.46 -43.09
N VAL A 168 24.81 -3.79 -42.37
CA VAL A 168 23.52 -4.11 -42.98
C VAL A 168 22.45 -3.24 -42.37
N THR A 169 21.34 -3.09 -43.10
CA THR A 169 20.21 -2.30 -42.67
C THR A 169 18.92 -3.08 -42.88
N MET A 170 17.90 -2.74 -42.10
CA MET A 170 16.62 -3.43 -42.17
C MET A 170 15.50 -2.48 -41.79
N PRO A 171 14.75 -1.95 -42.75
CA PRO A 171 13.69 -1.00 -42.44
C PRO A 171 12.43 -1.69 -41.95
N ASN A 172 11.65 -0.93 -41.16
CA ASN A 172 10.38 -1.40 -40.63
C ASN A 172 9.26 -0.69 -41.40
N ASN A 173 8.73 -1.37 -42.41
CA ASN A 173 7.67 -0.82 -43.24
C ASN A 173 6.29 -1.26 -42.80
N TYR A 174 6.19 -2.02 -41.71
CA TYR A 174 4.91 -2.50 -41.21
C TYR A 174 4.33 -1.46 -40.24
N ASN A 175 3.28 -1.84 -39.52
CA ASN A 175 2.65 -0.96 -38.54
C ASN A 175 2.55 -1.65 -37.18
N PHE A 176 3.54 -2.46 -36.83
CA PHE A 176 3.63 -3.07 -35.51
C PHE A 176 5.10 -3.19 -35.12
N ASP A 177 5.32 -3.38 -33.82
CA ASP A 177 6.67 -3.44 -33.29
C ASP A 177 7.36 -4.74 -33.70
N LYS A 178 8.67 -4.65 -33.92
CA LYS A 178 9.51 -5.80 -34.21
C LYS A 178 10.47 -6.02 -33.05
N LEU A 179 10.71 -7.27 -32.69
CA LEU A 179 11.66 -7.61 -31.64
C LEU A 179 12.76 -8.48 -32.24
N TYR A 180 14.00 -8.05 -32.07
CA TYR A 180 15.16 -8.74 -32.60
C TYR A 180 15.98 -9.32 -31.46
N ILE A 181 16.50 -10.53 -31.66
CA ILE A 181 17.36 -11.20 -30.68
C ILE A 181 18.68 -11.50 -31.35
N TRP A 182 19.77 -10.99 -30.79
CA TRP A 182 21.12 -11.20 -31.31
C TRP A 182 22.03 -11.58 -30.14
N GLY A 183 23.33 -11.72 -30.43
CA GLY A 183 24.25 -12.15 -29.40
C GLY A 183 25.69 -11.78 -29.71
N VAL A 184 26.52 -11.94 -28.68
CA VAL A 184 27.96 -11.70 -28.75
C VAL A 184 28.67 -12.93 -28.22
N HIS A 185 29.79 -13.30 -28.84
CA HIS A 185 30.53 -14.49 -28.46
C HIS A 185 31.81 -14.12 -27.73
N HIS A 186 32.05 -14.78 -26.59
CA HIS A 186 33.24 -14.54 -25.80
C HIS A 186 34.14 -15.77 -25.87
N PRO A 187 35.24 -15.73 -26.63
CA PRO A 187 36.09 -16.92 -26.75
C PRO A 187 36.89 -17.16 -25.48
N SER A 188 37.61 -18.29 -25.47
CA SER A 188 38.40 -18.68 -24.31
C SER A 188 39.85 -18.22 -24.39
N THR A 189 40.43 -18.22 -25.58
CA THR A 189 41.83 -17.87 -25.77
C THR A 189 41.96 -16.86 -26.90
N ASN A 190 43.11 -16.17 -26.93
CA ASN A 190 43.41 -15.30 -28.06
C ASN A 190 43.56 -16.12 -29.33
N GLN A 191 44.12 -17.33 -29.23
CA GLN A 191 44.23 -18.20 -30.39
C GLN A 191 42.86 -18.54 -30.97
N GLU A 192 41.90 -18.87 -30.10
CA GLU A 192 40.55 -19.15 -30.56
C GLU A 192 39.92 -17.92 -31.21
N GLN A 193 40.13 -16.74 -30.61
CA GLN A 193 39.58 -15.51 -31.17
C GLN A 193 40.12 -15.26 -32.57
N THR A 194 41.43 -15.43 -32.77
CA THR A 194 42.01 -15.21 -34.10
C THR A 194 41.60 -16.30 -35.07
N ASN A 195 41.45 -17.53 -34.60
CA ASN A 195 41.09 -18.62 -35.50
C ASN A 195 39.65 -18.52 -35.98
N LEU A 196 38.75 -18.00 -35.15
CA LEU A 196 37.36 -17.83 -35.58
C LEU A 196 37.18 -16.54 -36.37
N TYR A 197 37.68 -15.43 -35.84
CA TYR A 197 37.58 -14.13 -36.49
C TYR A 197 38.98 -13.59 -36.70
N VAL A 198 39.23 -13.03 -37.89
CA VAL A 198 40.60 -12.62 -38.23
C VAL A 198 41.09 -11.54 -37.29
N GLN A 199 40.24 -10.57 -36.96
CA GLN A 199 40.64 -9.49 -36.09
C GLN A 199 40.87 -10.00 -34.67
N ALA A 200 41.81 -9.35 -33.98
CA ALA A 200 42.17 -9.73 -32.61
C ALA A 200 41.28 -9.09 -31.56
N SER A 201 40.30 -8.28 -31.96
CA SER A 201 39.39 -7.64 -31.02
C SER A 201 38.10 -7.32 -31.76
N GLY A 202 37.04 -8.06 -31.45
CA GLY A 202 35.76 -7.88 -32.10
C GLY A 202 34.97 -6.72 -31.52
N ARG A 203 33.82 -6.47 -32.14
CA ARG A 203 32.96 -5.36 -31.77
C ARG A 203 31.61 -5.54 -32.45
N VAL A 204 30.53 -5.27 -31.72
CA VAL A 204 29.17 -5.37 -32.24
C VAL A 204 28.41 -4.10 -31.88
N THR A 205 27.86 -3.44 -32.89
CA THR A 205 27.06 -2.23 -32.70
C THR A 205 25.71 -2.43 -33.37
N VAL A 206 24.65 -2.50 -32.58
CA VAL A 206 23.29 -2.60 -33.08
C VAL A 206 22.53 -1.37 -32.58
N SER A 207 21.98 -0.61 -33.51
CA SER A 207 21.39 0.68 -33.15
C SER A 207 20.21 0.98 -34.07
N THR A 208 19.31 1.81 -33.56
CA THR A 208 18.22 2.40 -34.32
C THR A 208 18.38 3.92 -34.28
N ARG A 209 17.36 4.63 -34.77
CA ARG A 209 17.45 6.09 -34.82
C ARG A 209 17.44 6.74 -33.44
N ARG A 210 16.98 6.03 -32.40
CA ARG A 210 16.89 6.62 -31.08
C ARG A 210 17.66 5.88 -30.00
N SER A 211 18.24 4.71 -30.31
CA SER A 211 18.94 3.93 -29.31
C SER A 211 20.14 3.25 -29.95
N GLN A 212 21.08 2.85 -29.10
CA GLN A 212 22.29 2.17 -29.57
C GLN A 212 22.86 1.30 -28.46
N GLN A 213 23.51 0.21 -28.86
CA GLN A 213 24.23 -0.66 -27.95
C GLN A 213 25.51 -1.12 -28.63
N THR A 214 26.62 -1.01 -27.92
CA THR A 214 27.91 -1.50 -28.40
C THR A 214 28.52 -2.41 -27.35
N ILE A 215 28.96 -3.60 -27.77
CA ILE A 215 29.52 -4.60 -26.86
C ILE A 215 30.89 -5.00 -27.38
N VAL A 216 31.84 -5.16 -26.47
CA VAL A 216 33.19 -5.60 -26.77
C VAL A 216 33.38 -6.99 -26.16
N PRO A 217 33.58 -8.03 -26.95
CA PRO A 217 33.76 -9.37 -26.39
C PRO A 217 35.00 -9.45 -25.51
N ASN A 218 34.90 -10.27 -24.47
CA ASN A 218 35.97 -10.45 -23.50
C ASN A 218 36.44 -11.89 -23.51
N ILE A 219 37.76 -12.08 -23.58
CA ILE A 219 38.38 -13.38 -23.73
C ILE A 219 38.86 -13.86 -22.36
N GLY A 220 38.57 -15.13 -22.05
CA GLY A 220 39.01 -15.70 -20.79
C GLY A 220 38.47 -17.10 -20.57
N SER A 221 39.18 -17.90 -19.78
CA SER A 221 38.74 -19.27 -19.51
C SER A 221 37.53 -19.28 -18.58
N ARG A 222 36.74 -20.33 -18.70
CA ARG A 222 35.51 -20.48 -17.94
C ARG A 222 35.32 -21.96 -17.64
N PRO A 223 34.49 -22.29 -16.65
CA PRO A 223 34.23 -23.71 -16.36
C PRO A 223 33.59 -24.42 -17.55
N TRP A 224 33.92 -25.70 -17.69
CA TRP A 224 33.41 -26.48 -18.81
C TRP A 224 31.91 -26.70 -18.68
N VAL A 225 31.18 -26.44 -19.76
CA VAL A 225 29.76 -26.77 -19.87
C VAL A 225 29.57 -27.48 -21.20
N ARG A 226 29.40 -28.80 -21.14
CA ARG A 226 29.26 -29.64 -22.34
C ARG A 226 30.45 -29.47 -23.27
N GLY A 227 31.64 -29.31 -22.70
CA GLY A 227 32.86 -29.28 -23.47
C GLY A 227 33.30 -27.92 -23.97
N GLN A 228 32.63 -26.85 -23.58
CA GLN A 228 32.95 -25.50 -24.05
C GLN A 228 33.34 -24.62 -22.88
N SER A 229 34.41 -23.85 -23.07
CA SER A 229 34.82 -22.84 -22.11
C SER A 229 34.43 -21.43 -22.53
N GLY A 230 33.78 -21.27 -23.68
CA GLY A 230 33.28 -19.98 -24.10
C GLY A 230 31.82 -19.76 -23.71
N ARG A 231 31.35 -18.54 -23.92
CA ARG A 231 30.00 -18.16 -23.56
C ARG A 231 29.42 -17.26 -24.64
N ILE A 232 28.11 -17.04 -24.57
CA ILE A 232 27.39 -16.16 -25.49
C ILE A 232 26.45 -15.29 -24.68
N SER A 233 26.46 -13.99 -24.94
CA SER A 233 25.58 -13.04 -24.27
C SER A 233 24.47 -12.61 -25.22
N ILE A 234 23.25 -12.57 -24.71
CA ILE A 234 22.05 -12.37 -25.52
C ILE A 234 21.47 -10.99 -25.24
N TYR A 235 21.17 -10.25 -26.30
CA TYR A 235 20.58 -8.92 -26.21
C TYR A 235 19.35 -8.86 -27.11
N TRP A 236 18.55 -7.82 -26.94
CA TRP A 236 17.35 -7.64 -27.75
C TRP A 236 17.18 -6.17 -28.12
N THR A 237 16.40 -5.93 -29.17
CA THR A 237 16.13 -4.59 -29.66
C THR A 237 14.72 -4.55 -30.22
N ILE A 238 14.05 -3.41 -30.06
CA ILE A 238 12.69 -3.20 -30.54
C ILE A 238 12.70 -2.07 -31.56
N VAL A 239 12.12 -2.32 -32.73
CA VAL A 239 12.09 -1.34 -33.82
C VAL A 239 10.64 -0.90 -34.02
N LYS A 240 10.37 0.37 -33.75
CA LYS A 240 9.04 0.92 -33.93
C LYS A 240 8.73 1.05 -35.41
N PRO A 241 7.44 1.08 -35.77
CA PRO A 241 7.08 1.29 -37.18
C PRO A 241 7.63 2.60 -37.71
N GLY A 242 8.18 2.56 -38.92
CA GLY A 242 8.83 3.70 -39.52
C GLY A 242 10.27 3.90 -39.11
N ASP A 243 10.80 3.07 -38.22
CA ASP A 243 12.19 3.13 -37.79
C ASP A 243 13.01 2.12 -38.59
N VAL A 244 14.33 2.19 -38.42
CA VAL A 244 15.25 1.32 -39.13
C VAL A 244 16.23 0.69 -38.16
N LEU A 245 16.83 -0.42 -38.58
CA LEU A 245 17.82 -1.14 -37.80
C LEU A 245 19.12 -1.17 -38.59
N VAL A 246 20.24 -0.94 -37.91
CA VAL A 246 21.56 -1.02 -38.51
C VAL A 246 22.44 -1.90 -37.62
N ILE A 247 23.02 -2.94 -38.20
CA ILE A 247 23.93 -3.83 -37.50
C ILE A 247 25.32 -3.63 -38.10
N ASN A 248 26.24 -3.10 -37.28
CA ASN A 248 27.62 -2.90 -37.69
C ASN A 248 28.52 -3.70 -36.76
N SER A 249 29.23 -4.67 -37.32
CA SER A 249 30.03 -5.59 -36.53
C SER A 249 31.40 -5.77 -37.17
N ASN A 250 32.40 -5.96 -36.32
CA ASN A 250 33.77 -6.27 -36.74
C ASN A 250 34.15 -7.70 -36.44
N GLY A 251 33.42 -8.37 -35.55
CA GLY A 251 33.68 -9.76 -35.23
C GLY A 251 32.81 -10.17 -34.06
N ASN A 252 32.81 -11.47 -33.80
CA ASN A 252 32.12 -12.05 -32.64
C ASN A 252 30.63 -11.73 -32.64
N LEU A 253 30.01 -11.76 -33.82
CA LEU A 253 28.60 -11.42 -33.96
C LEU A 253 27.77 -12.68 -34.18
N ILE A 254 26.73 -12.84 -33.36
CA ILE A 254 25.75 -13.90 -33.54
C ILE A 254 24.51 -13.23 -34.12
N ALA A 255 24.35 -13.29 -35.43
CA ALA A 255 23.36 -12.51 -36.13
C ALA A 255 21.96 -13.10 -35.94
N PRO A 256 20.93 -12.26 -36.04
CA PRO A 256 19.55 -12.76 -36.02
C PRO A 256 19.12 -13.23 -37.41
N ARG A 257 18.07 -14.06 -37.40
CA ARG A 257 17.48 -14.56 -38.63
C ARG A 257 16.16 -13.90 -38.98
N GLY A 258 15.61 -13.09 -38.09
CA GLY A 258 14.33 -12.46 -38.33
C GLY A 258 13.87 -11.70 -37.10
N PHE A 259 12.57 -11.53 -36.98
CA PHE A 259 11.99 -10.77 -35.87
C PHE A 259 10.79 -11.50 -35.30
N PHE A 260 10.50 -11.24 -34.02
CA PHE A 260 9.32 -11.73 -33.35
C PHE A 260 8.24 -10.65 -33.38
N LYS A 261 6.98 -11.08 -33.56
CA LYS A 261 5.85 -10.17 -33.47
C LYS A 261 5.47 -10.02 -32.00
N ILE A 262 5.80 -8.87 -31.42
CA ILE A 262 5.48 -8.59 -30.03
C ILE A 262 4.12 -7.92 -29.97
N ARG A 263 3.43 -8.12 -28.85
CA ARG A 263 2.04 -7.70 -28.73
C ARG A 263 1.78 -7.16 -27.33
N THR A 264 0.57 -6.65 -27.13
CA THR A 264 0.09 -6.21 -25.84
C THR A 264 -1.13 -7.04 -25.46
N GLY A 265 -1.10 -7.64 -24.28
CA GLY A 265 -2.17 -8.52 -23.88
C GLY A 265 -2.13 -8.84 -22.41
N ARG A 266 -2.80 -9.92 -22.05
CA ARG A 266 -2.96 -10.33 -20.65
C ARG A 266 -2.31 -11.68 -20.36
N SER A 267 -1.33 -12.09 -21.15
CA SER A 267 -0.65 -13.35 -20.92
C SER A 267 0.36 -13.20 -19.77
N SER A 268 0.80 -14.35 -19.25
CA SER A 268 1.74 -14.36 -18.14
C SER A 268 2.41 -15.72 -18.09
N ILE A 269 3.29 -15.88 -17.09
CA ILE A 269 4.06 -17.11 -16.91
C ILE A 269 4.05 -17.46 -15.43
N MET A 270 4.06 -18.76 -15.13
CA MET A 270 3.99 -19.25 -13.77
C MET A 270 4.97 -20.40 -13.59
N ARG A 271 5.46 -20.56 -12.35
CA ARG A 271 6.28 -21.69 -11.98
C ARG A 271 5.47 -22.62 -11.10
N SER A 272 5.21 -23.83 -11.58
CA SER A 272 4.38 -24.76 -10.84
C SER A 272 4.66 -26.18 -11.30
N ASP A 273 4.68 -27.11 -10.36
CA ASP A 273 4.86 -28.53 -10.63
C ASP A 273 3.56 -29.31 -10.58
N ALA A 274 2.42 -28.63 -10.51
CA ALA A 274 1.13 -29.32 -10.43
C ALA A 274 0.76 -29.90 -11.80
N PRO A 275 0.12 -31.06 -11.84
CA PRO A 275 -0.32 -31.61 -13.13
C PRO A 275 -1.52 -30.85 -13.68
N ILE A 276 -1.79 -31.09 -14.96
CA ILE A 276 -2.88 -30.43 -15.68
C ILE A 276 -3.92 -31.48 -16.04
N GLU A 277 -5.17 -31.21 -15.67
CA GLU A 277 -6.28 -32.11 -15.95
C GLU A 277 -7.37 -31.34 -16.67
N THR A 278 -8.52 -31.99 -16.89
CA THR A 278 -9.62 -31.43 -17.65
C THR A 278 -10.71 -30.97 -16.70
N CYS A 279 -10.84 -29.66 -16.53
CA CYS A 279 -11.87 -29.07 -15.68
C CYS A 279 -11.97 -27.59 -16.03
N ILE A 280 -12.87 -26.89 -15.33
CA ILE A 280 -13.11 -25.48 -15.55
C ILE A 280 -12.86 -24.74 -14.24
N SER A 281 -12.07 -23.67 -14.31
CA SER A 281 -11.77 -22.85 -13.14
C SER A 281 -11.17 -21.53 -13.61
N GLU A 282 -11.65 -20.43 -13.03
CA GLU A 282 -11.19 -19.11 -13.41
C GLU A 282 -9.95 -18.65 -12.65
N CYS A 283 -9.56 -19.38 -11.59
CA CYS A 283 -8.42 -19.01 -10.77
C CYS A 283 -7.38 -20.10 -10.84
N ILE A 284 -6.12 -19.72 -11.06
CA ILE A 284 -5.00 -20.65 -11.12
C ILE A 284 -3.94 -20.19 -10.13
N THR A 285 -3.51 -21.09 -9.27
CA THR A 285 -2.44 -20.89 -8.31
C THR A 285 -1.40 -21.98 -8.51
N PRO A 286 -0.16 -21.75 -8.08
CA PRO A 286 0.86 -22.80 -8.22
C PRO A 286 0.49 -24.09 -7.51
N ASN A 287 -0.31 -24.03 -6.44
CA ASN A 287 -0.81 -25.23 -5.80
C ASN A 287 -1.88 -25.93 -6.62
N GLY A 288 -2.43 -25.26 -7.62
CA GLY A 288 -3.55 -25.74 -8.40
C GLY A 288 -4.68 -24.73 -8.41
N SER A 289 -5.69 -25.03 -9.22
CA SER A 289 -6.84 -24.14 -9.33
C SER A 289 -7.68 -24.17 -8.07
N ILE A 290 -8.32 -23.04 -7.76
CA ILE A 290 -9.20 -22.95 -6.60
C ILE A 290 -10.51 -22.29 -7.02
N PRO A 291 -11.62 -22.61 -6.37
CA PRO A 291 -12.87 -21.89 -6.65
C PRO A 291 -12.83 -20.47 -6.12
N ASN A 292 -13.68 -19.62 -6.71
CA ASN A 292 -13.69 -18.20 -6.38
C ASN A 292 -15.06 -17.73 -5.90
N ASP A 293 -15.73 -18.55 -5.10
CA ASP A 293 -17.02 -18.16 -4.52
C ASP A 293 -16.88 -17.52 -3.14
N LYS A 294 -15.66 -17.35 -2.66
CA LYS A 294 -15.40 -16.71 -1.38
C LYS A 294 -14.55 -15.45 -1.58
N PRO A 295 -14.70 -14.45 -0.71
CA PRO A 295 -13.98 -13.18 -0.93
C PRO A 295 -12.49 -13.25 -0.66
N PHE A 296 -12.03 -14.19 0.15
CA PHE A 296 -10.62 -14.26 0.54
C PHE A 296 -10.12 -15.69 0.40
N GLN A 297 -8.80 -15.83 0.28
CA GLN A 297 -8.17 -17.13 0.15
C GLN A 297 -6.84 -17.13 0.88
N ASN A 298 -6.34 -18.33 1.17
CA ASN A 298 -5.12 -18.51 1.95
C ASN A 298 -4.18 -19.52 1.31
N VAL A 299 -4.33 -19.78 0.01
CA VAL A 299 -3.55 -20.83 -0.65
C VAL A 299 -2.19 -20.29 -1.09
N ASN A 300 -2.20 -19.28 -1.95
CA ASN A 300 -0.96 -18.73 -2.49
C ASN A 300 -1.20 -17.29 -2.87
N LYS A 301 -0.16 -16.46 -2.73
CA LYS A 301 -0.26 -15.06 -3.13
C LYS A 301 0.10 -14.82 -4.58
N ILE A 302 0.50 -15.86 -5.30
CA ILE A 302 0.70 -15.81 -6.74
C ILE A 302 -0.53 -16.42 -7.40
N THR A 303 -1.25 -15.62 -8.17
CA THR A 303 -2.52 -16.05 -8.75
C THR A 303 -2.63 -15.53 -10.18
N TYR A 304 -3.45 -16.22 -10.98
CA TYR A 304 -3.76 -15.79 -12.32
C TYR A 304 -5.24 -15.96 -12.57
N GLY A 305 -5.90 -14.91 -13.04
CA GLY A 305 -7.31 -14.93 -13.36
C GLY A 305 -8.14 -14.15 -12.38
N ALA A 306 -9.42 -14.49 -12.32
CA ALA A 306 -10.36 -13.87 -11.38
C ALA A 306 -10.27 -14.64 -10.07
N CYS A 307 -9.51 -14.09 -9.12
CA CYS A 307 -9.18 -14.81 -7.91
C CYS A 307 -9.56 -13.99 -6.68
N PRO A 308 -9.82 -14.64 -5.55
CA PRO A 308 -10.03 -13.91 -4.30
C PRO A 308 -8.75 -13.23 -3.84
N LYS A 309 -8.88 -12.47 -2.76
CA LYS A 309 -7.73 -11.75 -2.21
C LYS A 309 -7.00 -12.61 -1.19
N TYR A 310 -5.69 -12.44 -1.14
CA TYR A 310 -4.86 -13.25 -0.25
C TYR A 310 -4.79 -12.62 1.14
N VAL A 311 -5.11 -13.42 2.15
CA VAL A 311 -5.07 -12.98 3.54
C VAL A 311 -4.25 -13.98 4.35
N LYS A 312 -3.75 -13.53 5.49
CA LYS A 312 -2.97 -14.38 6.38
C LYS A 312 -3.84 -15.23 7.29
N GLN A 313 -5.06 -14.80 7.58
CA GLN A 313 -5.94 -15.56 8.43
C GLN A 313 -6.39 -16.85 7.74
N ASN A 314 -6.44 -17.94 8.49
CA ASN A 314 -6.86 -19.22 7.94
C ASN A 314 -8.36 -19.47 8.06
N THR A 315 -9.09 -18.62 8.77
CA THR A 315 -10.53 -18.78 8.90
C THR A 315 -11.16 -17.46 9.29
N LEU A 316 -12.32 -17.17 8.71
CA LEU A 316 -13.09 -15.98 9.04
C LEU A 316 -14.57 -16.34 8.89
N LYS A 317 -15.29 -16.35 10.01
CA LYS A 317 -16.69 -16.77 10.03
C LYS A 317 -17.59 -15.56 10.01
N LEU A 318 -18.60 -15.58 9.15
CA LEU A 318 -19.57 -14.51 9.01
C LEU A 318 -20.93 -15.02 9.47
N ALA A 319 -21.54 -14.30 10.42
CA ALA A 319 -22.82 -14.71 10.97
C ALA A 319 -23.94 -14.50 9.95
N THR A 320 -24.87 -15.45 9.91
CA THR A 320 -26.05 -15.35 9.04
C THR A 320 -27.33 -15.72 9.78
N GLY A 321 -27.33 -15.66 11.11
CA GLY A 321 -28.49 -15.99 11.90
C GLY A 321 -28.51 -15.19 13.18
N MET A 322 -29.51 -15.46 14.00
CA MET A 322 -29.66 -14.77 15.27
C MET A 322 -28.74 -15.37 16.33
N ARG A 323 -28.58 -14.65 17.44
CA ARG A 323 -27.86 -15.20 18.57
C ARG A 323 -28.60 -16.41 19.12
N ASN A 324 -27.84 -17.41 19.56
CA ASN A 324 -28.39 -18.67 20.03
C ASN A 324 -28.46 -18.64 21.55
N VAL A 325 -29.68 -18.73 22.09
CA VAL A 325 -29.91 -18.72 23.52
C VAL A 325 -30.65 -20.00 23.89
N PRO A 326 -30.12 -20.82 24.79
CA PRO A 326 -30.83 -22.04 25.18
C PRO A 326 -32.08 -21.73 25.97
N GLU A 327 -33.05 -22.65 25.88
CA GLU A 327 -34.30 -22.51 26.62
C GLU A 327 -34.14 -23.02 28.05
N ILE A 337 -45.58 -21.55 29.49
CA ILE A 337 -44.90 -20.98 28.33
C ILE A 337 -44.18 -19.70 28.73
N ALA A 338 -43.11 -19.38 28.00
CA ALA A 338 -42.27 -18.23 28.31
C ALA A 338 -42.15 -17.35 27.07
N GLY A 339 -41.41 -16.26 27.21
CA GLY A 339 -41.19 -15.30 26.15
C GLY A 339 -39.79 -15.37 25.57
N PHE A 340 -39.33 -14.25 25.03
CA PHE A 340 -38.02 -14.16 24.41
C PHE A 340 -36.95 -13.60 25.33
N ILE A 341 -37.28 -13.32 26.59
CA ILE A 341 -36.31 -12.75 27.53
C ILE A 341 -35.44 -13.90 28.03
N GLU A 342 -34.26 -14.06 27.42
CA GLU A 342 -33.33 -15.14 27.74
C GLU A 342 -34.03 -16.51 27.68
N ASN A 343 -34.66 -16.78 26.54
CA ASN A 343 -35.40 -18.02 26.37
C ASN A 343 -35.57 -18.29 24.89
N GLY A 344 -34.99 -19.39 24.40
CA GLY A 344 -35.15 -19.80 23.03
C GLY A 344 -36.33 -20.76 22.85
N TRP A 345 -36.69 -20.97 21.59
CA TRP A 345 -37.83 -21.82 21.24
C TRP A 345 -37.36 -22.87 20.23
N GLU A 346 -37.02 -24.06 20.73
CA GLU A 346 -36.57 -25.14 19.86
C GLU A 346 -37.68 -25.68 18.97
N GLY A 347 -38.94 -25.48 19.32
CA GLY A 347 -40.04 -26.02 18.57
C GLY A 347 -40.51 -25.20 17.39
N MET A 348 -39.84 -24.09 17.10
CA MET A 348 -40.21 -23.21 15.99
C MET A 348 -39.33 -23.53 14.80
N ILE A 349 -39.94 -24.04 13.72
CA ILE A 349 -39.21 -24.44 12.54
C ILE A 349 -39.77 -23.84 11.25
N ASP A 350 -40.90 -23.15 11.31
CA ASP A 350 -41.50 -22.54 10.14
C ASP A 350 -41.11 -21.08 9.98
N GLY A 351 -40.29 -20.55 10.87
CA GLY A 351 -39.89 -19.16 10.78
C GLY A 351 -38.89 -18.82 11.86
N TRP A 352 -38.66 -17.52 12.04
CA TRP A 352 -37.73 -17.02 13.04
C TRP A 352 -38.41 -16.40 14.24
N TYR A 353 -39.63 -15.88 14.06
CA TYR A 353 -40.39 -15.23 15.12
C TYR A 353 -41.83 -15.72 15.09
N GLY A 354 -42.50 -15.60 16.23
CA GLY A 354 -43.87 -16.06 16.31
C GLY A 354 -44.43 -15.89 17.71
N PHE A 355 -45.62 -16.44 17.91
CA PHE A 355 -46.39 -16.26 19.13
C PHE A 355 -46.71 -17.61 19.75
N ARG A 356 -46.79 -17.63 21.08
CA ARG A 356 -47.28 -18.78 21.83
C ARG A 356 -48.37 -18.30 22.78
N HIS A 357 -49.56 -18.89 22.69
CA HIS A 357 -50.69 -18.47 23.50
C HIS A 357 -51.25 -19.64 24.29
N GLN A 358 -51.44 -19.44 25.58
CA GLN A 358 -52.06 -20.42 26.46
C GLN A 358 -53.48 -19.95 26.77
N ASN A 359 -54.46 -20.66 26.22
CA ASN A 359 -55.87 -20.29 26.34
C ASN A 359 -56.62 -21.42 27.05
N SER A 360 -57.90 -21.17 27.33
CA SER A 360 -58.75 -22.20 27.93
C SER A 360 -58.90 -23.39 26.99
N GLU A 361 -59.04 -23.13 25.69
CA GLU A 361 -59.13 -24.21 24.72
C GLU A 361 -57.85 -25.03 24.68
N GLY A 362 -56.71 -24.38 24.75
CA GLY A 362 -55.44 -25.08 24.74
C GLY A 362 -54.34 -24.17 24.22
N THR A 363 -53.12 -24.69 24.25
CA THR A 363 -51.97 -23.94 23.78
C THR A 363 -51.95 -23.91 22.26
N GLY A 364 -51.29 -22.87 21.72
CA GLY A 364 -51.16 -22.70 20.29
C GLY A 364 -49.84 -22.07 19.93
N GLN A 365 -49.56 -22.06 18.63
CA GLN A 365 -48.28 -21.55 18.13
C GLN A 365 -48.41 -21.19 16.66
N ALA A 366 -47.83 -20.06 16.29
CA ALA A 366 -47.81 -19.61 14.90
C ALA A 366 -46.52 -18.82 14.68
N ALA A 367 -46.21 -18.58 13.40
CA ALA A 367 -44.98 -17.89 13.02
C ALA A 367 -45.32 -16.60 12.29
N ASP A 368 -44.47 -15.60 12.46
CA ASP A 368 -44.61 -14.31 11.81
C ASP A 368 -43.86 -14.33 10.48
N LEU A 369 -44.34 -13.53 9.53
CA LEU A 369 -43.76 -13.50 8.19
C LEU A 369 -43.05 -12.20 7.87
N LYS A 370 -43.62 -11.06 8.27
CA LYS A 370 -43.00 -9.77 7.93
C LYS A 370 -41.64 -9.62 8.58
N SER A 371 -41.54 -9.92 9.88
CA SER A 371 -40.26 -9.76 10.57
C SER A 371 -39.22 -10.73 10.05
N THR A 372 -39.60 -11.99 9.83
CA THR A 372 -38.66 -12.98 9.30
C THR A 372 -38.20 -12.58 7.90
N GLN A 373 -39.12 -12.10 7.07
CA GLN A 373 -38.74 -11.67 5.72
C GLN A 373 -37.80 -10.46 5.77
N ALA A 374 -38.05 -9.52 6.68
CA ALA A 374 -37.16 -8.38 6.82
C ALA A 374 -35.77 -8.82 7.26
N ALA A 375 -35.69 -9.73 8.22
CA ALA A 375 -34.39 -10.24 8.67
C ALA A 375 -33.65 -10.95 7.54
N ILE A 376 -34.35 -11.79 6.78
CA ILE A 376 -33.71 -12.51 5.68
C ILE A 376 -33.26 -11.53 4.60
N ASP A 377 -34.07 -10.51 4.32
CA ASP A 377 -33.71 -9.51 3.32
C ASP A 377 -32.45 -8.76 3.74
N GLN A 378 -32.39 -8.32 5.00
CA GLN A 378 -31.24 -7.54 5.44
C GLN A 378 -30.00 -8.40 5.62
N ILE A 379 -30.17 -9.70 5.82
CA ILE A 379 -29.01 -10.58 5.97
C ILE A 379 -28.50 -11.04 4.61
N ASN A 380 -29.41 -11.39 3.70
CA ASN A 380 -28.99 -11.86 2.38
C ASN A 380 -28.32 -10.74 1.61
N GLY A 381 -27.20 -11.06 0.96
CA GLY A 381 -26.52 -10.10 0.12
C GLY A 381 -25.48 -9.24 0.80
N LYS A 382 -25.15 -9.53 2.06
CA LYS A 382 -24.12 -8.77 2.76
C LYS A 382 -22.74 -9.20 2.26
N LEU A 383 -21.77 -8.31 2.44
CA LEU A 383 -20.44 -8.32 1.83
C LEU A 383 -20.47 -7.95 0.36
N ASN A 384 -21.64 -7.77 -0.24
CA ASN A 384 -21.71 -7.34 -1.62
C ASN A 384 -21.90 -5.84 -1.76
N ARG A 385 -22.38 -5.17 -0.71
CA ARG A 385 -22.54 -3.71 -0.75
C ARG A 385 -21.20 -2.99 -0.61
N VAL A 386 -20.21 -3.62 0.01
CA VAL A 386 -18.95 -2.96 0.35
C VAL A 386 -17.81 -3.41 -0.55
N ILE A 387 -17.55 -4.71 -0.63
CA ILE A 387 -16.44 -5.22 -1.42
C ILE A 387 -16.97 -5.69 -2.76
N GLU A 388 -16.08 -5.70 -3.76
CA GLU A 388 -16.45 -6.12 -5.10
C GLU A 388 -16.55 -7.64 -5.16
N LYS A 389 -17.04 -8.13 -6.30
CA LYS A 389 -17.16 -9.58 -6.50
C LYS A 389 -15.77 -10.21 -6.58
N THR A 390 -15.02 -9.87 -7.62
CA THR A 390 -13.66 -10.37 -7.82
C THR A 390 -12.87 -9.33 -8.60
N ASN A 391 -11.55 -9.46 -8.57
CA ASN A 391 -10.65 -8.62 -9.34
C ASN A 391 -9.81 -9.48 -10.26
N GLU A 392 -9.74 -9.09 -11.54
CA GLU A 392 -8.99 -9.82 -12.53
C GLU A 392 -7.58 -9.24 -12.64
N LYS A 393 -6.58 -10.03 -12.28
CA LYS A 393 -5.18 -9.65 -12.38
C LYS A 393 -4.45 -10.70 -13.19
N PHE A 394 -3.65 -10.26 -14.17
CA PHE A 394 -3.00 -11.16 -15.11
C PHE A 394 -1.48 -11.15 -14.97
N HIS A 395 -0.84 -9.99 -15.11
CA HIS A 395 0.60 -9.87 -15.02
C HIS A 395 0.95 -9.00 -13.82
N GLN A 396 1.90 -9.46 -13.01
CA GLN A 396 2.29 -8.77 -11.79
C GLN A 396 3.80 -8.87 -11.65
N ILE A 397 4.30 -8.56 -10.46
CA ILE A 397 5.72 -8.69 -10.15
C ILE A 397 6.00 -10.13 -9.75
N GLU A 398 7.29 -10.49 -9.69
CA GLU A 398 7.69 -11.78 -9.14
C GLU A 398 7.75 -11.71 -7.63
N LYS A 399 7.38 -12.82 -6.98
CA LYS A 399 7.21 -12.85 -5.54
C LYS A 399 8.04 -13.92 -4.84
N GLU A 400 8.66 -14.84 -5.58
CA GLU A 400 9.58 -15.81 -5.02
C GLU A 400 10.88 -15.78 -5.82
N PHE A 401 12.00 -15.86 -5.12
CA PHE A 401 13.30 -15.70 -5.73
C PHE A 401 14.22 -16.83 -5.28
N SER A 402 15.16 -17.19 -6.16
CA SER A 402 16.09 -18.28 -5.90
C SER A 402 17.49 -17.80 -5.56
N GLU A 403 17.84 -16.56 -5.90
CA GLU A 403 19.16 -16.02 -5.65
C GLU A 403 19.05 -14.64 -5.01
N VAL A 404 20.00 -14.33 -4.14
CA VAL A 404 20.04 -13.04 -3.46
C VAL A 404 20.63 -12.00 -4.41
N GLU A 405 19.95 -10.87 -4.54
CA GLU A 405 20.33 -9.82 -5.47
C GLU A 405 20.65 -8.50 -4.81
N GLY A 406 19.85 -8.08 -3.82
CA GLY A 406 20.11 -6.82 -3.17
C GLY A 406 18.93 -5.86 -3.10
N ARG A 407 19.05 -4.72 -3.78
CA ARG A 407 18.11 -3.62 -3.58
C ARG A 407 16.73 -3.95 -4.12
N ILE A 408 16.64 -4.44 -5.37
CA ILE A 408 15.35 -4.58 -6.02
C ILE A 408 14.54 -5.70 -5.38
N GLN A 409 15.19 -6.80 -5.01
CA GLN A 409 14.50 -7.89 -4.35
C GLN A 409 13.94 -7.44 -3.00
N ASP A 410 14.72 -6.64 -2.26
CA ASP A 410 14.23 -6.09 -1.01
C ASP A 410 13.01 -5.20 -1.22
N LEU A 411 13.06 -4.34 -2.24
CA LEU A 411 11.92 -3.46 -2.51
C LEU A 411 10.67 -4.26 -2.84
N GLU A 412 10.81 -5.30 -3.67
CA GLU A 412 9.65 -6.10 -4.05
C GLU A 412 9.07 -6.84 -2.85
N LYS A 413 9.93 -7.41 -2.01
CA LYS A 413 9.45 -8.09 -0.82
C LYS A 413 8.73 -7.11 0.11
N TYR A 414 9.27 -5.91 0.27
CA TYR A 414 8.62 -4.90 1.10
C TYR A 414 7.24 -4.56 0.58
N VAL A 415 7.11 -4.36 -0.74
CA VAL A 415 5.83 -4.00 -1.31
C VAL A 415 4.80 -5.10 -1.07
N GLU A 416 5.19 -6.35 -1.33
CA GLU A 416 4.24 -7.45 -1.15
C GLU A 416 3.83 -7.59 0.32
N ASP A 417 4.78 -7.46 1.24
CA ASP A 417 4.45 -7.56 2.66
C ASP A 417 3.46 -6.49 3.07
N THR A 418 3.68 -5.25 2.62
CA THR A 418 2.77 -4.16 2.95
C THR A 418 1.37 -4.44 2.44
N LYS A 419 1.26 -4.89 1.18
CA LYS A 419 -0.05 -5.16 0.61
C LYS A 419 -0.79 -6.24 1.38
N VAL A 420 -0.08 -7.33 1.71
CA VAL A 420 -0.72 -8.44 2.41
C VAL A 420 -1.21 -8.00 3.79
N ASP A 421 -0.37 -7.25 4.51
CA ASP A 421 -0.77 -6.82 5.86
C ASP A 421 -2.00 -5.93 5.80
N LEU A 422 -2.02 -4.97 4.88
CA LEU A 422 -3.16 -4.06 4.80
C LEU A 422 -4.45 -4.81 4.46
N TRP A 423 -4.38 -5.75 3.51
CA TRP A 423 -5.60 -6.46 3.14
C TRP A 423 -6.09 -7.38 4.26
N SER A 424 -5.17 -8.00 5.00
CA SER A 424 -5.59 -8.81 6.14
C SER A 424 -6.30 -7.97 7.18
N TYR A 425 -5.77 -6.78 7.48
CA TYR A 425 -6.44 -5.89 8.43
C TYR A 425 -7.83 -5.51 7.93
N ASN A 426 -7.95 -5.19 6.64
CA ASN A 426 -9.26 -4.81 6.09
C ASN A 426 -10.26 -5.94 6.25
N ALA A 427 -9.85 -7.17 5.93
CA ALA A 427 -10.75 -8.32 6.04
C ALA A 427 -11.23 -8.51 7.48
N GLU A 428 -10.30 -8.46 8.44
CA GLU A 428 -10.68 -8.66 9.83
C GLU A 428 -11.69 -7.61 10.29
N LEU A 429 -11.39 -6.33 10.00
CA LEU A 429 -12.30 -5.27 10.44
C LEU A 429 -13.67 -5.40 9.81
N LEU A 430 -13.72 -5.70 8.51
CA LEU A 430 -15.01 -5.82 7.84
C LEU A 430 -15.84 -6.94 8.43
N VAL A 431 -15.22 -8.11 8.67
CA VAL A 431 -15.97 -9.23 9.22
C VAL A 431 -16.54 -8.88 10.59
N ALA A 432 -15.71 -8.25 11.44
CA ALA A 432 -16.20 -7.88 12.77
C ALA A 432 -17.37 -6.91 12.69
N LEU A 433 -17.26 -5.90 11.82
CA LEU A 433 -18.32 -4.90 11.69
C LEU A 433 -19.63 -5.54 11.26
N GLU A 434 -19.59 -6.43 10.26
CA GLU A 434 -20.83 -6.99 9.75
C GLU A 434 -21.44 -7.98 10.74
N ASN A 435 -20.61 -8.71 11.50
CA ASN A 435 -21.17 -9.53 12.56
C ASN A 435 -21.90 -8.69 13.60
N GLN A 436 -21.30 -7.58 14.01
CA GLN A 436 -21.94 -6.69 14.98
C GLN A 436 -23.29 -6.19 14.45
N HIS A 437 -23.31 -5.75 13.20
CA HIS A 437 -24.55 -5.19 12.67
C HIS A 437 -25.62 -6.26 12.47
N THR A 438 -25.24 -7.49 12.12
CA THR A 438 -26.23 -8.55 12.01
C THR A 438 -26.89 -8.82 13.36
N ILE A 439 -26.07 -8.94 14.42
CA ILE A 439 -26.65 -9.17 15.75
C ILE A 439 -27.58 -8.03 16.13
N ASP A 440 -27.14 -6.79 15.91
CA ASP A 440 -27.94 -5.64 16.31
C ASP A 440 -29.27 -5.60 15.56
N LEU A 441 -29.24 -5.86 14.25
CA LEU A 441 -30.48 -5.78 13.46
C LEU A 441 -31.46 -6.87 13.87
N THR A 442 -30.97 -8.08 14.15
CA THR A 442 -31.88 -9.13 14.59
C THR A 442 -32.54 -8.77 15.92
N ASP A 443 -31.75 -8.29 16.88
CA ASP A 443 -32.33 -7.93 18.17
C ASP A 443 -33.33 -6.79 18.03
N SER A 444 -33.01 -5.80 17.19
CA SER A 444 -33.93 -4.69 16.97
C SER A 444 -35.23 -5.16 16.33
N GLU A 445 -35.16 -6.11 15.40
CA GLU A 445 -36.38 -6.64 14.80
C GLU A 445 -37.26 -7.32 15.83
N MET A 446 -36.65 -8.13 16.71
CA MET A 446 -37.44 -8.78 17.75
C MET A 446 -38.10 -7.74 18.67
N ASN A 447 -37.34 -6.73 19.08
CA ASN A 447 -37.90 -5.70 19.95
C ASN A 447 -39.02 -4.94 19.26
N LYS A 448 -38.87 -4.68 17.96
CA LYS A 448 -39.91 -3.99 17.21
C LYS A 448 -41.19 -4.81 17.15
N LEU A 449 -41.07 -6.12 16.93
CA LEU A 449 -42.27 -6.96 16.93
C LEU A 449 -42.97 -6.93 18.28
N PHE A 450 -42.21 -7.05 19.37
CA PHE A 450 -42.82 -7.01 20.69
C PHE A 450 -43.50 -5.67 20.94
N GLU A 451 -42.85 -4.57 20.54
CA GLU A 451 -43.42 -3.25 20.75
C GLU A 451 -44.70 -3.06 19.94
N LYS A 452 -44.73 -3.57 18.71
CA LYS A 452 -45.95 -3.47 17.91
C LYS A 452 -47.09 -4.27 18.54
N THR A 453 -46.79 -5.47 19.03
CA THR A 453 -47.83 -6.26 19.70
C THR A 453 -48.36 -5.53 20.92
N ARG A 454 -47.47 -4.90 21.70
CA ARG A 454 -47.92 -4.09 22.83
C ARG A 454 -48.79 -2.93 22.36
N ARG A 455 -48.38 -2.27 21.28
CA ARG A 455 -49.11 -1.11 20.78
C ARG A 455 -50.52 -1.48 20.33
N GLN A 456 -50.69 -2.68 19.78
CA GLN A 456 -52.04 -3.14 19.44
C GLN A 456 -52.92 -3.22 20.68
N LEU A 457 -52.46 -3.91 21.71
CA LEU A 457 -53.23 -4.11 22.94
C LEU A 457 -53.17 -2.83 23.76
N ARG A 458 -54.19 -1.99 23.63
CA ARG A 458 -54.15 -0.65 24.23
C ARG A 458 -54.19 -0.73 25.75
N GLU A 459 -55.29 -1.25 26.31
CA GLU A 459 -55.45 -1.33 27.74
C GLU A 459 -55.94 -2.70 28.22
N ASN A 460 -56.12 -3.65 27.31
CA ASN A 460 -56.62 -4.97 27.67
C ASN A 460 -55.52 -5.94 28.06
N ALA A 461 -54.27 -5.52 28.04
CA ALA A 461 -53.14 -6.41 28.28
C ALA A 461 -52.19 -5.78 29.28
N GLU A 462 -51.26 -6.60 29.76
CA GLU A 462 -50.28 -6.20 30.76
C GLU A 462 -48.98 -6.94 30.51
N ASP A 463 -47.86 -6.24 30.61
CA ASP A 463 -46.55 -6.84 30.40
C ASP A 463 -46.19 -7.69 31.62
N MET A 464 -46.03 -9.00 31.41
CA MET A 464 -45.75 -9.90 32.51
C MET A 464 -44.30 -9.83 33.00
N GLY A 465 -43.40 -9.27 32.20
CA GLY A 465 -42.02 -9.12 32.62
C GLY A 465 -41.05 -10.13 32.05
N ASN A 466 -41.53 -11.17 31.36
CA ASN A 466 -40.68 -12.18 30.75
C ASN A 466 -40.88 -12.25 29.25
N GLY A 467 -41.40 -11.18 28.66
CA GLY A 467 -41.70 -11.18 27.25
C GLY A 467 -43.07 -11.70 26.89
N CYS A 468 -43.99 -11.73 27.85
CA CYS A 468 -45.33 -12.25 27.64
C CYS A 468 -46.36 -11.22 28.04
N PHE A 469 -47.56 -11.37 27.46
CA PHE A 469 -48.70 -10.52 27.77
C PHE A 469 -49.79 -11.38 28.41
N LYS A 470 -50.47 -10.84 29.41
CA LYS A 470 -51.54 -11.56 30.10
C LYS A 470 -52.83 -10.77 29.86
N ILE A 471 -53.73 -11.35 29.07
CA ILE A 471 -54.93 -10.67 28.59
C ILE A 471 -56.05 -10.86 29.60
N TYR A 472 -56.74 -9.77 29.93
CA TYR A 472 -57.76 -9.77 30.98
C TYR A 472 -59.17 -10.02 30.47
N HIS A 473 -59.35 -10.23 29.17
CA HIS A 473 -60.67 -10.50 28.61
C HIS A 473 -60.67 -11.87 27.93
N LYS A 474 -61.84 -12.29 27.49
CA LYS A 474 -62.00 -13.59 26.82
C LYS A 474 -61.47 -13.46 25.40
N CYS A 475 -60.33 -14.10 25.15
CA CYS A 475 -59.64 -14.04 23.86
C CYS A 475 -59.50 -15.46 23.34
N ASP A 476 -60.47 -15.91 22.54
CA ASP A 476 -60.43 -17.26 22.00
C ASP A 476 -59.51 -17.29 20.77
N ASN A 477 -59.53 -18.40 20.03
CA ASN A 477 -58.59 -18.58 18.93
C ASN A 477 -58.79 -17.52 17.85
N ALA A 478 -60.04 -17.16 17.56
CA ALA A 478 -60.29 -16.09 16.61
C ALA A 478 -59.70 -14.77 17.09
N CYS A 479 -59.77 -14.52 18.40
CA CYS A 479 -59.19 -13.29 18.94
C CYS A 479 -57.66 -13.30 18.84
N ILE A 480 -57.04 -14.45 19.09
CA ILE A 480 -55.60 -14.58 18.87
C ILE A 480 -55.25 -14.29 17.41
N GLU A 481 -56.01 -14.87 16.49
CA GLU A 481 -55.74 -14.64 15.07
C GLU A 481 -55.93 -13.17 14.71
N SER A 482 -56.96 -12.51 15.27
CA SER A 482 -57.16 -11.10 15.01
C SER A 482 -56.00 -10.27 15.52
N ILE A 483 -55.44 -10.63 16.67
CA ILE A 483 -54.24 -9.98 17.16
C ILE A 483 -53.08 -10.19 16.20
N ARG A 484 -52.94 -11.42 15.68
CA ARG A 484 -51.81 -11.73 14.82
C ARG A 484 -51.89 -10.99 13.48
N ASN A 485 -53.07 -10.90 12.88
CA ASN A 485 -53.17 -10.22 11.59
C ASN A 485 -53.11 -8.71 11.70
N GLY A 486 -53.53 -8.16 12.85
CA GLY A 486 -53.54 -6.72 13.04
C GLY A 486 -54.90 -6.07 13.03
N THR A 487 -55.97 -6.83 13.27
CA THR A 487 -57.33 -6.29 13.28
C THR A 487 -57.97 -6.36 14.66
N TYR A 488 -57.17 -6.55 15.72
CA TYR A 488 -57.72 -6.60 17.06
C TYR A 488 -58.35 -5.27 17.43
N ASP A 489 -59.56 -5.32 17.99
CA ASP A 489 -60.32 -4.14 18.38
C ASP A 489 -60.40 -4.08 19.90
N HIS A 490 -59.68 -3.12 20.50
CA HIS A 490 -59.65 -3.00 21.94
C HIS A 490 -60.97 -2.47 22.50
N ASP A 491 -61.69 -1.67 21.71
CA ASP A 491 -62.92 -1.04 22.21
C ASP A 491 -63.98 -2.08 22.56
N ILE A 492 -64.00 -3.20 21.83
CA ILE A 492 -65.02 -4.22 22.08
C ILE A 492 -64.89 -4.79 23.49
N TYR A 493 -63.68 -5.18 23.88
CA TYR A 493 -63.44 -5.81 25.17
C TYR A 493 -62.90 -4.85 26.22
N ARG A 494 -62.93 -3.54 25.93
CA ARG A 494 -62.35 -2.57 26.85
C ARG A 494 -63.04 -2.59 28.20
N ASP A 495 -64.36 -2.54 28.21
CA ASP A 495 -65.10 -2.49 29.47
C ASP A 495 -64.90 -3.77 30.28
N GLU A 496 -64.96 -4.92 29.62
CA GLU A 496 -64.75 -6.19 30.31
C GLU A 496 -63.34 -6.27 30.89
N ALA A 497 -62.34 -5.83 30.12
CA ALA A 497 -60.97 -5.86 30.61
C ALA A 497 -60.79 -4.92 31.80
N LEU A 498 -61.40 -3.74 31.74
CA LEU A 498 -61.31 -2.81 32.87
C LEU A 498 -61.98 -3.38 34.11
N ASN A 499 -63.13 -4.02 33.95
CA ASN A 499 -63.81 -4.62 35.09
C ASN A 499 -62.98 -5.75 35.69
N ASN A 500 -62.37 -6.57 34.84
CA ASN A 500 -61.55 -7.68 35.34
C ASN A 500 -60.29 -7.17 36.03
N ARG A 501 -59.65 -6.14 35.45
CA ARG A 501 -58.36 -5.69 35.95
C ARG A 501 -58.49 -5.01 37.31
N PHE A 502 -59.43 -4.09 37.44
CA PHE A 502 -59.59 -3.32 38.66
C PHE A 502 -60.82 -3.75 39.43
N THR B 12 -45.64 7.78 50.50
CA THR B 12 -45.11 7.11 49.32
C THR B 12 -43.58 7.05 49.37
N ALA B 13 -42.96 6.64 48.27
CA ALA B 13 -41.52 6.52 48.20
C ALA B 13 -41.06 6.87 46.79
N THR B 14 -39.78 7.23 46.68
CA THR B 14 -39.18 7.59 45.41
C THR B 14 -37.91 6.77 45.18
N LEU B 15 -37.80 6.19 43.99
CA LEU B 15 -36.63 5.42 43.60
C LEU B 15 -36.05 6.00 42.32
N CYS B 16 -34.75 6.25 42.31
CA CYS B 16 -34.08 6.88 41.18
C CYS B 16 -32.88 6.04 40.75
N LEU B 17 -32.50 6.20 39.48
CA LEU B 17 -31.35 5.51 38.91
C LEU B 17 -30.41 6.54 38.30
N GLY B 18 -29.12 6.27 38.37
CA GLY B 18 -28.13 7.22 37.87
C GLY B 18 -26.79 6.56 37.66
N HIS B 19 -25.83 7.38 37.22
CA HIS B 19 -24.49 6.92 36.90
C HIS B 19 -23.47 7.86 37.49
N HIS B 20 -22.25 7.35 37.70
CA HIS B 20 -21.21 8.12 38.36
C HIS B 20 -20.64 9.19 37.42
N SER B 21 -19.95 10.15 38.01
CA SER B 21 -19.30 11.22 37.26
C SER B 21 -18.04 11.62 37.99
N VAL B 22 -17.17 12.35 37.29
CA VAL B 22 -15.86 12.70 37.83
C VAL B 22 -15.62 14.20 37.65
N PRO B 23 -14.81 14.84 38.49
CA PRO B 23 -14.54 16.27 38.31
C PRO B 23 -13.58 16.57 37.18
N ASN B 24 -12.78 15.61 36.74
CA ASN B 24 -11.78 15.80 35.70
C ASN B 24 -12.10 14.89 34.52
N GLY B 25 -12.67 15.46 33.46
CA GLY B 25 -13.04 14.70 32.29
C GLY B 25 -12.03 14.83 31.16
N THR B 26 -12.12 13.89 30.22
CA THR B 26 -11.25 13.82 29.07
C THR B 26 -12.09 13.94 27.80
N ILE B 27 -11.57 14.67 26.81
CA ILE B 27 -12.27 14.95 25.58
C ILE B 27 -11.77 14.00 24.49
N VAL B 28 -12.67 13.22 23.92
CA VAL B 28 -12.37 12.31 22.83
C VAL B 28 -13.29 12.63 21.66
N LYS B 29 -13.01 12.04 20.52
CA LYS B 29 -13.80 12.26 19.31
C LYS B 29 -14.38 10.93 18.82
N THR B 30 -15.63 10.99 18.38
CA THR B 30 -16.37 9.83 17.89
C THR B 30 -16.81 10.09 16.45
N ILE B 31 -17.64 9.20 15.92
CA ILE B 31 -18.13 9.34 14.55
C ILE B 31 -19.06 10.55 14.44
N THR B 32 -19.98 10.69 15.38
CA THR B 32 -20.99 11.74 15.31
C THR B 32 -20.68 12.95 16.17
N ASP B 33 -19.65 12.89 17.01
CA ASP B 33 -19.25 14.03 17.84
C ASP B 33 -17.78 14.31 17.61
N ASP B 34 -17.45 15.58 17.36
CA ASP B 34 -16.06 15.99 17.28
C ASP B 34 -15.44 16.14 18.66
N GLN B 35 -16.23 16.59 19.64
CA GLN B 35 -15.79 16.75 21.01
C GLN B 35 -16.84 16.18 21.95
N ILE B 36 -16.42 15.37 22.90
CA ILE B 36 -17.31 14.80 23.91
C ILE B 36 -16.47 14.38 25.11
N GLU B 37 -16.96 14.68 26.30
CA GLU B 37 -16.22 14.44 27.53
C GLU B 37 -16.60 13.09 28.13
N VAL B 38 -15.59 12.32 28.52
CA VAL B 38 -15.79 11.02 29.13
C VAL B 38 -15.09 10.99 30.48
N THR B 39 -15.40 9.97 31.28
CA THR B 39 -14.85 9.89 32.62
C THR B 39 -13.41 9.39 32.64
N ASN B 40 -12.94 8.78 31.56
CA ASN B 40 -11.61 8.18 31.56
C ASN B 40 -11.22 7.84 30.13
N ALA B 41 -9.94 8.03 29.80
CA ALA B 41 -9.42 7.68 28.48
C ALA B 41 -7.96 7.30 28.62
N THR B 42 -7.46 6.59 27.61
CA THR B 42 -6.07 6.13 27.60
C THR B 42 -5.41 6.52 26.29
N GLU B 43 -4.10 6.76 26.35
CA GLU B 43 -3.34 7.19 25.20
C GLU B 43 -2.88 5.99 24.37
N LEU B 44 -2.96 6.13 23.05
CA LEU B 44 -2.66 5.03 22.14
C LEU B 44 -1.42 5.25 21.28
N VAL B 45 -0.79 6.42 21.35
CA VAL B 45 0.37 6.73 20.52
C VAL B 45 1.57 6.99 21.44
N GLN B 46 2.67 6.29 21.17
CA GLN B 46 3.91 6.47 21.91
C GLN B 46 4.75 7.51 21.18
N ASN B 47 5.02 8.63 21.84
CA ASN B 47 5.63 9.78 21.19
C ASN B 47 6.92 10.24 21.88
N SER B 48 7.60 9.33 22.57
CA SER B 48 8.83 9.71 23.26
C SER B 48 9.72 8.48 23.41
N SER B 49 10.99 8.74 23.73
CA SER B 49 11.97 7.69 23.94
C SER B 49 12.99 8.16 24.97
N THR B 50 13.67 7.19 25.58
CA THR B 50 14.70 7.51 26.57
C THR B 50 15.99 8.03 25.94
N GLY B 51 16.21 7.76 24.66
CA GLY B 51 17.43 8.17 24.01
C GLY B 51 18.60 7.23 24.18
N LYS B 52 18.37 6.02 24.71
CA LYS B 52 19.40 5.03 24.89
C LYS B 52 18.99 3.73 24.22
N ILE B 53 19.96 3.03 23.66
CA ILE B 53 19.73 1.74 23.00
C ILE B 53 20.01 0.64 24.01
N CYS B 54 19.06 -0.27 24.17
CA CYS B 54 19.20 -1.37 25.11
C CYS B 54 19.95 -2.53 24.47
N ASN B 55 20.76 -3.22 25.26
CA ASN B 55 21.59 -4.31 24.77
C ASN B 55 20.96 -5.68 24.95
N ASN B 56 19.72 -5.76 25.43
CA ASN B 56 19.01 -7.02 25.58
C ASN B 56 17.59 -6.85 25.08
N PRO B 57 16.97 -7.90 24.54
CA PRO B 57 17.50 -9.26 24.34
C PRO B 57 18.26 -9.42 23.04
N HIS B 58 18.28 -8.40 22.19
CA HIS B 58 18.98 -8.47 20.92
C HIS B 58 20.48 -8.31 21.14
N LYS B 59 21.26 -8.77 20.17
CA LYS B 59 22.71 -8.61 20.18
C LYS B 59 23.06 -7.41 19.31
N VAL B 60 23.51 -6.33 19.94
CA VAL B 60 23.81 -5.08 19.27
C VAL B 60 25.32 -4.90 19.26
N LEU B 61 25.88 -4.64 18.08
CA LEU B 61 27.32 -4.43 17.91
C LEU B 61 27.56 -2.99 17.50
N ASP B 62 28.22 -2.23 18.37
CA ASP B 62 28.57 -0.85 18.08
C ASP B 62 29.64 -0.82 17.00
N GLY B 63 29.40 -0.05 15.94
CA GLY B 63 30.38 0.07 14.87
C GLY B 63 31.55 0.97 15.19
N ARG B 64 31.40 1.87 16.16
CA ARG B 64 32.44 2.82 16.56
C ARG B 64 32.82 3.64 15.34
N ASP B 65 34.08 3.63 14.89
CA ASP B 65 34.51 4.41 13.74
C ASP B 65 34.80 3.52 12.53
N CYS B 66 34.00 2.49 12.34
CA CYS B 66 34.14 1.58 11.22
C CYS B 66 32.78 1.34 10.57
N THR B 67 32.76 1.36 9.25
CA THR B 67 31.56 0.93 8.52
C THR B 67 31.60 -0.58 8.35
N LEU B 68 30.46 -1.14 7.91
CA LEU B 68 30.38 -2.58 7.76
C LEU B 68 31.25 -3.06 6.60
N ILE B 69 31.31 -2.29 5.51
CA ILE B 69 32.14 -2.68 4.38
C ILE B 69 33.62 -2.62 4.75
N ASP B 70 34.03 -1.58 5.49
CA ASP B 70 35.42 -1.47 5.88
C ASP B 70 35.80 -2.54 6.89
N ALA B 71 34.85 -2.97 7.73
CA ALA B 71 35.11 -4.07 8.64
C ALA B 71 35.21 -5.39 7.88
N MET B 72 34.39 -5.56 6.84
CA MET B 72 34.47 -6.77 6.03
C MET B 72 35.79 -6.85 5.27
N LEU B 73 36.22 -5.74 4.68
CA LEU B 73 37.41 -5.77 3.83
C LEU B 73 38.69 -5.98 4.62
N GLY B 74 38.76 -5.45 5.84
CA GLY B 74 39.96 -5.63 6.64
C GLY B 74 40.80 -4.38 6.78
N ASP B 75 40.14 -3.23 6.95
CA ASP B 75 40.86 -2.00 7.22
C ASP B 75 41.69 -2.16 8.49
N PRO B 76 42.93 -1.67 8.51
CA PRO B 76 43.79 -1.91 9.69
C PRO B 76 43.19 -1.43 11.00
N HIS B 77 42.48 -0.31 11.01
CA HIS B 77 41.87 0.18 12.24
C HIS B 77 40.54 -0.50 12.53
N CYS B 78 40.08 -1.39 11.65
CA CYS B 78 38.87 -2.18 11.86
C CYS B 78 39.17 -3.65 12.09
N ASP B 79 40.39 -3.98 12.54
CA ASP B 79 40.77 -5.38 12.69
C ASP B 79 40.23 -6.01 13.95
N VAL B 80 39.62 -5.23 14.86
CA VAL B 80 38.97 -5.81 16.02
C VAL B 80 37.62 -6.40 15.68
N PHE B 81 37.13 -6.18 14.45
CA PHE B 81 35.84 -6.68 13.99
C PHE B 81 35.98 -7.96 13.19
N GLN B 82 36.96 -8.81 13.53
CA GLN B 82 37.19 -10.03 12.78
C GLN B 82 36.37 -11.17 13.37
N ASP B 83 35.68 -11.90 12.48
CA ASP B 83 34.85 -13.06 12.87
C ASP B 83 33.79 -12.66 13.89
N GLU B 84 33.18 -11.49 13.69
CA GLU B 84 32.16 -11.00 14.59
C GLU B 84 30.77 -11.48 14.16
N LYS B 85 29.81 -11.32 15.06
CA LYS B 85 28.42 -11.64 14.78
C LYS B 85 27.55 -10.61 15.48
N TRP B 86 26.32 -10.46 14.97
CA TRP B 86 25.43 -9.43 15.48
C TRP B 86 24.00 -9.74 15.08
N ASP B 87 23.06 -9.12 15.80
CA ASP B 87 21.67 -9.02 15.37
C ASP B 87 21.38 -7.68 14.71
N LEU B 88 21.89 -6.60 15.28
CA LEU B 88 21.78 -5.26 14.70
C LEU B 88 23.14 -4.60 14.71
N PHE B 89 23.57 -4.11 13.55
CA PHE B 89 24.82 -3.38 13.42
C PHE B 89 24.51 -1.88 13.41
N VAL B 90 25.16 -1.14 14.30
CA VAL B 90 24.91 0.29 14.47
C VAL B 90 26.08 1.05 13.86
N GLU B 91 25.79 1.90 12.88
CA GLU B 91 26.80 2.67 12.18
C GLU B 91 26.75 4.11 12.66
N ARG B 92 27.86 4.60 13.18
CA ARG B 92 27.96 5.99 13.62
C ARG B 92 28.30 6.89 12.45
N SER B 93 27.99 8.17 12.61
CA SER B 93 28.27 9.15 11.57
C SER B 93 29.70 9.67 11.61
N SER B 94 30.48 9.30 12.63
CA SER B 94 31.88 9.71 12.74
C SER B 94 32.84 8.69 12.14
N ALA B 95 32.34 7.61 11.54
CA ALA B 95 33.20 6.61 10.95
C ALA B 95 33.96 7.18 9.76
N PHE B 96 35.13 6.60 9.50
CA PHE B 96 35.97 7.04 8.40
C PHE B 96 36.71 5.84 7.83
N SER B 97 37.47 6.09 6.77
CA SER B 97 38.30 5.09 6.11
C SER B 97 39.75 5.55 6.12
N ASN B 98 40.67 4.62 6.36
CA ASN B 98 42.08 4.95 6.49
C ASN B 98 42.94 3.91 5.77
N CYS B 99 42.56 3.58 4.54
CA CYS B 99 43.30 2.62 3.74
C CYS B 99 43.32 3.13 2.31
N TYR B 100 43.67 2.24 1.37
CA TYR B 100 43.76 2.64 -0.03
C TYR B 100 42.40 3.10 -0.54
N PRO B 101 42.34 4.20 -1.29
CA PRO B 101 41.05 4.68 -1.81
C PRO B 101 40.40 3.64 -2.72
N TYR B 102 39.08 3.53 -2.60
CA TYR B 102 38.34 2.50 -3.32
C TYR B 102 36.90 2.94 -3.49
N ASP B 103 36.19 2.23 -4.38
CA ASP B 103 34.77 2.44 -4.55
C ASP B 103 34.13 1.12 -4.95
N VAL B 104 32.90 0.91 -4.49
CA VAL B 104 32.17 -0.34 -4.71
C VAL B 104 31.01 -0.05 -5.66
N PRO B 105 31.06 -0.52 -6.90
CA PRO B 105 29.87 -0.48 -7.75
C PRO B 105 28.76 -1.33 -7.13
N ASP B 106 27.55 -0.80 -7.13
CA ASP B 106 26.40 -1.42 -6.47
C ASP B 106 26.69 -1.60 -4.97
N TYR B 107 27.00 -0.48 -4.32
CA TYR B 107 27.44 -0.49 -2.93
C TYR B 107 26.31 -0.90 -1.98
N ALA B 108 25.11 -0.37 -2.21
CA ALA B 108 24.00 -0.62 -1.31
C ALA B 108 23.60 -2.09 -1.30
N SER B 109 23.66 -2.75 -2.46
CA SER B 109 23.32 -4.17 -2.52
C SER B 109 24.29 -5.01 -1.70
N LEU B 110 25.59 -4.75 -1.82
CA LEU B 110 26.58 -5.48 -1.04
C LEU B 110 26.42 -5.21 0.45
N ARG B 111 26.17 -3.94 0.82
CA ARG B 111 25.96 -3.62 2.23
C ARG B 111 24.73 -4.35 2.77
N SER B 112 23.65 -4.38 2.00
CA SER B 112 22.45 -5.09 2.43
C SER B 112 22.70 -6.58 2.57
N LEU B 113 23.42 -7.18 1.62
CA LEU B 113 23.72 -8.60 1.68
C LEU B 113 24.53 -8.94 2.92
N ILE B 114 25.57 -8.16 3.20
CA ILE B 114 26.41 -8.45 4.37
C ILE B 114 25.62 -8.22 5.66
N ALA B 115 24.82 -7.17 5.72
CA ALA B 115 24.04 -6.89 6.93
C ALA B 115 23.02 -8.00 7.18
N SER B 116 22.35 -8.47 6.13
CA SER B 116 21.35 -9.51 6.29
C SER B 116 21.97 -10.86 6.61
N SER B 117 23.20 -11.10 6.15
CA SER B 117 23.85 -12.38 6.45
C SER B 117 24.01 -12.56 7.96
N GLY B 118 24.59 -11.58 8.64
CA GLY B 118 24.64 -11.58 10.09
C GLY B 118 25.90 -12.15 10.71
N THR B 119 26.97 -12.35 9.94
CA THR B 119 28.22 -12.85 10.50
C THR B 119 29.36 -12.45 9.58
N LEU B 120 30.57 -12.47 10.14
CA LEU B 120 31.80 -12.16 9.41
C LEU B 120 32.79 -13.31 9.49
N ASP B 121 32.30 -14.54 9.39
CA ASP B 121 33.17 -15.70 9.46
C ASP B 121 33.96 -15.85 8.17
N PHE B 122 35.28 -15.95 8.29
CA PHE B 122 36.18 -16.02 7.15
C PHE B 122 36.98 -17.31 7.21
N ILE B 123 37.07 -18.00 6.07
CA ILE B 123 37.85 -19.22 5.95
C ILE B 123 38.92 -18.98 4.91
N THR B 124 40.18 -19.19 5.28
CA THR B 124 41.30 -18.96 4.37
C THR B 124 41.53 -20.18 3.49
N GLU B 125 41.71 -19.94 2.19
CA GLU B 125 41.92 -21.00 1.22
C GLU B 125 43.31 -20.87 0.61
N SER B 126 43.73 -21.92 -0.07
CA SER B 126 45.07 -22.01 -0.64
C SER B 126 44.97 -21.76 -2.15
N PHE B 127 45.21 -20.52 -2.55
CA PHE B 127 45.29 -20.16 -3.95
C PHE B 127 46.75 -20.14 -4.38
N THR B 128 47.00 -20.68 -5.58
CA THR B 128 48.36 -20.78 -6.12
C THR B 128 48.49 -19.77 -7.25
N TRP B 129 49.31 -18.74 -7.03
CA TRP B 129 49.63 -17.75 -8.05
C TRP B 129 51.09 -17.92 -8.42
N ALA B 130 51.34 -18.34 -9.66
CA ALA B 130 52.68 -18.68 -10.11
C ALA B 130 53.22 -17.61 -11.04
N GLY B 131 54.46 -17.20 -10.81
CA GLY B 131 55.10 -16.19 -11.63
C GLY B 131 54.83 -14.76 -11.22
N VAL B 132 54.17 -14.54 -10.09
CA VAL B 132 53.86 -13.19 -9.62
C VAL B 132 54.28 -13.07 -8.16
N SER B 133 54.40 -11.83 -7.72
CA SER B 133 54.70 -11.52 -6.33
C SER B 133 53.43 -11.08 -5.60
N GLN B 134 53.34 -11.44 -4.33
CA GLN B 134 52.12 -11.25 -3.55
C GLN B 134 52.37 -10.28 -2.40
N ASN B 135 51.28 -9.95 -1.72
CA ASN B 135 51.30 -9.13 -0.50
C ASN B 135 51.86 -7.74 -0.77
N GLY B 136 51.25 -7.06 -1.73
CA GLY B 136 51.59 -5.67 -2.00
C GLY B 136 51.05 -4.74 -0.94
N GLY B 137 51.46 -3.48 -1.03
CA GLY B 137 51.05 -2.51 -0.04
C GLY B 137 51.04 -1.08 -0.54
N SER B 138 50.80 -0.14 0.36
CA SER B 138 50.78 1.27 0.02
C SER B 138 51.04 2.09 1.27
N SER B 139 51.45 3.34 1.07
CA SER B 139 51.62 4.27 2.18
C SER B 139 50.30 4.85 2.66
N ALA B 140 49.21 4.60 1.95
CA ALA B 140 47.88 5.04 2.38
C ALA B 140 47.24 4.08 3.36
N CYS B 141 47.79 2.87 3.53
CA CYS B 141 47.25 1.85 4.41
C CYS B 141 48.41 1.34 5.26
N LYS B 142 48.60 1.96 6.42
CA LYS B 142 49.77 1.70 7.25
C LYS B 142 49.38 0.78 8.41
N ARG B 143 50.02 -0.38 8.47
CA ARG B 143 49.91 -1.28 9.62
C ARG B 143 51.17 -1.07 10.47
N GLY B 144 51.11 -0.05 11.32
CA GLY B 144 52.26 0.36 12.09
C GLY B 144 53.25 1.12 11.25
N PRO B 145 54.55 0.96 11.56
CA PRO B 145 55.58 1.64 10.75
C PRO B 145 55.66 1.16 9.31
N ALA B 146 55.05 0.03 8.98
CA ALA B 146 55.20 -0.58 7.66
C ALA B 146 53.95 -0.37 6.81
N ASN B 147 54.16 -0.36 5.50
CA ASN B 147 53.07 -0.25 4.56
C ASN B 147 52.24 -1.54 4.56
N GLY B 148 50.93 -1.40 4.43
CA GLY B 148 50.05 -2.54 4.44
C GLY B 148 48.94 -2.46 3.42
N PHE B 149 47.89 -3.24 3.64
CA PHE B 149 46.76 -3.32 2.71
C PHE B 149 45.58 -3.94 3.46
N PHE B 150 44.48 -4.12 2.75
CA PHE B 150 43.35 -4.85 3.31
C PHE B 150 43.77 -6.28 3.62
N SER B 151 43.36 -6.76 4.80
CA SER B 151 43.81 -8.07 5.27
C SER B 151 43.10 -9.22 4.58
N ARG B 152 41.99 -8.98 3.88
CA ARG B 152 41.25 -10.03 3.19
C ARG B 152 41.50 -10.05 1.69
N LEU B 153 42.43 -9.24 1.20
CA LEU B 153 42.71 -9.14 -0.22
C LEU B 153 44.21 -9.25 -0.45
N ASN B 154 44.58 -9.61 -1.68
CA ASN B 154 45.97 -9.88 -2.04
C ASN B 154 46.30 -9.07 -3.29
N TRP B 155 47.26 -8.16 -3.17
CA TRP B 155 47.65 -7.28 -4.28
C TRP B 155 48.79 -7.96 -5.05
N LEU B 156 48.45 -8.59 -6.17
CA LEU B 156 49.43 -9.30 -6.98
C LEU B 156 50.13 -8.34 -7.93
N THR B 157 51.43 -8.53 -8.10
CA THR B 157 52.25 -7.67 -8.94
C THR B 157 53.19 -8.55 -9.75
N LYS B 158 53.93 -7.92 -10.67
CA LYS B 158 54.89 -8.64 -11.49
C LYS B 158 56.04 -9.17 -10.64
N SER B 159 56.66 -10.24 -11.13
CA SER B 159 57.86 -10.81 -10.53
C SER B 159 58.97 -10.75 -11.56
N GLY B 160 60.06 -10.08 -11.23
CA GLY B 160 61.12 -9.87 -12.19
C GLY B 160 60.69 -8.91 -13.28
N SER B 161 60.43 -9.42 -14.48
CA SER B 161 59.92 -8.59 -15.56
C SER B 161 58.83 -9.29 -16.35
N SER B 162 58.07 -10.20 -15.73
CA SER B 162 57.03 -10.96 -16.41
C SER B 162 55.80 -11.05 -15.53
N TYR B 163 54.63 -10.91 -16.15
CA TYR B 163 53.35 -11.12 -15.48
C TYR B 163 52.58 -12.15 -16.29
N PRO B 164 52.63 -13.42 -15.92
CA PRO B 164 51.99 -14.46 -16.74
C PRO B 164 50.48 -14.41 -16.61
N LEU B 165 49.82 -15.11 -17.53
CA LEU B 165 48.37 -15.26 -17.45
C LEU B 165 48.03 -16.17 -16.28
N LEU B 166 47.12 -15.70 -15.42
CA LEU B 166 46.72 -16.45 -14.24
C LEU B 166 45.44 -17.21 -14.53
N ASN B 167 45.40 -18.49 -14.15
CA ASN B 167 44.26 -19.36 -14.42
C ASN B 167 44.16 -20.35 -13.27
N VAL B 168 43.32 -20.03 -12.28
CA VAL B 168 43.16 -20.85 -11.09
C VAL B 168 41.69 -21.22 -10.93
N THR B 169 41.45 -22.29 -10.17
CA THR B 169 40.11 -22.80 -9.95
C THR B 169 39.95 -23.27 -8.51
N MET B 170 38.72 -23.25 -8.03
CA MET B 170 38.41 -23.67 -6.67
C MET B 170 36.98 -24.19 -6.59
N PRO B 171 36.78 -25.47 -6.32
CA PRO B 171 35.43 -26.03 -6.27
C PRO B 171 34.80 -25.92 -4.89
N ASN B 172 33.47 -25.89 -4.90
CA ASN B 172 32.67 -25.84 -3.67
C ASN B 172 32.19 -27.25 -3.37
N ASN B 173 32.93 -27.96 -2.53
CA ASN B 173 32.56 -29.30 -2.11
C ASN B 173 31.80 -29.30 -0.78
N TYR B 174 31.53 -28.13 -0.22
CA TYR B 174 30.78 -28.02 1.02
C TYR B 174 29.29 -28.04 0.71
N ASN B 175 28.45 -27.86 1.73
CA ASN B 175 27.01 -27.84 1.55
C ASN B 175 26.40 -26.49 1.91
N PHE B 176 27.19 -25.43 1.90
CA PHE B 176 26.70 -24.07 2.10
C PHE B 176 27.26 -23.17 0.99
N ASP B 177 26.68 -21.98 0.88
CA ASP B 177 27.12 -21.03 -0.13
C ASP B 177 28.40 -20.32 0.31
N LYS B 178 29.14 -19.82 -0.67
CA LYS B 178 30.37 -19.08 -0.42
C LYS B 178 30.28 -17.72 -1.09
N LEU B 179 30.85 -16.71 -0.44
CA LEU B 179 30.91 -15.36 -0.97
C LEU B 179 32.36 -14.95 -1.13
N TYR B 180 32.73 -14.52 -2.33
CA TYR B 180 34.10 -14.14 -2.65
C TYR B 180 34.16 -12.65 -2.95
N ILE B 181 35.09 -11.96 -2.29
CA ILE B 181 35.28 -10.52 -2.50
C ILE B 181 36.63 -10.33 -3.18
N TRP B 182 36.63 -9.72 -4.37
CA TRP B 182 37.83 -9.46 -5.13
C TRP B 182 37.77 -8.03 -5.65
N GLY B 183 38.77 -7.64 -6.43
CA GLY B 183 38.82 -6.27 -6.90
C GLY B 183 39.66 -6.10 -8.14
N VAL B 184 39.65 -4.88 -8.66
CA VAL B 184 40.41 -4.48 -9.83
C VAL B 184 41.08 -3.14 -9.53
N HIS B 185 42.31 -2.97 -9.99
CA HIS B 185 43.09 -1.77 -9.72
C HIS B 185 43.11 -0.87 -10.96
N HIS B 186 42.87 0.42 -10.76
CA HIS B 186 42.91 1.41 -11.83
C HIS B 186 44.15 2.28 -11.67
N PRO B 187 45.21 2.04 -12.43
CA PRO B 187 46.41 2.88 -12.31
C PRO B 187 46.17 4.28 -12.87
N SER B 188 47.02 5.21 -12.45
CA SER B 188 46.85 6.61 -12.83
C SER B 188 47.45 6.94 -14.19
N THR B 189 48.49 6.23 -14.62
CA THR B 189 49.15 6.51 -15.88
C THR B 189 49.51 5.21 -16.58
N ASN B 190 49.88 5.33 -17.86
CA ASN B 190 50.39 4.18 -18.59
C ASN B 190 51.71 3.70 -18.01
N GLN B 191 52.59 4.64 -17.63
CA GLN B 191 53.87 4.28 -17.06
C GLN B 191 53.70 3.49 -15.77
N GLU B 192 52.79 3.93 -14.90
CA GLU B 192 52.52 3.20 -13.67
C GLU B 192 51.96 1.81 -13.97
N GLN B 193 51.06 1.72 -14.95
CA GLN B 193 50.51 0.43 -15.35
C GLN B 193 51.63 -0.53 -15.75
N THR B 194 52.51 -0.08 -16.65
CA THR B 194 53.57 -0.97 -17.14
C THR B 194 54.58 -1.27 -16.05
N ASN B 195 54.80 -0.35 -15.12
CA ASN B 195 55.72 -0.60 -14.02
C ASN B 195 55.17 -1.65 -13.07
N LEU B 196 53.86 -1.64 -12.84
CA LEU B 196 53.26 -2.63 -11.94
C LEU B 196 52.98 -3.93 -12.68
N TYR B 197 52.22 -3.85 -13.77
CA TYR B 197 51.84 -5.02 -14.57
C TYR B 197 52.42 -4.84 -15.96
N VAL B 198 53.20 -5.83 -16.42
CA VAL B 198 54.02 -5.65 -17.61
C VAL B 198 53.16 -5.30 -18.82
N GLN B 199 52.00 -5.91 -18.95
CA GLN B 199 51.14 -5.67 -20.09
C GLN B 199 50.62 -4.24 -20.10
N ALA B 200 50.31 -3.74 -21.29
CA ALA B 200 49.83 -2.37 -21.44
C ALA B 200 48.33 -2.24 -21.20
N SER B 201 47.62 -3.35 -21.03
CA SER B 201 46.18 -3.31 -20.79
C SER B 201 45.78 -4.61 -20.10
N GLY B 202 45.37 -4.50 -18.83
CA GLY B 202 44.96 -5.66 -18.08
C GLY B 202 43.53 -6.06 -18.30
N ARG B 203 43.14 -7.18 -17.71
CA ARG B 203 41.80 -7.71 -17.83
C ARG B 203 41.58 -8.72 -16.72
N VAL B 204 40.39 -8.72 -16.13
CA VAL B 204 40.04 -9.62 -15.04
C VAL B 204 38.73 -10.31 -15.39
N THR B 205 38.69 -11.64 -15.26
CA THR B 205 37.49 -12.42 -15.52
C THR B 205 37.30 -13.41 -14.36
N VAL B 206 36.17 -13.30 -13.68
CA VAL B 206 35.80 -14.21 -12.60
C VAL B 206 34.39 -14.73 -12.88
N SER B 207 34.24 -16.06 -12.91
CA SER B 207 33.00 -16.65 -13.37
C SER B 207 32.78 -18.01 -12.72
N THR B 208 31.52 -18.42 -12.71
CA THR B 208 31.09 -19.76 -12.33
C THR B 208 30.34 -20.38 -13.52
N ARG B 209 29.73 -21.54 -13.30
CA ARG B 209 29.02 -22.24 -14.36
C ARG B 209 27.73 -21.55 -14.77
N ARG B 210 27.25 -20.57 -14.00
CA ARG B 210 26.00 -19.91 -14.31
C ARG B 210 26.12 -18.39 -14.48
N SER B 211 27.23 -17.79 -14.06
CA SER B 211 27.39 -16.35 -14.15
C SER B 211 28.82 -16.04 -14.58
N GLN B 212 29.03 -14.82 -15.05
CA GLN B 212 30.36 -14.39 -15.45
C GLN B 212 30.48 -12.88 -15.30
N GLN B 213 31.64 -12.42 -14.85
CA GLN B 213 31.96 -11.01 -14.75
C GLN B 213 33.34 -10.77 -15.35
N THR B 214 33.44 -9.78 -16.23
CA THR B 214 34.71 -9.42 -16.83
C THR B 214 34.86 -7.91 -16.79
N ILE B 215 36.02 -7.45 -16.33
CA ILE B 215 36.29 -6.02 -16.11
C ILE B 215 37.57 -5.66 -16.84
N VAL B 216 37.62 -4.44 -17.37
CA VAL B 216 38.81 -3.87 -17.98
C VAL B 216 39.14 -2.59 -17.22
N PRO B 217 40.34 -2.45 -16.67
CA PRO B 217 40.65 -1.27 -15.85
C PRO B 217 40.75 -0.01 -16.70
N ASN B 218 40.54 1.13 -16.03
CA ASN B 218 40.63 2.45 -16.63
C ASN B 218 41.81 3.21 -16.07
N ILE B 219 42.48 3.98 -16.93
CA ILE B 219 43.70 4.67 -16.57
C ILE B 219 43.43 6.18 -16.62
N GLY B 220 43.76 6.87 -15.55
CA GLY B 220 43.61 8.31 -15.50
C GLY B 220 43.96 8.90 -14.16
N SER B 221 44.17 10.21 -14.11
CA SER B 221 44.49 10.89 -12.86
C SER B 221 43.22 11.21 -12.09
N ARG B 222 43.31 11.15 -10.78
CA ARG B 222 42.19 11.38 -9.87
C ARG B 222 42.67 12.25 -8.72
N PRO B 223 41.75 12.89 -8.00
CA PRO B 223 42.17 13.71 -6.85
C PRO B 223 42.89 12.87 -5.81
N TRP B 224 43.92 13.46 -5.21
CA TRP B 224 44.73 12.75 -4.24
C TRP B 224 43.93 12.44 -2.99
N VAL B 225 43.96 11.17 -2.58
CA VAL B 225 43.36 10.72 -1.33
C VAL B 225 44.44 9.93 -0.60
N ARG B 226 44.97 10.48 0.48
CA ARG B 226 46.07 9.88 1.24
C ARG B 226 47.28 9.62 0.35
N GLY B 227 47.51 10.53 -0.60
CA GLY B 227 48.68 10.46 -1.45
C GLY B 227 48.54 9.64 -2.71
N GLN B 228 47.41 8.97 -2.93
CA GLN B 228 47.21 8.08 -4.06
C GLN B 228 46.22 8.69 -5.03
N SER B 229 46.53 8.64 -6.31
CA SER B 229 45.62 9.07 -7.36
C SER B 229 45.02 7.91 -8.13
N GLY B 230 45.20 6.67 -7.67
CA GLY B 230 44.54 5.52 -8.24
C GLY B 230 43.38 5.06 -7.36
N ARG B 231 42.62 4.10 -7.88
CA ARG B 231 41.44 3.59 -7.19
C ARG B 231 41.39 2.08 -7.33
N ILE B 232 40.52 1.47 -6.53
CA ILE B 232 40.26 0.04 -6.57
C ILE B 232 38.76 -0.16 -6.57
N SER B 233 38.27 -1.01 -7.46
CA SER B 233 36.85 -1.32 -7.55
C SER B 233 36.59 -2.71 -7.00
N ILE B 234 35.63 -2.82 -6.10
CA ILE B 234 35.37 -4.05 -5.35
C ILE B 234 34.15 -4.74 -5.95
N TYR B 235 34.30 -6.04 -6.22
CA TYR B 235 33.22 -6.87 -6.76
C TYR B 235 33.04 -8.09 -5.87
N TRP B 236 31.96 -8.81 -6.08
CA TRP B 236 31.65 -9.98 -5.26
C TRP B 236 31.00 -11.06 -6.12
N THR B 237 31.12 -12.30 -5.64
CA THR B 237 30.62 -13.48 -6.35
C THR B 237 30.19 -14.52 -5.33
N ILE B 238 29.07 -15.19 -5.61
CA ILE B 238 28.53 -16.23 -4.73
C ILE B 238 28.58 -17.56 -5.46
N VAL B 239 29.11 -18.58 -4.79
CA VAL B 239 29.28 -19.90 -5.37
C VAL B 239 28.38 -20.87 -4.62
N LYS B 240 27.48 -21.52 -5.35
CA LYS B 240 26.56 -22.48 -4.78
C LYS B 240 27.27 -23.80 -4.49
N PRO B 241 26.69 -24.64 -3.62
CA PRO B 241 27.28 -25.96 -3.39
C PRO B 241 27.31 -26.78 -4.66
N GLY B 242 28.40 -27.53 -4.84
CA GLY B 242 28.59 -28.32 -6.04
C GLY B 242 29.05 -27.54 -7.25
N ASP B 243 29.33 -26.24 -7.10
CA ASP B 243 29.74 -25.39 -8.20
C ASP B 243 31.25 -25.19 -8.17
N VAL B 244 31.74 -24.38 -9.11
CA VAL B 244 33.17 -24.13 -9.24
C VAL B 244 33.39 -22.65 -9.55
N LEU B 245 34.56 -22.15 -9.20
CA LEU B 245 34.96 -20.77 -9.45
C LEU B 245 36.26 -20.76 -10.24
N VAL B 246 36.31 -19.96 -11.30
CA VAL B 246 37.49 -19.83 -12.13
C VAL B 246 37.86 -18.35 -12.21
N ILE B 247 39.12 -18.03 -11.90
CA ILE B 247 39.64 -16.68 -11.97
C ILE B 247 40.68 -16.63 -13.07
N ASN B 248 40.48 -15.73 -14.04
CA ASN B 248 41.37 -15.59 -15.18
C ASN B 248 41.71 -14.11 -15.33
N SER B 249 43.00 -13.81 -15.46
CA SER B 249 43.43 -12.42 -15.55
C SER B 249 44.86 -12.37 -16.05
N ASN B 250 45.18 -11.26 -16.74
CA ASN B 250 46.56 -10.98 -17.15
C ASN B 250 47.03 -9.62 -16.63
N GLY B 251 46.45 -9.15 -15.54
CA GLY B 251 46.87 -7.91 -14.93
C GLY B 251 45.75 -7.27 -14.15
N ASN B 252 46.12 -6.42 -13.19
CA ASN B 252 45.19 -5.58 -12.45
C ASN B 252 44.20 -6.40 -11.62
N LEU B 253 44.72 -7.37 -10.88
CA LEU B 253 43.88 -8.24 -10.06
C LEU B 253 44.22 -8.09 -8.59
N ILE B 254 43.20 -7.81 -7.77
CA ILE B 254 43.32 -7.83 -6.32
C ILE B 254 42.66 -9.13 -5.87
N ALA B 255 43.46 -10.17 -5.73
CA ALA B 255 42.92 -11.51 -5.54
C ALA B 255 42.35 -11.68 -4.13
N PRO B 256 41.35 -12.54 -3.97
CA PRO B 256 40.85 -12.86 -2.63
C PRO B 256 41.78 -13.84 -1.90
N ARG B 257 41.52 -13.99 -0.61
CA ARG B 257 42.25 -14.93 0.22
C ARG B 257 41.40 -16.07 0.74
N GLY B 258 40.09 -16.03 0.52
CA GLY B 258 39.21 -17.05 1.05
C GLY B 258 37.76 -16.67 0.77
N PHE B 259 36.85 -17.25 1.55
CA PHE B 259 35.43 -17.00 1.37
C PHE B 259 34.79 -16.65 2.71
N PHE B 260 33.64 -15.98 2.62
CA PHE B 260 32.80 -15.69 3.76
C PHE B 260 31.63 -16.66 3.79
N LYS B 261 31.30 -17.17 4.98
CA LYS B 261 30.10 -17.96 5.15
C LYS B 261 28.89 -17.04 5.14
N ILE B 262 27.95 -17.31 4.26
CA ILE B 262 26.76 -16.47 4.09
C ILE B 262 25.54 -17.28 4.53
N ARG B 263 24.71 -16.67 5.37
CA ARG B 263 23.59 -17.35 6.00
C ARG B 263 22.30 -16.57 5.75
N THR B 264 21.21 -17.12 6.25
CA THR B 264 19.90 -16.46 6.24
C THR B 264 19.43 -16.31 7.67
N GLY B 265 19.06 -15.08 8.05
CA GLY B 265 18.64 -14.83 9.40
C GLY B 265 17.95 -13.50 9.55
N ARG B 266 17.77 -13.08 10.80
CA ARG B 266 17.03 -11.88 11.14
C ARG B 266 17.95 -10.73 11.56
N SER B 267 19.12 -10.63 10.94
CA SER B 267 20.06 -9.54 11.22
C SER B 267 19.83 -8.38 10.27
N SER B 268 20.30 -7.20 10.67
CA SER B 268 20.15 -6.00 9.87
C SER B 268 21.18 -4.97 10.32
N ILE B 269 21.09 -3.78 9.74
CA ILE B 269 22.01 -2.68 10.03
C ILE B 269 21.20 -1.40 10.16
N MET B 270 21.62 -0.52 11.07
CA MET B 270 20.92 0.72 11.32
C MET B 270 21.92 1.83 11.62
N ARG B 271 21.70 3.00 11.04
CA ARG B 271 22.54 4.17 11.29
C ARG B 271 21.96 4.96 12.45
N SER B 272 22.70 5.07 13.55
CA SER B 272 22.23 5.81 14.71
C SER B 272 23.43 6.33 15.48
N ASP B 273 23.23 7.47 16.14
CA ASP B 273 24.26 8.08 16.99
C ASP B 273 23.92 7.98 18.48
N ALA B 274 22.89 7.21 18.84
CA ALA B 274 22.49 7.11 20.23
C ALA B 274 23.44 6.17 21.00
N PRO B 275 23.69 6.44 22.28
CA PRO B 275 24.54 5.55 23.07
C PRO B 275 23.84 4.25 23.40
N ILE B 276 24.64 3.24 23.73
CA ILE B 276 24.16 1.90 24.08
C ILE B 276 24.36 1.71 25.58
N GLU B 277 23.29 1.33 26.27
CA GLU B 277 23.29 1.17 27.72
C GLU B 277 22.83 -0.24 28.07
N THR B 278 22.67 -0.47 29.38
CA THR B 278 22.28 -1.78 29.90
C THR B 278 20.80 -1.70 30.32
N CYS B 279 19.94 -2.39 29.58
CA CYS B 279 18.51 -2.40 29.84
C CYS B 279 17.89 -3.46 28.93
N ILE B 280 16.57 -3.60 29.04
CA ILE B 280 15.81 -4.57 28.24
C ILE B 280 14.75 -3.81 27.46
N SER B 281 14.69 -4.06 26.15
CA SER B 281 13.67 -3.47 25.30
C SER B 281 13.64 -4.23 23.98
N GLU B 282 12.42 -4.56 23.53
CA GLU B 282 12.24 -5.38 22.34
C GLU B 282 12.16 -4.57 21.06
N CYS B 283 12.13 -3.24 21.14
CA CYS B 283 12.01 -2.38 19.97
C CYS B 283 13.13 -1.35 19.97
N ILE B 284 13.84 -1.24 18.85
CA ILE B 284 14.97 -0.32 18.71
C ILE B 284 14.70 0.61 17.55
N THR B 285 14.92 1.90 17.76
CA THR B 285 14.79 2.95 16.76
C THR B 285 16.08 3.76 16.75
N PRO B 286 16.35 4.51 15.68
CA PRO B 286 17.53 5.38 15.68
C PRO B 286 17.53 6.39 16.80
N ASN B 287 16.36 6.79 17.29
CA ASN B 287 16.29 7.65 18.47
C ASN B 287 16.61 6.88 19.74
N GLY B 288 16.47 5.57 19.73
CA GLY B 288 16.66 4.75 20.90
C GLY B 288 15.53 3.75 21.05
N SER B 289 15.61 2.96 22.11
CA SER B 289 14.61 1.95 22.38
C SER B 289 13.33 2.58 22.92
N ILE B 290 12.19 2.04 22.51
CA ILE B 290 10.89 2.53 22.97
C ILE B 290 10.06 1.36 23.47
N PRO B 291 9.20 1.56 24.47
CA PRO B 291 8.28 0.49 24.88
C PRO B 291 7.24 0.22 23.82
N ASN B 292 6.79 -1.03 23.75
CA ASN B 292 5.89 -1.48 22.70
C ASN B 292 4.54 -1.92 23.24
N ASP B 293 4.13 -1.38 24.39
CA ASP B 293 2.83 -1.74 24.95
C ASP B 293 1.67 -1.06 24.25
N LYS B 294 1.91 0.04 23.51
CA LYS B 294 0.90 0.78 22.77
C LYS B 294 0.85 0.31 21.32
N PRO B 295 -0.33 0.39 20.67
CA PRO B 295 -0.45 -0.14 19.32
C PRO B 295 0.19 0.73 18.25
N PHE B 296 0.40 2.01 18.50
CA PHE B 296 0.97 2.93 17.51
C PHE B 296 2.11 3.72 18.13
N GLN B 297 3.06 4.10 17.28
CA GLN B 297 4.22 4.88 17.72
C GLN B 297 4.45 6.04 16.77
N ASN B 298 5.07 7.09 17.30
CA ASN B 298 5.31 8.32 16.55
C ASN B 298 6.78 8.74 16.58
N VAL B 299 7.66 7.91 17.15
CA VAL B 299 9.05 8.30 17.31
C VAL B 299 9.79 8.29 15.98
N ASN B 300 9.86 7.13 15.34
CA ASN B 300 10.58 6.99 14.08
C ASN B 300 9.90 5.93 13.23
N LYS B 301 10.11 6.00 11.92
CA LYS B 301 9.57 5.01 11.00
C LYS B 301 10.57 3.91 10.68
N ILE B 302 11.81 4.04 11.11
CA ILE B 302 12.81 3.00 10.96
C ILE B 302 12.88 2.25 12.30
N THR B 303 12.53 0.97 12.29
CA THR B 303 12.41 0.21 13.53
C THR B 303 12.95 -1.19 13.32
N TYR B 304 13.38 -1.80 14.44
CA TYR B 304 13.88 -3.17 14.43
C TYR B 304 13.30 -3.90 15.63
N GLY B 305 12.79 -5.11 15.40
CA GLY B 305 12.22 -5.90 16.48
C GLY B 305 10.71 -5.85 16.50
N ALA B 306 10.11 -6.03 17.68
CA ALA B 306 8.67 -5.95 17.85
C ALA B 306 8.32 -4.50 18.18
N CYS B 307 7.84 -3.76 17.19
CA CYS B 307 7.62 -2.33 17.32
C CYS B 307 6.20 -1.98 16.93
N PRO B 308 5.64 -0.91 17.51
CA PRO B 308 4.33 -0.43 17.06
C PRO B 308 4.39 0.15 15.66
N LYS B 309 3.21 0.34 15.07
CA LYS B 309 3.13 0.89 13.73
C LYS B 309 3.32 2.40 13.77
N TYR B 310 3.93 2.94 12.71
CA TYR B 310 4.20 4.36 12.63
C TYR B 310 2.98 5.09 12.05
N VAL B 311 2.51 6.10 12.78
CA VAL B 311 1.41 6.94 12.34
C VAL B 311 1.84 8.39 12.47
N LYS B 312 1.22 9.26 11.67
CA LYS B 312 1.60 10.67 11.67
C LYS B 312 1.07 11.40 12.91
N GLN B 313 -0.08 10.98 13.43
CA GLN B 313 -0.68 11.66 14.57
C GLN B 313 0.16 11.47 15.83
N ASN B 314 0.19 12.50 16.67
CA ASN B 314 0.97 12.46 17.90
C ASN B 314 0.14 12.08 19.12
N THR B 315 -1.18 12.01 18.99
CA THR B 315 -2.02 11.61 20.12
C THR B 315 -3.32 11.02 19.59
N LEU B 316 -3.78 9.96 20.25
CA LEU B 316 -5.04 9.30 19.91
C LEU B 316 -5.63 8.76 21.21
N LYS B 317 -6.74 9.34 21.66
CA LYS B 317 -7.34 8.99 22.93
C LYS B 317 -8.45 7.95 22.70
N LEU B 318 -8.39 6.86 23.45
CA LEU B 318 -9.39 5.81 23.41
C LEU B 318 -10.22 5.88 24.68
N ALA B 319 -11.54 6.01 24.53
CA ALA B 319 -12.41 6.17 25.68
C ALA B 319 -12.51 4.86 26.46
N THR B 320 -12.39 4.96 27.78
CA THR B 320 -12.53 3.81 28.65
C THR B 320 -13.65 3.99 29.68
N GLY B 321 -14.52 4.99 29.51
CA GLY B 321 -15.60 5.22 30.43
C GLY B 321 -16.81 5.81 29.73
N MET B 322 -17.87 6.02 30.51
CA MET B 322 -19.12 6.57 30.00
C MET B 322 -18.99 8.08 29.81
N ARG B 323 -20.02 8.67 29.23
CA ARG B 323 -20.05 10.12 29.06
C ARG B 323 -20.16 10.80 30.42
N ASN B 324 -19.56 11.98 30.51
CA ASN B 324 -19.48 12.73 31.76
C ASN B 324 -20.51 13.85 31.73
N VAL B 325 -21.43 13.85 32.69
CA VAL B 325 -22.45 14.88 32.82
C VAL B 325 -22.38 15.44 34.23
N PRO B 326 -22.24 16.76 34.40
CA PRO B 326 -22.18 17.32 35.77
C PRO B 326 -23.52 17.30 36.46
N GLU B 327 -23.47 17.29 37.79
CA GLU B 327 -24.67 17.31 38.61
C GLU B 327 -25.19 18.73 38.77
N LYS B 328 -26.51 18.88 38.74
CA LYS B 328 -27.12 20.19 38.92
C LYS B 328 -27.86 20.27 40.26
N ALA B 336 -35.16 16.53 47.38
CA ALA B 336 -35.66 16.23 46.05
C ALA B 336 -34.55 15.67 45.17
N ILE B 337 -34.47 14.34 45.10
CA ILE B 337 -33.42 13.69 44.31
C ILE B 337 -33.92 13.47 42.89
N ALA B 338 -32.97 13.34 41.97
CA ALA B 338 -33.24 13.14 40.55
C ALA B 338 -32.53 11.90 40.06
N GLY B 339 -32.68 11.62 38.77
CA GLY B 339 -32.10 10.43 38.17
C GLY B 339 -31.07 10.72 37.10
N PHE B 340 -30.88 9.77 36.19
CA PHE B 340 -29.84 9.87 35.18
C PHE B 340 -30.18 10.84 34.05
N ILE B 341 -31.41 11.34 33.98
CA ILE B 341 -31.81 12.23 32.90
C ILE B 341 -31.14 13.58 33.10
N GLU B 342 -30.13 13.87 32.28
CA GLU B 342 -29.44 15.16 32.28
C GLU B 342 -28.83 15.46 33.65
N ASN B 343 -28.26 14.43 34.29
CA ASN B 343 -27.69 14.61 35.62
C ASN B 343 -26.65 13.54 35.88
N GLY B 344 -25.68 13.87 36.73
CA GLY B 344 -24.69 12.92 37.18
C GLY B 344 -24.66 12.80 38.68
N TRP B 345 -24.03 11.76 39.21
CA TRP B 345 -23.95 11.53 40.66
C TRP B 345 -22.48 11.54 41.07
N GLU B 346 -22.00 12.70 41.51
CA GLU B 346 -20.61 12.83 41.93
C GLU B 346 -20.29 12.12 43.23
N GLY B 347 -21.30 11.74 44.01
CA GLY B 347 -21.07 11.09 45.29
C GLY B 347 -21.13 9.58 45.24
N MET B 348 -21.00 9.01 44.05
CA MET B 348 -21.07 7.57 43.86
C MET B 348 -19.68 7.04 43.53
N ILE B 349 -19.15 6.16 44.38
CA ILE B 349 -17.82 5.60 44.20
C ILE B 349 -17.79 4.08 44.31
N ASP B 350 -18.91 3.46 44.66
CA ASP B 350 -18.97 2.00 44.79
C ASP B 350 -19.11 1.29 43.46
N GLY B 351 -19.46 2.00 42.39
CA GLY B 351 -19.66 1.37 41.10
C GLY B 351 -20.04 2.41 40.07
N TRP B 352 -20.52 1.92 38.93
CA TRP B 352 -20.88 2.80 37.83
C TRP B 352 -22.36 3.18 37.88
N TYR B 353 -23.24 2.20 38.02
CA TYR B 353 -24.68 2.44 38.08
C TYR B 353 -25.20 2.02 39.44
N GLY B 354 -26.24 2.72 39.91
CA GLY B 354 -26.78 2.42 41.22
C GLY B 354 -28.09 3.13 41.45
N PHE B 355 -28.69 2.83 42.61
CA PHE B 355 -29.99 3.33 43.00
C PHE B 355 -29.85 4.40 44.08
N ARG B 356 -30.85 5.26 44.16
CA ARG B 356 -30.97 6.26 45.22
C ARG B 356 -32.43 6.37 45.60
N HIS B 357 -32.78 5.97 46.82
CA HIS B 357 -34.15 5.88 47.25
C HIS B 357 -34.42 6.85 48.39
N GLN B 358 -35.46 7.67 48.24
CA GLN B 358 -35.94 8.53 49.30
C GLN B 358 -37.17 7.87 49.91
N ASN B 359 -37.06 7.45 51.16
CA ASN B 359 -38.09 6.68 51.84
C ASN B 359 -38.65 7.49 53.01
N SER B 360 -39.62 6.90 53.70
CA SER B 360 -40.09 7.48 54.95
C SER B 360 -39.00 7.45 56.01
N GLU B 361 -38.24 6.36 56.07
CA GLU B 361 -37.14 6.26 57.03
C GLU B 361 -36.06 7.29 56.73
N GLY B 362 -35.68 7.43 55.47
CA GLY B 362 -34.64 8.36 55.09
C GLY B 362 -33.99 7.93 53.79
N THR B 363 -33.05 8.76 53.35
CA THR B 363 -32.38 8.53 52.09
C THR B 363 -31.39 7.38 52.19
N GLY B 364 -30.91 6.93 51.02
CA GLY B 364 -29.94 5.86 50.95
C GLY B 364 -29.27 5.87 49.60
N GLN B 365 -28.40 4.88 49.39
CA GLN B 365 -27.69 4.74 48.13
C GLN B 365 -27.06 3.36 48.06
N ALA B 366 -27.18 2.72 46.90
CA ALA B 366 -26.59 1.41 46.67
C ALA B 366 -26.06 1.37 45.24
N ALA B 367 -25.41 0.26 44.90
CA ALA B 367 -24.82 0.07 43.59
C ALA B 367 -25.34 -1.22 42.96
N ASP B 368 -25.35 -1.25 41.63
CA ASP B 368 -25.74 -2.42 40.87
C ASP B 368 -24.49 -3.03 40.26
N LEU B 369 -24.21 -4.29 40.58
CA LEU B 369 -22.95 -4.91 40.22
C LEU B 369 -22.97 -5.59 38.86
N LYS B 370 -24.10 -6.19 38.48
CA LYS B 370 -24.16 -6.89 37.19
C LYS B 370 -23.96 -5.94 36.02
N SER B 371 -24.62 -4.78 36.06
CA SER B 371 -24.47 -3.82 34.97
C SER B 371 -23.05 -3.29 34.89
N THR B 372 -22.46 -2.95 36.04
CA THR B 372 -21.09 -2.46 36.05
C THR B 372 -20.12 -3.51 35.52
N GLN B 373 -20.29 -4.76 35.93
CA GLN B 373 -19.39 -5.81 35.49
C GLN B 373 -19.55 -6.09 34.00
N ALA B 374 -20.79 -6.08 33.49
CA ALA B 374 -21.00 -6.26 32.06
C ALA B 374 -20.36 -5.14 31.26
N ALA B 375 -20.55 -3.89 31.70
CA ALA B 375 -19.96 -2.76 31.00
C ALA B 375 -18.44 -2.83 31.00
N ILE B 376 -17.85 -3.18 32.15
CA ILE B 376 -16.40 -3.26 32.23
C ILE B 376 -15.86 -4.41 31.38
N ASP B 377 -16.53 -5.57 31.42
CA ASP B 377 -16.08 -6.70 30.62
C ASP B 377 -16.19 -6.42 29.13
N GLN B 378 -17.14 -5.59 28.72
CA GLN B 378 -17.20 -5.18 27.32
C GLN B 378 -16.10 -4.16 27.01
N ILE B 379 -15.83 -3.24 27.93
CA ILE B 379 -14.82 -2.22 27.70
C ILE B 379 -13.42 -2.83 27.73
N ASN B 380 -13.15 -3.69 28.71
CA ASN B 380 -11.82 -4.28 28.84
C ASN B 380 -11.52 -5.23 27.69
N GLY B 381 -10.28 -5.20 27.23
CA GLY B 381 -9.86 -6.08 26.16
C GLY B 381 -10.15 -5.57 24.76
N LYS B 382 -10.65 -4.34 24.64
CA LYS B 382 -10.95 -3.77 23.33
C LYS B 382 -9.66 -3.48 22.58
N LEU B 383 -9.79 -3.36 21.25
CA LEU B 383 -8.69 -3.11 20.33
C LEU B 383 -7.80 -4.34 20.15
N ASN B 384 -8.07 -5.39 20.91
CA ASN B 384 -7.44 -6.68 20.68
C ASN B 384 -8.31 -7.61 19.85
N ARG B 385 -9.46 -7.14 19.39
CA ARG B 385 -10.35 -7.91 18.54
C ARG B 385 -10.18 -7.60 17.06
N VAL B 386 -9.54 -6.47 16.73
CA VAL B 386 -9.43 -6.01 15.34
C VAL B 386 -7.97 -5.97 14.89
N ILE B 387 -7.12 -5.26 15.60
CA ILE B 387 -5.72 -5.10 15.23
C ILE B 387 -4.88 -6.04 16.08
N GLU B 388 -3.92 -6.71 15.44
CA GLU B 388 -3.10 -7.70 16.11
C GLU B 388 -2.21 -7.05 17.17
N LYS B 389 -1.45 -7.90 17.88
CA LYS B 389 -0.67 -7.44 19.01
C LYS B 389 0.47 -6.53 18.57
N THR B 390 1.41 -7.07 17.79
CA THR B 390 2.54 -6.32 17.28
C THR B 390 3.03 -7.02 16.01
N ASN B 391 3.62 -6.24 15.11
CA ASN B 391 4.23 -6.77 13.90
C ASN B 391 5.74 -6.86 14.09
N GLU B 392 6.29 -8.02 13.74
CA GLU B 392 7.71 -8.33 13.93
C GLU B 392 8.42 -8.20 12.60
N LYS B 393 9.18 -7.12 12.44
CA LYS B 393 9.90 -6.84 11.20
C LYS B 393 11.38 -6.63 11.51
N PHE B 394 12.24 -7.21 10.67
CA PHE B 394 13.68 -7.21 10.93
C PHE B 394 14.46 -6.39 9.91
N HIS B 395 14.40 -6.73 8.64
CA HIS B 395 15.18 -6.07 7.60
C HIS B 395 14.25 -5.53 6.53
N GLN B 396 14.44 -4.27 6.16
CA GLN B 396 13.52 -3.58 5.25
C GLN B 396 14.34 -2.73 4.30
N ILE B 397 13.67 -1.84 3.58
CA ILE B 397 14.31 -0.95 2.63
C ILE B 397 14.90 0.24 3.37
N GLU B 398 15.74 1.02 2.70
CA GLU B 398 16.25 2.25 3.25
C GLU B 398 15.20 3.36 3.15
N LYS B 399 15.08 4.14 4.22
CA LYS B 399 14.07 5.19 4.29
C LYS B 399 14.67 6.58 4.44
N GLU B 400 15.99 6.70 4.44
CA GLU B 400 16.66 8.00 4.47
C GLU B 400 17.87 7.93 3.55
N PHE B 401 18.06 8.99 2.76
CA PHE B 401 19.10 9.01 1.73
C PHE B 401 19.91 10.28 1.83
N SER B 402 21.22 10.15 1.61
CA SER B 402 22.13 11.28 1.72
C SER B 402 22.60 11.83 0.37
N GLU B 403 22.47 11.05 -0.69
CA GLU B 403 22.82 11.50 -2.03
C GLU B 403 21.64 11.26 -2.96
N VAL B 404 21.50 12.14 -3.94
CA VAL B 404 20.45 11.98 -4.95
C VAL B 404 20.81 10.82 -5.85
N GLU B 405 19.81 10.04 -6.25
CA GLU B 405 20.05 8.89 -7.11
C GLU B 405 19.14 8.85 -8.33
N GLY B 406 17.87 9.23 -8.19
CA GLY B 406 16.97 9.24 -9.33
C GLY B 406 15.73 8.38 -9.20
N ARG B 407 15.63 7.35 -10.04
CA ARG B 407 14.39 6.60 -10.18
C ARG B 407 14.11 5.74 -8.94
N ILE B 408 15.10 4.98 -8.50
CA ILE B 408 14.89 4.00 -7.43
C ILE B 408 14.59 4.71 -6.10
N GLN B 409 15.28 5.83 -5.85
CA GLN B 409 15.03 6.59 -4.63
C GLN B 409 13.60 7.11 -4.60
N ASP B 410 13.12 7.60 -5.75
CA ASP B 410 11.74 8.07 -5.83
C ASP B 410 10.76 6.93 -5.59
N LEU B 411 11.04 5.75 -6.16
CA LEU B 411 10.15 4.62 -5.94
C LEU B 411 10.08 4.23 -4.46
N GLU B 412 11.23 4.18 -3.79
CA GLU B 412 11.25 3.82 -2.38
C GLU B 412 10.50 4.86 -1.54
N LYS B 413 10.72 6.15 -1.83
CA LYS B 413 10.01 7.20 -1.11
C LYS B 413 8.50 7.08 -1.31
N TYR B 414 8.07 6.80 -2.54
CA TYR B 414 6.65 6.67 -2.83
C TYR B 414 6.04 5.53 -2.06
N VAL B 415 6.72 4.38 -2.02
CA VAL B 415 6.19 3.23 -1.31
C VAL B 415 6.03 3.55 0.17
N GLU B 416 7.06 4.14 0.77
CA GLU B 416 7.00 4.43 2.20
C GLU B 416 5.89 5.43 2.52
N ASP B 417 5.76 6.48 1.70
CA ASP B 417 4.74 7.49 1.97
C ASP B 417 3.34 6.90 1.85
N THR B 418 3.12 6.06 0.84
CA THR B 418 1.81 5.43 0.68
C THR B 418 1.47 4.58 1.91
N LYS B 419 2.42 3.77 2.37
CA LYS B 419 2.17 2.93 3.53
C LYS B 419 1.83 3.77 4.76
N VAL B 420 2.59 4.85 4.98
CA VAL B 420 2.37 5.68 6.16
C VAL B 420 0.99 6.31 6.12
N ASP B 421 0.59 6.84 4.96
CA ASP B 421 -0.72 7.48 4.85
C ASP B 421 -1.84 6.49 5.12
N LEU B 422 -1.75 5.29 4.53
CA LEU B 422 -2.82 4.31 4.72
C LEU B 422 -2.95 3.90 6.18
N TRP B 423 -1.82 3.66 6.86
CA TRP B 423 -1.91 3.23 8.25
C TRP B 423 -2.41 4.34 9.17
N SER B 424 -2.05 5.60 8.87
CA SER B 424 -2.60 6.70 9.66
C SER B 424 -4.12 6.78 9.53
N TYR B 425 -4.62 6.64 8.29
CA TYR B 425 -6.07 6.66 8.11
C TYR B 425 -6.74 5.51 8.88
N ASN B 426 -6.15 4.32 8.81
CA ASN B 426 -6.72 3.19 9.52
C ASN B 426 -6.79 3.45 11.02
N ALA B 427 -5.73 4.03 11.58
CA ALA B 427 -5.71 4.30 13.02
C ALA B 427 -6.81 5.28 13.42
N GLU B 428 -6.94 6.38 12.67
CA GLU B 428 -7.96 7.37 13.02
C GLU B 428 -9.36 6.76 12.95
N LEU B 429 -9.66 6.05 11.86
CA LEU B 429 -11.00 5.49 11.71
C LEU B 429 -11.30 4.48 12.81
N LEU B 430 -10.33 3.62 13.14
CA LEU B 430 -10.57 2.63 14.19
C LEU B 430 -10.84 3.29 15.52
N VAL B 431 -10.06 4.32 15.88
CA VAL B 431 -10.26 4.98 17.16
C VAL B 431 -11.66 5.58 17.23
N ALA B 432 -12.08 6.26 16.16
CA ALA B 432 -13.42 6.86 16.16
C ALA B 432 -14.50 5.81 16.32
N LEU B 433 -14.40 4.71 15.58
CA LEU B 433 -15.42 3.66 15.66
C LEU B 433 -15.51 3.07 17.06
N GLU B 434 -14.36 2.78 17.67
CA GLU B 434 -14.38 2.17 19.00
C GLU B 434 -14.95 3.12 20.04
N ASN B 435 -14.61 4.41 19.96
CA ASN B 435 -15.19 5.37 20.91
C ASN B 435 -16.71 5.43 20.76
N GLN B 436 -17.19 5.44 19.52
CA GLN B 436 -18.63 5.48 19.29
C GLN B 436 -19.31 4.27 19.91
N HIS B 437 -18.75 3.08 19.71
CA HIS B 437 -19.37 1.89 20.26
C HIS B 437 -19.31 1.85 21.78
N THR B 438 -18.24 2.38 22.38
CA THR B 438 -18.16 2.42 23.84
C THR B 438 -19.25 3.31 24.43
N ILE B 439 -19.43 4.50 23.87
CA ILE B 439 -20.48 5.38 24.35
C ILE B 439 -21.85 4.72 24.18
N ASP B 440 -22.08 4.10 23.02
CA ASP B 440 -23.34 3.42 22.76
C ASP B 440 -23.62 2.35 23.81
N LEU B 441 -22.61 1.53 24.13
CA LEU B 441 -22.84 0.42 25.05
C LEU B 441 -23.12 0.92 26.46
N THR B 442 -22.42 1.98 26.89
CA THR B 442 -22.69 2.50 28.23
C THR B 442 -24.12 3.04 28.34
N ASP B 443 -24.54 3.80 27.33
CA ASP B 443 -25.91 4.33 27.34
C ASP B 443 -26.94 3.20 27.32
N SER B 444 -26.69 2.18 26.49
CA SER B 444 -27.61 1.05 26.42
C SER B 444 -27.69 0.31 27.74
N GLU B 445 -26.56 0.18 28.44
CA GLU B 445 -26.58 -0.49 29.74
C GLU B 445 -27.44 0.27 30.74
N MET B 446 -27.28 1.60 30.80
CA MET B 446 -28.13 2.39 31.69
C MET B 446 -29.61 2.21 31.34
N ASN B 447 -29.93 2.26 30.04
CA ASN B 447 -31.32 2.13 29.63
C ASN B 447 -31.88 0.75 29.98
N LYS B 448 -31.07 -0.30 29.81
CA LYS B 448 -31.52 -1.64 30.14
C LYS B 448 -31.79 -1.79 31.63
N LEU B 449 -30.93 -1.20 32.47
CA LEU B 449 -31.20 -1.24 33.90
C LEU B 449 -32.52 -0.54 34.23
N PHE B 450 -32.75 0.63 33.62
CA PHE B 450 -34.00 1.33 33.87
C PHE B 450 -35.20 0.50 33.43
N GLU B 451 -35.11 -0.14 32.27
CA GLU B 451 -36.24 -0.92 31.77
C GLU B 451 -36.49 -2.15 32.62
N LYS B 452 -35.44 -2.81 33.10
CA LYS B 452 -35.64 -3.94 34.00
C LYS B 452 -36.33 -3.51 35.29
N THR B 453 -35.90 -2.39 35.85
CA THR B 453 -36.55 -1.89 37.07
C THR B 453 -38.01 -1.55 36.79
N ARG B 454 -38.30 -0.96 35.63
CA ARG B 454 -39.69 -0.65 35.28
C ARG B 454 -40.53 -1.91 35.15
N ARG B 455 -39.99 -2.95 34.50
CA ARG B 455 -40.72 -4.20 34.36
C ARG B 455 -40.95 -4.87 35.70
N GLN B 456 -40.05 -4.66 36.65
CA GLN B 456 -40.27 -5.20 38.00
C GLN B 456 -41.54 -4.64 38.62
N LEU B 457 -41.72 -3.33 38.56
CA LEU B 457 -42.89 -2.67 39.15
C LEU B 457 -43.98 -2.60 38.08
N ARG B 458 -44.93 -3.54 38.15
CA ARG B 458 -45.95 -3.63 37.11
C ARG B 458 -46.87 -2.42 37.13
N GLU B 459 -47.62 -2.24 38.22
CA GLU B 459 -48.51 -1.09 38.34
C GLU B 459 -48.49 -0.49 39.74
N ASN B 460 -47.46 -0.76 40.52
CA ASN B 460 -47.28 -0.12 41.82
C ASN B 460 -46.49 1.17 41.73
N ALA B 461 -46.06 1.55 40.52
CA ALA B 461 -45.14 2.66 40.34
C ALA B 461 -45.60 3.56 39.21
N GLU B 462 -44.89 4.67 39.06
CA GLU B 462 -45.19 5.67 38.05
C GLU B 462 -43.92 6.52 37.86
N ASP B 463 -43.62 6.83 36.61
CA ASP B 463 -42.37 7.50 36.26
C ASP B 463 -42.59 9.01 36.18
N MET B 464 -41.86 9.76 37.00
CA MET B 464 -41.93 11.22 36.92
C MET B 464 -41.36 11.76 35.63
N GLY B 465 -40.35 11.09 35.07
CA GLY B 465 -39.68 11.55 33.87
C GLY B 465 -38.25 11.97 34.06
N ASN B 466 -37.81 12.21 35.29
CA ASN B 466 -36.42 12.51 35.59
C ASN B 466 -35.58 11.25 35.76
N GLY B 467 -36.07 10.11 35.27
CA GLY B 467 -35.42 8.84 35.52
C GLY B 467 -35.76 8.22 36.84
N CYS B 468 -36.76 8.73 37.55
CA CYS B 468 -37.11 8.29 38.88
C CYS B 468 -38.48 7.62 38.89
N PHE B 469 -38.60 6.57 39.70
CA PHE B 469 -39.87 5.93 39.97
C PHE B 469 -40.41 6.40 41.31
N LYS B 470 -41.73 6.49 41.42
CA LYS B 470 -42.38 6.73 42.69
C LYS B 470 -43.26 5.53 43.02
N ILE B 471 -43.22 5.11 44.27
CA ILE B 471 -43.92 3.91 44.72
C ILE B 471 -45.11 4.36 45.56
N TYR B 472 -46.31 3.94 45.17
CA TYR B 472 -47.52 4.43 45.82
C TYR B 472 -47.90 3.63 47.06
N HIS B 473 -47.18 2.57 47.39
CA HIS B 473 -47.37 1.88 48.65
C HIS B 473 -46.20 2.16 49.58
N LYS B 474 -46.21 1.53 50.75
CA LYS B 474 -45.15 1.72 51.73
C LYS B 474 -44.01 0.75 51.43
N CYS B 475 -42.91 1.28 50.91
CA CYS B 475 -41.73 0.48 50.55
C CYS B 475 -40.69 0.68 51.63
N ASP B 476 -40.55 -0.31 52.50
CA ASP B 476 -39.56 -0.26 53.57
C ASP B 476 -38.20 -0.65 52.99
N ASN B 477 -37.18 -0.70 53.85
CA ASN B 477 -35.83 -1.03 53.37
C ASN B 477 -35.80 -2.45 52.79
N ALA B 478 -36.54 -3.38 53.39
CA ALA B 478 -36.63 -4.72 52.82
C ALA B 478 -37.28 -4.68 51.44
N CYS B 479 -38.29 -3.83 51.26
CA CYS B 479 -38.92 -3.69 49.95
C CYS B 479 -37.92 -3.19 48.91
N ILE B 480 -37.12 -2.18 49.26
CA ILE B 480 -36.10 -1.66 48.35
C ILE B 480 -35.09 -2.75 48.03
N GLU B 481 -34.64 -3.49 49.04
CA GLU B 481 -33.63 -4.52 48.83
C GLU B 481 -34.16 -5.65 47.95
N SER B 482 -35.43 -6.02 48.13
CA SER B 482 -36.04 -7.03 47.26
C SER B 482 -36.18 -6.52 45.83
N ILE B 483 -36.51 -5.23 45.67
CA ILE B 483 -36.55 -4.64 44.33
C ILE B 483 -35.18 -4.72 43.68
N ARG B 484 -34.13 -4.42 44.44
CA ARG B 484 -32.77 -4.45 43.89
C ARG B 484 -32.36 -5.86 43.51
N ASN B 485 -32.66 -6.85 44.35
CA ASN B 485 -32.21 -8.21 44.07
C ASN B 485 -32.98 -8.84 42.91
N GLY B 486 -34.27 -8.53 42.79
CA GLY B 486 -35.08 -9.08 41.73
C GLY B 486 -36.17 -10.04 42.17
N THR B 487 -36.57 -10.02 43.43
CA THR B 487 -37.60 -10.90 43.94
C THR B 487 -38.86 -10.15 44.40
N TYR B 488 -38.92 -8.85 44.14
CA TYR B 488 -40.07 -8.06 44.55
C TYR B 488 -41.35 -8.57 43.91
N ASP B 489 -42.41 -8.70 44.72
CA ASP B 489 -43.69 -9.23 44.28
C ASP B 489 -44.73 -8.12 44.30
N HIS B 490 -45.42 -7.91 43.17
CA HIS B 490 -46.39 -6.84 43.09
C HIS B 490 -47.75 -7.22 43.68
N ASP B 491 -48.00 -8.53 43.88
CA ASP B 491 -49.30 -8.94 44.39
C ASP B 491 -49.51 -8.51 45.83
N ILE B 492 -48.44 -8.42 46.62
CA ILE B 492 -48.58 -8.05 48.03
C ILE B 492 -49.13 -6.64 48.17
N TYR B 493 -48.63 -5.71 47.36
CA TYR B 493 -49.01 -4.30 47.46
C TYR B 493 -49.94 -3.86 46.35
N ARG B 494 -50.45 -4.79 45.54
CA ARG B 494 -51.23 -4.42 44.36
C ARG B 494 -52.45 -3.60 44.72
N ASP B 495 -53.27 -4.10 45.66
CA ASP B 495 -54.52 -3.42 45.98
C ASP B 495 -54.27 -2.06 46.62
N GLU B 496 -53.32 -1.99 47.55
CA GLU B 496 -53.03 -0.73 48.22
C GLU B 496 -52.51 0.31 47.23
N ALA B 497 -51.59 -0.10 46.34
CA ALA B 497 -51.07 0.83 45.35
C ALA B 497 -52.15 1.28 44.38
N LEU B 498 -53.03 0.36 43.97
CA LEU B 498 -54.12 0.74 43.07
C LEU B 498 -55.06 1.74 43.74
N ASN B 499 -55.37 1.53 45.02
CA ASN B 499 -56.21 2.48 45.73
C ASN B 499 -55.53 3.84 45.87
N ASN B 500 -54.22 3.84 46.16
CA ASN B 500 -53.50 5.10 46.34
C ASN B 500 -53.39 5.87 45.02
N ARG B 501 -53.23 5.15 43.91
CA ARG B 501 -53.08 5.83 42.62
C ARG B 501 -54.37 6.49 42.18
N PHE B 502 -55.51 5.90 42.53
CA PHE B 502 -56.80 6.40 42.08
C PHE B 502 -57.70 6.79 43.25
N THR C 12 -62.08 16.36 24.28
CA THR C 12 -60.81 15.65 24.14
C THR C 12 -59.99 16.22 22.99
N ALA C 13 -58.74 15.79 22.89
CA ALA C 13 -57.83 16.30 21.87
C ALA C 13 -56.98 15.16 21.34
N THR C 14 -56.34 15.40 20.20
CA THR C 14 -55.43 14.44 19.59
C THR C 14 -54.14 15.16 19.22
N LEU C 15 -53.02 14.62 19.67
CA LEU C 15 -51.70 15.16 19.38
C LEU C 15 -50.90 14.14 18.60
N CYS C 16 -50.36 14.55 17.45
CA CYS C 16 -49.62 13.66 16.58
C CYS C 16 -48.22 14.23 16.33
N LEU C 17 -47.27 13.33 16.12
CA LEU C 17 -45.87 13.67 15.94
C LEU C 17 -45.38 13.08 14.63
N GLY C 18 -44.73 13.91 13.81
CA GLY C 18 -44.29 13.46 12.50
C GLY C 18 -43.07 14.22 12.03
N HIS C 19 -42.58 13.83 10.86
CA HIS C 19 -41.39 14.42 10.26
C HIS C 19 -41.69 14.80 8.82
N HIS C 20 -40.90 15.75 8.31
CA HIS C 20 -41.12 16.27 6.97
C HIS C 20 -40.69 15.26 5.90
N SER C 21 -41.27 15.41 4.72
CA SER C 21 -40.87 14.64 3.55
C SER C 21 -40.88 15.57 2.35
N VAL C 22 -40.12 15.18 1.32
CA VAL C 22 -39.94 16.01 0.15
C VAL C 22 -40.53 15.32 -1.07
N PRO C 23 -40.97 16.06 -2.09
CA PRO C 23 -41.58 15.39 -3.26
C PRO C 23 -40.64 14.46 -4.00
N ASN C 24 -39.35 14.81 -4.08
CA ASN C 24 -38.36 13.99 -4.77
C ASN C 24 -37.11 13.85 -3.91
N GLY C 25 -36.57 12.63 -3.86
CA GLY C 25 -35.43 12.33 -3.03
C GLY C 25 -34.33 11.62 -3.81
N THR C 26 -33.26 11.31 -3.10
CA THR C 26 -32.08 10.66 -3.66
C THR C 26 -31.90 9.29 -3.02
N ILE C 27 -31.36 8.36 -3.78
CA ILE C 27 -31.15 6.99 -3.32
C ILE C 27 -29.67 6.80 -2.99
N VAL C 28 -29.40 6.35 -1.77
CA VAL C 28 -28.05 6.04 -1.32
C VAL C 28 -28.03 4.59 -0.82
N LYS C 29 -26.84 4.10 -0.52
CA LYS C 29 -26.66 2.75 -0.02
C LYS C 29 -25.98 2.79 1.34
N THR C 30 -26.35 1.85 2.20
CA THR C 30 -25.83 1.75 3.56
C THR C 30 -25.27 0.34 3.78
N ILE C 31 -24.95 0.05 5.05
CA ILE C 31 -24.40 -1.26 5.38
C ILE C 31 -25.46 -2.34 5.21
N THR C 32 -26.70 -2.05 5.56
CA THR C 32 -27.76 -3.05 5.59
C THR C 32 -28.78 -2.89 4.48
N ASP C 33 -28.77 -1.79 3.73
CA ASP C 33 -29.76 -1.55 2.69
C ASP C 33 -29.08 -1.26 1.35
N ASP C 34 -29.57 -1.91 0.30
CA ASP C 34 -29.01 -1.69 -1.03
C ASP C 34 -29.41 -0.34 -1.58
N GLN C 35 -30.68 0.03 -1.45
CA GLN C 35 -31.20 1.27 -2.01
C GLN C 35 -32.21 1.85 -1.03
N ILE C 36 -31.84 2.95 -0.38
CA ILE C 36 -32.72 3.66 0.54
C ILE C 36 -32.84 5.10 0.08
N GLU C 37 -34.07 5.61 0.03
CA GLU C 37 -34.32 6.96 -0.45
C GLU C 37 -34.25 7.95 0.70
N VAL C 38 -33.54 9.06 0.48
CA VAL C 38 -33.36 10.08 1.49
C VAL C 38 -33.78 11.43 0.92
N THR C 39 -34.01 12.38 1.82
CA THR C 39 -34.53 13.68 1.42
C THR C 39 -33.48 14.57 0.76
N ASN C 40 -32.19 14.29 0.97
CA ASN C 40 -31.14 15.16 0.46
C ASN C 40 -29.82 14.40 0.50
N ALA C 41 -29.00 14.61 -0.53
CA ALA C 41 -27.71 13.94 -0.64
C ALA C 41 -26.77 14.80 -1.45
N THR C 42 -25.47 14.56 -1.27
CA THR C 42 -24.42 15.31 -1.95
C THR C 42 -23.45 14.36 -2.63
N GLU C 43 -22.76 14.88 -3.65
CA GLU C 43 -21.78 14.11 -4.40
C GLU C 43 -20.39 14.31 -3.82
N LEU C 44 -19.61 13.23 -3.78
CA LEU C 44 -18.30 13.25 -3.16
C LEU C 44 -17.14 13.02 -4.13
N VAL C 45 -17.41 12.74 -5.40
CA VAL C 45 -16.38 12.45 -6.37
C VAL C 45 -16.43 13.49 -7.49
N GLN C 46 -15.32 14.15 -7.72
CA GLN C 46 -15.18 15.08 -8.84
C GLN C 46 -14.79 14.32 -10.09
N ASN C 47 -15.56 14.48 -11.16
CA ASN C 47 -15.36 13.68 -12.37
C ASN C 47 -15.37 14.53 -13.64
N SER C 48 -15.10 15.84 -13.53
CA SER C 48 -15.10 16.71 -14.69
C SER C 48 -14.06 17.80 -14.52
N SER C 49 -13.70 18.42 -15.64
CA SER C 49 -12.73 19.50 -15.66
C SER C 49 -13.07 20.45 -16.80
N THR C 50 -12.51 21.66 -16.72
CA THR C 50 -12.75 22.66 -17.75
C THR C 50 -11.84 22.49 -18.96
N GLY C 51 -10.79 21.68 -18.85
CA GLY C 51 -9.86 21.48 -19.95
C GLY C 51 -8.76 22.51 -20.06
N LYS C 52 -8.62 23.39 -19.07
CA LYS C 52 -7.60 24.42 -19.06
C LYS C 52 -6.74 24.28 -17.81
N ILE C 53 -5.54 24.85 -17.86
CA ILE C 53 -4.61 24.83 -16.74
C ILE C 53 -4.47 26.25 -16.21
N CYS C 54 -4.69 26.41 -14.91
CA CYS C 54 -4.63 27.72 -14.29
C CYS C 54 -3.20 28.08 -13.92
N ASN C 55 -2.85 29.36 -14.07
CA ASN C 55 -1.50 29.83 -13.81
C ASN C 55 -1.34 30.47 -12.44
N ASN C 56 -2.33 30.35 -11.56
CA ASN C 56 -2.23 30.83 -10.20
C ASN C 56 -2.75 29.78 -9.23
N PRO C 57 -2.14 29.66 -8.05
CA PRO C 57 -0.98 30.40 -7.55
C PRO C 57 0.34 29.71 -7.88
N HIS C 58 0.33 28.62 -8.64
CA HIS C 58 1.57 27.97 -9.03
C HIS C 58 2.16 28.64 -10.26
N LYS C 59 3.48 28.60 -10.36
CA LYS C 59 4.19 29.12 -11.53
C LYS C 59 4.30 28.01 -12.56
N VAL C 60 3.52 28.11 -13.62
CA VAL C 60 3.46 27.09 -14.67
C VAL C 60 4.24 27.60 -15.86
N LEU C 61 5.21 26.81 -16.31
CA LEU C 61 6.07 27.17 -17.43
C LEU C 61 5.70 26.30 -18.63
N ASP C 62 5.43 26.94 -19.76
CA ASP C 62 5.00 26.24 -20.97
C ASP C 62 6.23 25.84 -21.77
N GLY C 63 6.43 24.53 -21.93
CA GLY C 63 7.59 24.04 -22.67
C GLY C 63 7.52 24.23 -24.16
N ARG C 64 6.32 24.37 -24.72
CA ARG C 64 6.10 24.54 -26.16
C ARG C 64 6.73 23.36 -26.89
N ASP C 65 7.64 23.57 -27.84
CA ASP C 65 8.25 22.49 -28.59
C ASP C 65 9.62 22.11 -28.06
N CYS C 66 9.87 22.35 -26.77
CA CYS C 66 11.15 22.06 -26.15
C CYS C 66 10.94 21.14 -24.96
N THR C 67 11.75 20.09 -24.87
CA THR C 67 11.76 19.27 -23.68
C THR C 67 12.65 19.91 -22.61
N LEU C 68 12.66 19.31 -21.42
CA LEU C 68 13.49 19.85 -20.35
C LEU C 68 14.97 19.60 -20.61
N ILE C 69 15.32 18.42 -21.12
CA ILE C 69 16.71 18.11 -21.41
C ILE C 69 17.24 18.99 -22.53
N ASP C 70 16.43 19.21 -23.57
CA ASP C 70 16.84 20.08 -24.68
C ASP C 70 17.04 21.51 -24.20
N ALA C 71 16.16 22.00 -23.32
CA ALA C 71 16.33 23.34 -22.77
C ALA C 71 17.59 23.42 -21.91
N MET C 72 17.87 22.38 -21.13
CA MET C 72 19.05 22.39 -20.28
C MET C 72 20.33 22.36 -21.11
N LEU C 73 20.39 21.51 -22.13
CA LEU C 73 21.61 21.37 -22.92
C LEU C 73 21.94 22.64 -23.69
N GLY C 74 20.93 23.35 -24.18
CA GLY C 74 21.17 24.55 -24.95
C GLY C 74 20.88 24.39 -26.43
N ASP C 75 19.81 23.69 -26.75
CA ASP C 75 19.40 23.56 -28.15
C ASP C 75 19.11 24.95 -28.72
N PRO C 76 19.60 25.25 -29.93
CA PRO C 76 19.44 26.62 -30.46
C PRO C 76 18.01 27.10 -30.53
N HIS C 77 17.06 26.21 -30.82
CA HIS C 77 15.65 26.62 -30.81
C HIS C 77 15.05 26.57 -29.42
N CYS C 78 15.82 26.17 -28.41
CA CYS C 78 15.40 26.20 -27.01
C CYS C 78 16.20 27.20 -26.20
N ASP C 79 16.65 28.29 -26.82
CA ASP C 79 17.47 29.27 -26.13
C ASP C 79 16.64 30.24 -25.30
N VAL C 80 15.32 30.28 -25.52
CA VAL C 80 14.46 31.15 -24.73
C VAL C 80 14.40 30.68 -23.28
N PHE C 81 14.55 29.37 -23.06
CA PHE C 81 14.39 28.78 -21.74
C PHE C 81 15.66 28.83 -20.90
N GLN C 82 16.57 29.76 -21.19
CA GLN C 82 17.81 29.88 -20.43
C GLN C 82 17.56 30.62 -19.12
N ASP C 83 18.05 30.06 -18.03
CA ASP C 83 17.92 30.65 -16.70
C ASP C 83 16.45 30.89 -16.34
N GLU C 84 15.68 29.81 -16.27
CA GLU C 84 14.26 29.87 -15.96
C GLU C 84 13.97 29.17 -14.65
N LYS C 85 12.84 29.55 -14.05
CA LYS C 85 12.36 28.96 -12.81
C LYS C 85 10.92 28.51 -12.99
N TRP C 86 10.54 27.47 -12.25
CA TRP C 86 9.19 26.94 -12.39
C TRP C 86 8.79 26.23 -11.11
N ASP C 87 7.47 26.12 -10.91
CA ASP C 87 6.89 25.17 -9.99
C ASP C 87 6.38 23.92 -10.69
N LEU C 88 5.95 24.05 -11.94
CA LEU C 88 5.53 22.94 -12.77
C LEU C 88 5.99 23.19 -14.19
N PHE C 89 6.54 22.14 -14.81
CA PHE C 89 6.97 22.18 -16.20
C PHE C 89 6.05 21.30 -17.03
N VAL C 90 5.47 21.86 -18.09
CA VAL C 90 4.52 21.16 -18.93
C VAL C 90 5.20 20.84 -20.25
N GLU C 91 5.32 19.55 -20.56
CA GLU C 91 5.93 19.08 -21.80
C GLU C 91 4.83 18.74 -22.80
N ARG C 92 4.82 19.44 -23.93
CA ARG C 92 3.84 19.15 -24.96
C ARG C 92 4.24 17.93 -25.77
N SER C 93 3.26 17.31 -26.41
CA SER C 93 3.49 16.10 -27.18
C SER C 93 4.10 16.37 -28.56
N SER C 94 4.23 17.63 -28.95
CA SER C 94 4.78 17.98 -30.26
C SER C 94 6.21 18.51 -30.16
N ALA C 95 6.95 18.15 -29.11
CA ALA C 95 8.33 18.57 -28.97
C ALA C 95 9.23 17.81 -29.95
N PHE C 96 10.35 18.43 -30.30
CA PHE C 96 11.28 17.83 -31.25
C PHE C 96 12.68 18.38 -31.00
N SER C 97 13.66 17.69 -31.57
CA SER C 97 15.07 18.06 -31.44
C SER C 97 15.60 18.56 -32.77
N ASN C 98 16.49 19.54 -32.73
CA ASN C 98 17.04 20.16 -33.93
C ASN C 98 18.53 20.41 -33.79
N CYS C 99 19.25 19.44 -33.22
CA CYS C 99 20.69 19.58 -33.01
C CYS C 99 21.34 18.23 -33.29
N TYR C 100 22.58 18.09 -32.87
CA TYR C 100 23.33 16.86 -33.11
C TYR C 100 22.66 15.68 -32.41
N PRO C 101 22.48 14.54 -33.08
CA PRO C 101 21.82 13.41 -32.43
C PRO C 101 22.58 12.94 -31.20
N TYR C 102 21.84 12.57 -30.17
CA TYR C 102 22.43 12.21 -28.90
C TYR C 102 21.54 11.21 -28.18
N ASP C 103 22.04 10.67 -27.08
CA ASP C 103 21.24 9.85 -26.19
C ASP C 103 21.75 10.05 -24.77
N VAL C 104 20.86 9.87 -23.80
CA VAL C 104 21.22 9.97 -22.40
C VAL C 104 21.06 8.60 -21.75
N PRO C 105 22.14 7.91 -21.39
CA PRO C 105 22.00 6.73 -20.54
C PRO C 105 21.41 7.13 -19.20
N ASP C 106 20.38 6.39 -18.77
CA ASP C 106 19.64 6.71 -17.56
C ASP C 106 18.98 8.08 -17.67
N TYR C 107 18.18 8.22 -18.74
CA TYR C 107 17.55 9.49 -19.08
C TYR C 107 16.53 9.92 -18.03
N ALA C 108 15.74 8.97 -17.52
CA ALA C 108 14.64 9.32 -16.62
C ALA C 108 15.14 9.93 -15.32
N SER C 109 16.25 9.40 -14.78
CA SER C 109 16.77 9.94 -13.53
C SER C 109 17.25 11.37 -13.70
N LEU C 110 17.96 11.67 -14.79
CA LEU C 110 18.41 13.04 -15.02
C LEU C 110 17.23 13.97 -15.23
N ARG C 111 16.22 13.51 -15.99
CA ARG C 111 15.03 14.34 -16.21
C ARG C 111 14.33 14.66 -14.89
N SER C 112 14.15 13.64 -14.03
CA SER C 112 13.50 13.87 -12.75
C SER C 112 14.33 14.77 -11.85
N LEU C 113 15.66 14.60 -11.87
CA LEU C 113 16.53 15.43 -11.05
C LEU C 113 16.43 16.90 -11.47
N ILE C 114 16.48 17.16 -12.78
CA ILE C 114 16.38 18.54 -13.25
C ILE C 114 15.01 19.12 -12.92
N ALA C 115 13.95 18.33 -13.11
CA ALA C 115 12.61 18.82 -12.81
C ALA C 115 12.45 19.15 -11.34
N SER C 116 12.96 18.29 -10.46
CA SER C 116 12.84 18.52 -9.03
C SER C 116 13.72 19.67 -8.56
N SER C 117 14.84 19.92 -9.25
CA SER C 117 15.68 21.05 -8.89
C SER C 117 14.92 22.37 -9.04
N GLY C 118 14.15 22.51 -10.11
CA GLY C 118 13.26 23.64 -10.25
C GLY C 118 13.86 24.89 -10.82
N THR C 119 15.10 24.85 -11.31
CA THR C 119 15.72 26.04 -11.88
C THR C 119 16.80 25.63 -12.86
N LEU C 120 17.03 26.49 -13.85
CA LEU C 120 18.06 26.29 -14.87
C LEU C 120 19.13 27.37 -14.77
N ASP C 121 19.49 27.74 -13.55
CA ASP C 121 20.49 28.77 -13.32
C ASP C 121 21.87 28.20 -13.63
N PHE C 122 22.58 28.84 -14.57
CA PHE C 122 23.85 28.35 -15.08
C PHE C 122 24.93 29.40 -14.84
N ILE C 123 26.07 28.97 -14.30
CA ILE C 123 27.20 29.85 -14.02
C ILE C 123 28.39 29.35 -14.80
N THR C 124 29.04 30.26 -15.54
CA THR C 124 30.17 29.91 -16.38
C THR C 124 31.46 29.92 -15.59
N GLU C 125 32.27 28.88 -15.78
CA GLU C 125 33.57 28.76 -15.15
C GLU C 125 34.67 28.87 -16.21
N SER C 126 35.88 29.17 -15.75
CA SER C 126 37.01 29.43 -16.63
C SER C 126 37.91 28.20 -16.69
N PHE C 127 37.52 27.26 -17.54
CA PHE C 127 38.37 26.11 -17.81
C PHE C 127 39.49 26.48 -18.77
N THR C 128 40.57 25.71 -18.74
CA THR C 128 41.73 25.96 -19.59
C THR C 128 42.11 24.65 -20.26
N TRP C 129 41.82 24.54 -21.55
CA TRP C 129 42.14 23.35 -22.35
C TRP C 129 43.33 23.72 -23.23
N ALA C 130 44.50 23.18 -22.91
CA ALA C 130 45.75 23.56 -23.56
C ALA C 130 46.08 22.58 -24.68
N GLY C 131 46.25 23.10 -25.89
CA GLY C 131 46.70 22.32 -27.01
C GLY C 131 45.60 21.76 -27.90
N VAL C 132 44.36 22.22 -27.75
CA VAL C 132 43.24 21.71 -28.54
C VAL C 132 42.47 22.89 -29.11
N SER C 133 41.62 22.59 -30.09
CA SER C 133 40.74 23.57 -30.69
C SER C 133 39.37 23.49 -30.04
N GLN C 134 38.76 24.64 -29.79
CA GLN C 134 37.52 24.73 -29.06
C GLN C 134 36.39 25.22 -29.96
N ASN C 135 35.17 25.12 -29.44
CA ASN C 135 33.96 25.63 -30.11
C ASN C 135 33.77 24.99 -31.48
N GLY C 136 33.64 23.66 -31.47
CA GLY C 136 33.31 22.94 -32.68
C GLY C 136 31.82 22.91 -32.93
N GLY C 137 31.45 22.65 -34.18
CA GLY C 137 30.05 22.62 -34.56
C GLY C 137 29.70 21.54 -35.55
N SER C 138 28.49 21.60 -36.11
CA SER C 138 28.03 20.64 -37.10
C SER C 138 26.88 21.25 -37.88
N SER C 139 26.62 20.68 -39.06
CA SER C 139 25.52 21.17 -39.89
C SER C 139 24.17 20.69 -39.39
N ALA C 140 24.12 19.74 -38.46
CA ALA C 140 22.86 19.29 -37.89
C ALA C 140 22.33 20.22 -36.82
N CYS C 141 23.14 21.18 -36.36
CA CYS C 141 22.76 22.11 -35.30
C CYS C 141 23.02 23.51 -35.83
N LYS C 142 22.04 24.09 -36.52
CA LYS C 142 22.21 25.34 -37.23
C LYS C 142 21.86 26.52 -36.34
N ARG C 143 22.73 27.52 -36.31
CA ARG C 143 22.44 28.82 -35.71
C ARG C 143 22.48 29.83 -36.85
N GLY C 144 21.36 29.98 -37.54
CA GLY C 144 21.32 30.78 -38.75
C GLY C 144 22.12 30.14 -39.85
N PRO C 145 22.79 30.96 -40.67
CA PRO C 145 23.64 30.41 -41.73
C PRO C 145 24.80 29.57 -41.20
N ALA C 146 25.32 29.95 -40.04
CA ALA C 146 26.50 29.30 -39.47
C ALA C 146 26.14 27.99 -38.78
N ASN C 147 27.15 27.14 -38.63
CA ASN C 147 26.99 25.91 -37.86
C ASN C 147 27.12 26.19 -36.38
N GLY C 148 26.60 25.26 -35.57
CA GLY C 148 26.62 25.46 -34.13
C GLY C 148 26.62 24.17 -33.33
N PHE C 149 26.33 24.29 -32.04
CA PHE C 149 26.34 23.17 -31.11
C PHE C 149 25.48 23.57 -29.92
N PHE C 150 25.37 22.66 -28.95
CA PHE C 150 24.70 23.00 -27.70
C PHE C 150 25.43 24.16 -27.02
N SER C 151 24.65 25.10 -26.50
CA SER C 151 25.25 26.32 -25.96
C SER C 151 25.93 26.09 -24.62
N ARG C 152 25.70 24.96 -23.97
CA ARG C 152 26.28 24.67 -22.67
C ARG C 152 27.40 23.64 -22.74
N LEU C 153 27.78 23.20 -23.93
CA LEU C 153 28.80 22.18 -24.10
C LEU C 153 29.87 22.67 -25.06
N ASN C 154 31.08 22.15 -24.88
CA ASN C 154 32.24 22.54 -25.67
C ASN C 154 32.77 21.31 -26.40
N TRP C 155 32.89 21.42 -27.71
CA TRP C 155 33.38 20.32 -28.55
C TRP C 155 34.86 20.57 -28.86
N LEU C 156 35.73 19.72 -28.33
CA LEU C 156 37.16 19.87 -28.49
C LEU C 156 37.68 18.87 -29.53
N THR C 157 38.54 19.35 -30.43
CA THR C 157 39.15 18.51 -31.45
C THR C 157 40.64 18.82 -31.50
N LYS C 158 41.33 18.18 -32.43
CA LYS C 158 42.77 18.35 -32.56
C LYS C 158 43.10 19.77 -33.02
N SER C 159 44.28 20.25 -32.61
CA SER C 159 44.79 21.56 -33.01
C SER C 159 46.11 21.35 -33.74
N GLY C 160 46.09 21.55 -35.05
CA GLY C 160 47.25 21.25 -35.86
C GLY C 160 47.29 19.79 -36.24
N SER C 161 48.17 19.02 -35.61
CA SER C 161 48.25 17.59 -35.85
C SER C 161 48.48 16.81 -34.55
N SER C 162 47.98 17.33 -33.43
CA SER C 162 48.21 16.70 -32.14
C SER C 162 47.01 16.92 -31.25
N TYR C 163 46.69 15.91 -30.45
CA TYR C 163 45.68 16.00 -29.40
C TYR C 163 46.33 15.53 -28.11
N PRO C 164 46.78 16.46 -27.25
CA PRO C 164 47.50 16.06 -26.04
C PRO C 164 46.57 15.44 -25.01
N LEU C 165 47.17 15.06 -23.89
CA LEU C 165 46.42 14.51 -22.77
C LEU C 165 45.90 15.66 -21.91
N LEU C 166 44.58 15.85 -21.92
CA LEU C 166 43.96 16.95 -21.17
C LEU C 166 43.75 16.53 -19.73
N ASN C 167 44.24 17.34 -18.80
CA ASN C 167 44.15 17.05 -17.38
C ASN C 167 43.95 18.37 -16.65
N VAL C 168 42.68 18.71 -16.36
CA VAL C 168 42.34 19.95 -15.70
C VAL C 168 41.64 19.62 -14.38
N THR C 169 41.48 20.65 -13.55
CA THR C 169 40.84 20.51 -12.26
C THR C 169 40.02 21.76 -11.96
N MET C 170 39.02 21.60 -11.10
CA MET C 170 38.17 22.71 -10.69
C MET C 170 37.57 22.44 -9.33
N PRO C 171 37.94 23.20 -8.30
CA PRO C 171 37.45 22.94 -6.94
C PRO C 171 36.12 23.62 -6.67
N ASN C 172 35.43 23.10 -5.65
CA ASN C 172 34.15 23.63 -5.20
C ASN C 172 34.38 24.37 -3.88
N ASN C 173 34.51 25.69 -3.96
CA ASN C 173 34.76 26.52 -2.79
C ASN C 173 33.50 27.19 -2.26
N TYR C 174 32.33 26.91 -2.83
CA TYR C 174 31.09 27.52 -2.40
C TYR C 174 30.46 26.69 -1.28
N ASN C 175 29.23 27.04 -0.91
CA ASN C 175 28.48 26.33 0.13
C ASN C 175 27.27 25.60 -0.43
N PHE C 176 27.32 25.18 -1.69
CA PHE C 176 26.24 24.45 -2.32
C PHE C 176 26.83 23.47 -3.33
N ASP C 177 26.00 22.50 -3.73
CA ASP C 177 26.43 21.50 -4.70
C ASP C 177 26.50 22.09 -6.10
N LYS C 178 27.31 21.46 -6.94
CA LYS C 178 27.42 21.80 -8.34
C LYS C 178 27.01 20.61 -9.18
N LEU C 179 26.41 20.87 -10.34
CA LEU C 179 26.03 19.84 -11.29
C LEU C 179 26.75 20.12 -12.60
N TYR C 180 27.49 19.14 -13.09
CA TYR C 180 28.26 19.26 -14.32
C TYR C 180 27.68 18.33 -15.37
N ILE C 181 27.55 18.82 -16.61
CA ILE C 181 27.06 18.04 -17.73
C ILE C 181 28.16 17.97 -18.78
N TRP C 182 28.56 16.76 -19.13
CA TRP C 182 29.59 16.54 -20.14
C TRP C 182 29.14 15.40 -21.04
N GLY C 183 29.93 15.13 -22.08
CA GLY C 183 29.55 14.11 -23.03
C GLY C 183 30.76 13.44 -23.68
N VAL C 184 30.48 12.35 -24.37
CA VAL C 184 31.48 11.58 -25.10
C VAL C 184 30.98 11.38 -26.52
N HIS C 185 31.84 11.62 -27.50
CA HIS C 185 31.46 11.53 -28.91
C HIS C 185 31.84 10.16 -29.46
N HIS C 186 30.89 9.53 -30.15
CA HIS C 186 31.11 8.23 -30.77
C HIS C 186 31.23 8.40 -32.28
N PRO C 187 32.43 8.35 -32.85
CA PRO C 187 32.57 8.49 -34.30
C PRO C 187 32.05 7.27 -35.04
N SER C 188 31.70 7.48 -36.30
CA SER C 188 31.11 6.40 -37.10
C SER C 188 32.14 5.50 -37.75
N THR C 189 33.30 6.03 -38.10
CA THR C 189 34.34 5.25 -38.78
C THR C 189 35.68 5.49 -38.10
N ASN C 190 36.62 4.58 -38.34
CA ASN C 190 37.98 4.74 -37.83
C ASN C 190 38.64 5.96 -38.43
N GLN C 191 38.39 6.23 -39.72
CA GLN C 191 39.00 7.39 -40.36
C GLN C 191 38.52 8.69 -39.74
N GLU C 192 37.22 8.78 -39.46
CA GLU C 192 36.68 9.98 -38.80
C GLU C 192 37.29 10.15 -37.41
N GLN C 193 37.43 9.05 -36.67
CA GLN C 193 38.04 9.13 -35.35
C GLN C 193 39.47 9.64 -35.44
N THR C 194 40.25 9.11 -36.38
CA THR C 194 41.63 9.53 -36.52
C THR C 194 41.74 10.98 -36.98
N ASN C 195 40.86 11.39 -37.89
CA ASN C 195 40.90 12.77 -38.38
C ASN C 195 40.52 13.76 -37.29
N LEU C 196 39.48 13.46 -36.51
CA LEU C 196 39.06 14.40 -35.47
C LEU C 196 40.06 14.42 -34.31
N TYR C 197 40.47 13.24 -33.84
CA TYR C 197 41.43 13.11 -32.75
C TYR C 197 42.56 12.21 -33.20
N VAL C 198 43.79 12.60 -32.86
CA VAL C 198 44.96 11.89 -33.37
C VAL C 198 44.97 10.44 -32.89
N GLN C 199 44.65 10.23 -31.62
CA GLN C 199 44.66 8.88 -31.06
C GLN C 199 43.60 8.01 -31.72
N ALA C 200 43.96 6.76 -31.98
CA ALA C 200 43.05 5.81 -32.61
C ALA C 200 41.99 5.29 -31.65
N SER C 201 42.12 5.57 -30.35
CA SER C 201 41.14 5.11 -29.36
C SER C 201 41.20 6.06 -28.18
N GLY C 202 40.21 6.96 -28.09
CA GLY C 202 40.17 7.92 -27.02
C GLY C 202 39.62 7.35 -25.73
N ARG C 203 39.56 8.22 -24.72
CA ARG C 203 39.12 7.83 -23.39
C ARG C 203 38.77 9.09 -22.61
N VAL C 204 37.71 9.01 -21.81
CA VAL C 204 37.25 10.14 -21.01
C VAL C 204 37.02 9.64 -19.57
N THR C 205 37.71 10.26 -18.62
CA THR C 205 37.55 9.93 -17.20
C THR C 205 37.22 11.20 -16.43
N VAL C 206 36.11 11.18 -15.69
CA VAL C 206 35.70 12.28 -14.84
C VAL C 206 35.44 11.75 -13.45
N SER C 207 36.09 12.33 -12.44
CA SER C 207 36.09 11.75 -11.10
C SER C 207 36.09 12.85 -10.05
N THR C 208 35.65 12.47 -8.85
CA THR C 208 35.78 13.30 -7.66
C THR C 208 36.48 12.49 -6.57
N ARG C 209 36.49 12.99 -5.34
CA ARG C 209 37.14 12.27 -4.26
C ARG C 209 36.36 11.03 -3.82
N ARG C 210 35.13 10.85 -4.29
CA ARG C 210 34.32 9.72 -3.88
C ARG C 210 33.61 9.02 -5.03
N SER C 211 33.88 9.39 -6.28
CA SER C 211 33.25 8.75 -7.43
C SER C 211 34.14 8.88 -8.63
N GLN C 212 33.89 8.05 -9.64
CA GLN C 212 34.67 8.08 -10.86
C GLN C 212 33.89 7.39 -11.98
N GLN C 213 34.00 7.95 -13.19
CA GLN C 213 33.38 7.37 -14.37
C GLN C 213 34.36 7.45 -15.53
N THR C 214 34.46 6.36 -16.30
CA THR C 214 35.30 6.32 -17.48
C THR C 214 34.54 5.70 -18.63
N ILE C 215 34.53 6.36 -19.78
CA ILE C 215 33.83 5.89 -20.97
C ILE C 215 34.83 5.79 -22.11
N VAL C 216 34.86 4.63 -22.75
CA VAL C 216 35.65 4.42 -23.97
C VAL C 216 34.70 4.51 -25.15
N PRO C 217 34.90 5.46 -26.07
CA PRO C 217 33.91 5.65 -27.14
C PRO C 217 33.82 4.45 -28.07
N ASN C 218 32.61 4.20 -28.54
CA ASN C 218 32.34 3.15 -29.52
C ASN C 218 32.52 3.69 -30.93
N ILE C 219 32.61 2.78 -31.89
CA ILE C 219 32.80 3.14 -33.29
C ILE C 219 31.89 2.26 -34.14
N GLY C 220 31.18 2.88 -35.09
CA GLY C 220 30.31 2.14 -35.98
C GLY C 220 29.27 3.02 -36.63
N SER C 221 28.70 2.53 -37.73
CA SER C 221 27.69 3.30 -38.44
C SER C 221 26.35 3.22 -37.72
N ARG C 222 25.57 4.29 -37.87
CA ARG C 222 24.26 4.41 -37.26
C ARG C 222 23.32 5.04 -38.27
N PRO C 223 22.00 4.88 -38.09
CA PRO C 223 21.05 5.51 -39.02
C PRO C 223 21.22 7.01 -39.06
N TRP C 224 21.05 7.58 -40.24
CA TRP C 224 21.24 9.01 -40.43
C TRP C 224 20.17 9.79 -39.67
N VAL C 225 20.61 10.76 -38.88
CA VAL C 225 19.72 11.71 -38.21
C VAL C 225 20.26 13.10 -38.51
N ARG C 226 19.55 13.85 -39.35
CA ARG C 226 19.95 15.19 -39.76
C ARG C 226 21.33 15.19 -40.40
N GLY C 227 21.63 14.14 -41.16
CA GLY C 227 22.87 14.05 -41.90
C GLY C 227 24.06 13.50 -41.13
N GLN C 228 23.86 13.00 -39.92
CA GLN C 228 24.95 12.49 -39.09
C GLN C 228 24.71 11.04 -38.75
N SER C 229 25.80 10.26 -38.73
CA SER C 229 25.75 8.87 -38.31
C SER C 229 26.56 8.60 -37.05
N GLY C 230 27.02 9.64 -36.37
CA GLY C 230 27.68 9.49 -35.09
C GLY C 230 26.86 10.10 -33.97
N ARG C 231 27.04 9.58 -32.75
CA ARG C 231 26.20 9.94 -31.62
C ARG C 231 27.02 10.59 -30.53
N ILE C 232 26.32 11.14 -29.54
CA ILE C 232 26.92 11.71 -28.35
C ILE C 232 26.16 11.19 -27.15
N SER C 233 26.87 10.75 -26.11
CA SER C 233 26.26 10.28 -24.87
C SER C 233 26.48 11.31 -23.78
N ILE C 234 25.45 11.58 -23.00
CA ILE C 234 25.44 12.65 -22.01
C ILE C 234 25.53 12.04 -20.62
N TYR C 235 26.48 12.53 -19.82
CA TYR C 235 26.66 12.10 -18.44
C TYR C 235 26.66 13.31 -17.52
N TRP C 236 26.48 13.07 -16.23
CA TRP C 236 26.44 14.15 -15.26
C TRP C 236 27.20 13.75 -14.00
N THR C 237 27.69 14.76 -13.27
CA THR C 237 28.46 14.59 -12.05
C THR C 237 28.10 15.70 -11.08
N ILE C 238 27.92 15.34 -9.81
CA ILE C 238 27.56 16.28 -8.76
C ILE C 238 28.75 16.43 -7.81
N VAL C 239 29.15 17.67 -7.55
CA VAL C 239 30.30 17.98 -6.70
C VAL C 239 29.78 18.67 -5.45
N LYS C 240 30.00 18.03 -4.29
CA LYS C 240 29.60 18.58 -3.01
C LYS C 240 30.56 19.68 -2.58
N PRO C 241 30.13 20.56 -1.67
CA PRO C 241 31.04 21.58 -1.15
C PRO C 241 32.25 20.94 -0.48
N GLY C 242 33.42 21.54 -0.70
CA GLY C 242 34.66 21.00 -0.19
C GLY C 242 35.28 19.91 -1.04
N ASP C 243 34.66 19.53 -2.15
CA ASP C 243 35.17 18.51 -3.03
C ASP C 243 35.90 19.15 -4.21
N VAL C 244 36.32 18.32 -5.17
CA VAL C 244 37.09 18.79 -6.31
C VAL C 244 36.81 17.87 -7.49
N LEU C 245 36.87 18.44 -8.69
CA LEU C 245 36.62 17.71 -9.92
C LEU C 245 37.89 17.68 -10.77
N VAL C 246 38.19 16.51 -11.34
CA VAL C 246 39.30 16.35 -12.26
C VAL C 246 38.78 15.72 -13.54
N ILE C 247 39.10 16.33 -14.67
CA ILE C 247 38.71 15.82 -15.98
C ILE C 247 39.97 15.41 -16.72
N ASN C 248 40.10 14.11 -16.98
CA ASN C 248 41.27 13.55 -17.66
C ASN C 248 40.80 12.88 -18.94
N SER C 249 41.43 13.24 -20.06
CA SER C 249 41.00 12.72 -21.36
C SER C 249 42.12 12.90 -22.37
N ASN C 250 42.20 11.94 -23.30
CA ASN C 250 43.10 12.03 -24.45
C ASN C 250 42.34 11.96 -25.76
N GLY C 251 41.04 12.24 -25.74
CA GLY C 251 40.23 12.23 -26.95
C GLY C 251 38.76 12.01 -26.69
N ASN C 252 37.92 12.49 -27.61
CA ASN C 252 36.47 12.21 -27.60
C ASN C 252 35.77 12.84 -26.40
N LEU C 253 36.15 14.06 -26.05
CA LEU C 253 35.58 14.75 -24.90
C LEU C 253 34.71 15.90 -25.37
N ILE C 254 33.50 15.97 -24.83
CA ILE C 254 32.60 17.10 -25.02
C ILE C 254 32.61 17.87 -23.71
N ALA C 255 33.43 18.92 -23.66
CA ALA C 255 33.75 19.57 -22.40
C ALA C 255 32.56 20.38 -21.89
N PRO C 256 32.44 20.55 -20.58
CA PRO C 256 31.43 21.45 -20.02
C PRO C 256 31.94 22.87 -19.96
N ARG C 257 30.99 23.82 -19.94
CA ARG C 257 31.30 25.23 -19.87
C ARG C 257 31.04 25.84 -18.51
N GLY C 258 30.53 25.07 -17.56
CA GLY C 258 30.19 25.62 -16.25
C GLY C 258 29.41 24.61 -15.45
N PHE C 259 28.67 25.11 -14.46
CA PHE C 259 27.90 24.25 -13.57
C PHE C 259 26.50 24.80 -13.39
N PHE C 260 25.59 23.92 -12.99
CA PHE C 260 24.22 24.27 -12.65
C PHE C 260 24.07 24.28 -11.13
N LYS C 261 23.21 25.17 -10.63
CA LYS C 261 22.88 25.18 -9.21
C LYS C 261 21.69 24.26 -8.95
N ILE C 262 21.92 23.20 -8.20
CA ILE C 262 20.89 22.22 -7.86
C ILE C 262 20.34 22.57 -6.49
N ARG C 263 19.02 22.56 -6.38
CA ARG C 263 18.33 23.00 -5.17
C ARG C 263 17.43 21.89 -4.66
N THR C 264 16.72 22.19 -3.57
CA THR C 264 15.70 21.32 -3.00
C THR C 264 14.40 22.10 -2.91
N GLY C 265 13.32 21.52 -3.41
CA GLY C 265 12.06 22.22 -3.42
C GLY C 265 10.90 21.31 -3.75
N ARG C 266 9.84 21.93 -4.29
CA ARG C 266 8.60 21.23 -4.58
C ARG C 266 8.24 21.28 -6.06
N SER C 267 9.22 21.49 -6.93
CA SER C 267 8.94 21.57 -8.36
C SER C 267 8.78 20.17 -8.94
N SER C 268 8.20 20.11 -10.14
CA SER C 268 7.96 18.83 -10.81
C SER C 268 7.75 19.11 -12.30
N ILE C 269 7.35 18.07 -13.04
CA ILE C 269 7.17 18.15 -14.49
C ILE C 269 5.94 17.36 -14.87
N MET C 270 5.24 17.83 -15.91
CA MET C 270 4.01 17.22 -16.38
C MET C 270 4.04 17.09 -17.89
N ARG C 271 3.30 16.10 -18.40
CA ARG C 271 3.00 15.98 -19.82
C ARG C 271 1.52 16.29 -20.01
N SER C 272 1.23 17.31 -20.81
CA SER C 272 -0.15 17.74 -20.99
C SER C 272 -0.25 18.60 -22.23
N ASP C 273 -1.42 18.52 -22.89
CA ASP C 273 -1.72 19.33 -24.05
C ASP C 273 -2.78 20.39 -23.79
N ALA C 274 -3.25 20.50 -22.55
CA ALA C 274 -4.28 21.48 -22.24
C ALA C 274 -3.71 22.90 -22.28
N PRO C 275 -4.44 23.86 -22.83
CA PRO C 275 -3.95 25.24 -22.83
C PRO C 275 -3.94 25.84 -21.43
N ILE C 276 -3.20 26.94 -21.30
CA ILE C 276 -3.05 27.65 -20.04
C ILE C 276 -3.78 28.98 -20.13
N GLU C 277 -4.66 29.24 -19.18
CA GLU C 277 -5.44 30.47 -19.14
C GLU C 277 -5.22 31.17 -17.80
N THR C 278 -5.88 32.32 -17.65
CA THR C 278 -5.77 33.13 -16.44
C THR C 278 -6.90 32.74 -15.49
N CYS C 279 -6.58 31.96 -14.47
CA CYS C 279 -7.55 31.54 -13.47
C CYS C 279 -6.79 31.11 -12.22
N ILE C 280 -7.54 30.84 -11.16
CA ILE C 280 -6.97 30.48 -9.87
C ILE C 280 -7.45 29.08 -9.50
N SER C 281 -6.52 28.15 -9.33
CA SER C 281 -6.83 26.79 -8.91
C SER C 281 -5.60 26.20 -8.24
N GLU C 282 -5.82 25.30 -7.28
CA GLU C 282 -4.72 24.68 -6.55
C GLU C 282 -4.39 23.28 -7.06
N CYS C 283 -5.23 22.69 -7.91
CA CYS C 283 -5.03 21.35 -8.41
C CYS C 283 -4.82 21.39 -9.91
N ILE C 284 -3.79 20.71 -10.40
CA ILE C 284 -3.50 20.63 -11.83
C ILE C 284 -3.40 19.15 -12.20
N THR C 285 -4.08 18.78 -13.28
CA THR C 285 -4.08 17.44 -13.84
C THR C 285 -3.78 17.54 -15.31
N PRO C 286 -3.31 16.45 -15.93
CA PRO C 286 -3.09 16.48 -17.39
C PRO C 286 -4.35 16.82 -18.19
N ASN C 287 -5.53 16.57 -17.64
CA ASN C 287 -6.77 17.00 -18.27
C ASN C 287 -7.04 18.49 -18.06
N GLY C 288 -6.40 19.11 -17.08
CA GLY C 288 -6.62 20.49 -16.73
C GLY C 288 -6.69 20.66 -15.24
N SER C 289 -7.28 21.78 -14.81
CA SER C 289 -7.44 22.05 -13.39
C SER C 289 -8.82 21.60 -12.91
N ILE C 290 -8.87 21.10 -11.68
CA ILE C 290 -10.12 20.67 -11.08
C ILE C 290 -10.27 21.30 -9.70
N PRO C 291 -11.49 21.63 -9.27
CA PRO C 291 -11.67 22.13 -7.91
C PRO C 291 -11.44 21.03 -6.88
N ASN C 292 -11.01 21.43 -5.69
CA ASN C 292 -10.64 20.51 -4.63
C ASN C 292 -11.54 20.66 -3.41
N ASP C 293 -12.85 20.84 -3.64
CA ASP C 293 -13.79 20.94 -2.54
C ASP C 293 -14.40 19.59 -2.16
N LYS C 294 -14.15 18.54 -2.94
CA LYS C 294 -14.62 17.20 -2.65
C LYS C 294 -13.47 16.31 -2.18
N PRO C 295 -13.75 15.32 -1.33
CA PRO C 295 -12.67 14.49 -0.80
C PRO C 295 -12.05 13.54 -1.83
N PHE C 296 -12.76 13.22 -2.90
CA PHE C 296 -12.28 12.24 -3.87
C PHE C 296 -12.38 12.81 -5.27
N GLN C 297 -11.77 12.11 -6.22
CA GLN C 297 -11.79 12.54 -7.62
C GLN C 297 -11.56 11.33 -8.51
N ASN C 298 -11.87 11.50 -9.79
CA ASN C 298 -11.86 10.40 -10.76
C ASN C 298 -11.23 10.81 -12.09
N VAL C 299 -10.67 12.02 -12.19
CA VAL C 299 -10.22 12.53 -13.48
C VAL C 299 -8.92 11.82 -13.90
N ASN C 300 -7.87 11.98 -13.09
CA ASN C 300 -6.58 11.40 -13.43
C ASN C 300 -5.85 11.04 -12.14
N LYS C 301 -4.93 10.09 -12.23
CA LYS C 301 -4.12 9.72 -11.08
C LYS C 301 -2.77 10.41 -11.06
N ILE C 302 -2.55 11.37 -11.96
CA ILE C 302 -1.36 12.23 -11.94
C ILE C 302 -1.83 13.63 -11.59
N THR C 303 -1.33 14.16 -10.47
CA THR C 303 -1.77 15.46 -9.98
C THR C 303 -0.59 16.23 -9.40
N TYR C 304 -0.74 17.55 -9.35
CA TYR C 304 0.24 18.42 -8.71
C TYR C 304 -0.50 19.43 -7.84
N GLY C 305 -0.09 19.54 -6.59
CA GLY C 305 -0.70 20.51 -5.69
C GLY C 305 -1.59 19.88 -4.65
N ALA C 306 -2.56 20.66 -4.14
CA ALA C 306 -3.53 20.16 -3.16
C ALA C 306 -4.72 19.59 -3.93
N CYS C 307 -4.76 18.26 -4.04
CA CYS C 307 -5.76 17.59 -4.87
C CYS C 307 -6.47 16.52 -4.08
N PRO C 308 -7.69 16.17 -4.46
CA PRO C 308 -8.38 15.05 -3.83
C PRO C 308 -7.70 13.72 -4.18
N LYS C 309 -8.20 12.66 -3.56
CA LYS C 309 -7.65 11.33 -3.79
C LYS C 309 -8.33 10.67 -4.98
N TYR C 310 -7.60 9.78 -5.64
CA TYR C 310 -8.08 9.12 -6.84
C TYR C 310 -8.76 7.81 -6.48
N VAL C 311 -9.98 7.61 -6.97
CA VAL C 311 -10.75 6.40 -6.73
C VAL C 311 -11.29 5.89 -8.05
N LYS C 312 -11.64 4.59 -8.05
CA LYS C 312 -12.15 3.96 -9.26
C LYS C 312 -13.63 4.23 -9.51
N GLN C 313 -14.32 4.83 -8.57
CA GLN C 313 -15.76 5.04 -8.68
C GLN C 313 -16.06 6.46 -9.12
N ASN C 314 -17.02 6.60 -10.04
CA ASN C 314 -17.39 7.90 -10.56
C ASN C 314 -18.52 8.57 -9.80
N THR C 315 -19.11 7.90 -8.82
CA THR C 315 -20.18 8.50 -8.02
C THR C 315 -20.20 7.86 -6.63
N LEU C 316 -20.38 8.71 -5.62
CA LEU C 316 -20.50 8.26 -4.24
C LEU C 316 -21.39 9.26 -3.52
N LYS C 317 -22.61 8.86 -3.20
CA LYS C 317 -23.61 9.75 -2.62
C LYS C 317 -23.58 9.66 -1.11
N LEU C 318 -23.59 10.81 -0.44
CA LEU C 318 -23.57 10.90 1.01
C LEU C 318 -24.91 11.43 1.49
N ALA C 319 -25.56 10.69 2.39
CA ALA C 319 -26.88 11.09 2.88
C ALA C 319 -26.77 12.32 3.78
N THR C 320 -27.61 13.31 3.50
CA THR C 320 -27.65 14.55 4.27
C THR C 320 -28.94 14.72 5.06
N GLY C 321 -30.07 14.24 4.55
CA GLY C 321 -31.34 14.31 5.23
C GLY C 321 -31.77 12.97 5.79
N MET C 322 -33.07 12.87 6.07
CA MET C 322 -33.66 11.67 6.63
C MET C 322 -34.14 10.74 5.53
N ARG C 323 -34.65 9.58 5.91
CA ARG C 323 -35.35 8.73 4.96
C ARG C 323 -36.65 9.40 4.53
N ASN C 324 -37.04 9.14 3.29
CA ASN C 324 -38.21 9.79 2.70
C ASN C 324 -39.36 8.79 2.69
N VAL C 325 -40.47 9.16 3.32
CA VAL C 325 -41.64 8.30 3.47
C VAL C 325 -42.83 9.02 2.86
N PRO C 326 -43.56 8.40 1.94
CA PRO C 326 -44.71 9.07 1.33
C PRO C 326 -45.83 9.29 2.33
N GLU C 327 -46.56 10.39 2.13
CA GLU C 327 -47.66 10.75 3.02
C GLU C 327 -48.83 9.78 2.86
N ILE C 337 -55.75 13.41 11.45
CA ILE C 337 -54.31 13.59 11.37
C ILE C 337 -53.59 12.38 11.97
N ALA C 338 -52.44 12.04 11.40
CA ALA C 338 -51.67 10.86 11.81
C ALA C 338 -50.27 11.27 12.23
N GLY C 339 -49.53 10.28 12.73
CA GLY C 339 -48.19 10.46 13.25
C GLY C 339 -47.12 10.06 12.26
N PHE C 340 -45.98 9.65 12.79
CA PHE C 340 -44.79 9.32 12.00
C PHE C 340 -44.68 7.84 11.68
N ILE C 341 -45.67 7.03 12.04
CA ILE C 341 -45.63 5.59 11.85
C ILE C 341 -45.99 5.30 10.38
N GLU C 342 -44.97 5.02 9.56
CA GLU C 342 -45.15 4.86 8.11
C GLU C 342 -46.01 5.97 7.52
N ASN C 343 -45.66 7.22 7.84
CA ASN C 343 -46.35 8.37 7.27
C ASN C 343 -45.44 9.57 7.35
N GLY C 344 -45.38 10.35 6.27
CA GLY C 344 -44.67 11.60 6.25
C GLY C 344 -45.62 12.80 6.22
N TRP C 345 -45.03 13.97 6.36
CA TRP C 345 -45.77 15.23 6.38
C TRP C 345 -45.25 16.12 5.25
N GLU C 346 -45.86 15.99 4.07
CA GLU C 346 -45.43 16.76 2.91
C GLU C 346 -45.64 18.26 3.09
N GLY C 347 -46.52 18.66 4.01
CA GLY C 347 -46.79 20.05 4.25
C GLY C 347 -45.88 20.71 5.26
N MET C 348 -44.87 20.00 5.76
CA MET C 348 -43.97 20.52 6.78
C MET C 348 -42.83 21.28 6.12
N ILE C 349 -42.77 22.59 6.35
CA ILE C 349 -41.70 23.42 5.81
C ILE C 349 -40.94 24.18 6.89
N ASP C 350 -41.52 24.41 8.07
CA ASP C 350 -40.86 25.18 9.10
C ASP C 350 -39.67 24.46 9.70
N GLY C 351 -39.65 23.13 9.68
CA GLY C 351 -38.56 22.40 10.28
C GLY C 351 -38.67 20.92 9.97
N TRP C 352 -37.85 20.13 10.67
CA TRP C 352 -37.79 18.70 10.45
C TRP C 352 -38.73 17.93 11.38
N TYR C 353 -38.84 18.36 12.64
CA TYR C 353 -39.65 17.69 13.64
C TYR C 353 -40.66 18.65 14.23
N GLY C 354 -41.86 18.17 14.51
CA GLY C 354 -42.87 19.03 15.08
C GLY C 354 -44.11 18.27 15.46
N PHE C 355 -45.12 19.01 15.90
CA PHE C 355 -46.37 18.47 16.41
C PHE C 355 -47.52 18.89 15.52
N ARG C 356 -48.60 18.10 15.57
CA ARG C 356 -49.88 18.45 15.01
C ARG C 356 -50.96 18.17 16.04
N HIS C 357 -51.97 19.02 16.10
CA HIS C 357 -53.00 18.90 17.11
C HIS C 357 -54.37 19.19 16.51
N GLN C 358 -55.35 18.35 16.86
CA GLN C 358 -56.74 18.54 16.47
C GLN C 358 -57.53 18.81 17.73
N ASN C 359 -57.99 20.05 17.89
CA ASN C 359 -58.68 20.50 19.09
C ASN C 359 -60.12 20.83 18.73
N SER C 360 -60.88 21.27 19.74
CA SER C 360 -62.24 21.72 19.51
C SER C 360 -62.26 22.94 18.59
N GLU C 361 -61.33 23.87 18.78
CA GLU C 361 -61.26 25.06 17.94
C GLU C 361 -60.87 24.70 16.51
N GLY C 362 -59.95 23.77 16.34
CA GLY C 362 -59.52 23.38 15.01
C GLY C 362 -58.15 22.74 15.04
N THR C 363 -57.66 22.45 13.84
CA THR C 363 -56.36 21.81 13.68
C THR C 363 -55.22 22.82 13.88
N GLY C 364 -54.00 22.29 13.90
CA GLY C 364 -52.82 23.11 14.07
C GLY C 364 -51.58 22.36 13.64
N GLN C 365 -50.44 23.07 13.73
CA GLN C 365 -49.16 22.51 13.34
C GLN C 365 -48.04 23.39 13.89
N ALA C 366 -46.99 22.75 14.40
CA ALA C 366 -45.86 23.46 14.96
C ALA C 366 -44.60 22.67 14.63
N ALA C 367 -43.45 23.30 14.83
CA ALA C 367 -42.15 22.68 14.58
C ALA C 367 -41.23 22.89 15.78
N ASP C 368 -40.47 21.85 16.10
CA ASP C 368 -39.55 21.87 17.24
C ASP C 368 -38.19 22.37 16.78
N LEU C 369 -37.51 23.11 17.65
CA LEU C 369 -36.20 23.67 17.32
C LEU C 369 -35.06 22.85 17.90
N LYS C 370 -35.24 22.30 19.10
CA LYS C 370 -34.17 21.55 19.75
C LYS C 370 -33.75 20.34 18.93
N SER C 371 -34.71 19.50 18.57
CA SER C 371 -34.39 18.28 17.84
C SER C 371 -33.84 18.59 16.45
N THR C 372 -34.45 19.56 15.76
CA THR C 372 -33.98 19.92 14.43
C THR C 372 -32.54 20.45 14.48
N GLN C 373 -32.25 21.32 15.44
CA GLN C 373 -30.90 21.85 15.57
C GLN C 373 -29.91 20.77 15.95
N ALA C 374 -30.32 19.83 16.81
CA ALA C 374 -29.43 18.73 17.17
C ALA C 374 -29.10 17.87 15.96
N ALA C 375 -30.12 17.56 15.16
CA ALA C 375 -29.89 16.77 13.95
C ALA C 375 -28.98 17.50 12.97
N ILE C 376 -29.22 18.80 12.78
CA ILE C 376 -28.39 19.58 11.86
C ILE C 376 -26.95 19.63 12.33
N ASP C 377 -26.75 19.91 13.62
CA ASP C 377 -25.38 20.06 14.14
C ASP C 377 -24.65 18.72 14.18
N GLN C 378 -25.36 17.62 14.36
CA GLN C 378 -24.72 16.31 14.26
C GLN C 378 -24.36 16.00 12.82
N ILE C 379 -25.23 16.36 11.87
CA ILE C 379 -24.99 16.04 10.47
C ILE C 379 -23.99 17.01 9.85
N ASN C 380 -24.08 18.30 10.20
CA ASN C 380 -23.17 19.29 9.66
C ASN C 380 -21.74 19.04 10.15
N GLY C 381 -20.79 19.17 9.22
CA GLY C 381 -19.41 18.93 9.56
C GLY C 381 -19.02 17.47 9.63
N LYS C 382 -19.82 16.59 9.05
CA LYS C 382 -19.56 15.16 9.06
C LYS C 382 -18.60 14.80 7.93
N LEU C 383 -17.96 13.63 8.07
CA LEU C 383 -16.94 13.11 7.16
C LEU C 383 -15.63 13.87 7.34
N ASN C 384 -15.66 14.97 8.08
CA ASN C 384 -14.45 15.68 8.44
C ASN C 384 -13.84 15.17 9.73
N ARG C 385 -14.55 14.30 10.45
CA ARG C 385 -14.01 13.74 11.68
C ARG C 385 -12.99 12.64 11.40
N VAL C 386 -13.10 11.97 10.26
CA VAL C 386 -12.30 10.79 9.94
C VAL C 386 -11.21 11.11 8.92
N ILE C 387 -11.59 11.68 7.79
CA ILE C 387 -10.63 11.94 6.72
C ILE C 387 -10.02 13.32 6.92
N GLU C 388 -8.80 13.47 6.45
CA GLU C 388 -8.16 14.78 6.46
C GLU C 388 -8.74 15.66 5.36
N LYS C 389 -8.54 16.96 5.49
CA LYS C 389 -9.15 17.90 4.55
C LYS C 389 -8.53 17.78 3.16
N THR C 390 -7.24 18.07 3.05
CA THR C 390 -6.52 17.94 1.80
C THR C 390 -5.08 17.54 2.08
N ASN C 391 -4.47 16.86 1.12
CA ASN C 391 -3.08 16.45 1.20
C ASN C 391 -2.32 17.07 0.04
N GLU C 392 -1.13 17.60 0.33
CA GLU C 392 -0.30 18.25 -0.67
C GLU C 392 0.81 17.29 -1.10
N LYS C 393 0.82 16.94 -2.39
CA LYS C 393 1.84 16.09 -2.97
C LYS C 393 2.32 16.74 -4.25
N PHE C 394 3.65 16.81 -4.43
CA PHE C 394 4.24 17.62 -5.49
C PHE C 394 4.98 16.78 -6.53
N HIS C 395 6.00 16.02 -6.12
CA HIS C 395 6.78 15.21 -7.05
C HIS C 395 6.61 13.74 -6.69
N GLN C 396 6.24 12.93 -7.68
CA GLN C 396 5.96 11.52 -7.47
C GLN C 396 6.51 10.74 -8.67
N ILE C 397 6.33 9.42 -8.63
CA ILE C 397 6.86 8.54 -9.66
C ILE C 397 6.09 8.72 -10.97
N GLU C 398 6.63 8.18 -12.06
CA GLU C 398 5.95 8.22 -13.35
C GLU C 398 4.85 7.15 -13.39
N LYS C 399 3.72 7.51 -13.99
CA LYS C 399 2.56 6.64 -14.03
C LYS C 399 2.12 6.27 -15.44
N GLU C 400 2.81 6.76 -16.47
CA GLU C 400 2.52 6.38 -17.84
C GLU C 400 3.84 6.22 -18.60
N PHE C 401 3.92 5.18 -19.43
CA PHE C 401 5.16 4.85 -20.13
C PHE C 401 4.86 4.62 -21.60
N SER C 402 5.83 4.99 -22.45
CA SER C 402 5.67 4.87 -23.89
C SER C 402 6.44 3.70 -24.49
N GLU C 403 7.44 3.17 -23.80
CA GLU C 403 8.19 2.01 -24.27
C GLU C 403 8.28 0.98 -23.15
N VAL C 404 8.35 -0.28 -23.54
CA VAL C 404 8.42 -1.37 -22.57
C VAL C 404 9.86 -1.54 -22.11
N GLU C 405 10.03 -1.72 -20.80
CA GLU C 405 11.35 -1.84 -20.20
C GLU C 405 11.54 -3.15 -19.44
N GLY C 406 10.55 -3.59 -18.67
CA GLY C 406 10.68 -4.81 -17.91
C GLY C 406 10.43 -4.66 -16.43
N ARG C 407 11.47 -4.86 -15.62
CA ARG C 407 11.30 -5.06 -14.18
C ARG C 407 10.79 -3.79 -13.49
N ILE C 408 11.43 -2.65 -13.74
CA ILE C 408 11.13 -1.44 -12.99
C ILE C 408 9.74 -0.91 -13.34
N GLN C 409 9.39 -0.96 -14.62
CA GLN C 409 8.06 -0.52 -15.04
C GLN C 409 6.99 -1.39 -14.41
N ASP C 410 7.21 -2.71 -14.36
CA ASP C 410 6.26 -3.60 -13.72
C ASP C 410 6.11 -3.28 -12.24
N LEU C 411 7.22 -3.02 -11.55
CA LEU C 411 7.13 -2.68 -10.13
C LEU C 411 6.34 -1.39 -9.92
N GLU C 412 6.60 -0.37 -10.73
CA GLU C 412 5.89 0.89 -10.57
C GLU C 412 4.40 0.73 -10.83
N LYS C 413 4.03 0.00 -11.89
CA LYS C 413 2.63 -0.24 -12.16
C LYS C 413 1.96 -0.99 -11.03
N TYR C 414 2.64 -2.00 -10.47
CA TYR C 414 2.10 -2.76 -9.35
C TYR C 414 1.84 -1.86 -8.16
N VAL C 415 2.79 -0.99 -7.83
CA VAL C 415 2.65 -0.12 -6.67
C VAL C 415 1.46 0.80 -6.84
N GLU C 416 1.35 1.43 -8.03
CA GLU C 416 0.25 2.36 -8.24
C GLU C 416 -1.11 1.65 -8.20
N ASP C 417 -1.19 0.46 -8.80
CA ASP C 417 -2.46 -0.29 -8.78
C ASP C 417 -2.86 -0.65 -7.36
N THR C 418 -1.90 -1.09 -6.54
CA THR C 418 -2.20 -1.43 -5.16
C THR C 418 -2.75 -0.23 -4.40
N LYS C 419 -2.09 0.92 -4.56
CA LYS C 419 -2.54 2.13 -3.87
C LYS C 419 -3.96 2.50 -4.28
N VAL C 420 -4.24 2.44 -5.58
CA VAL C 420 -5.58 2.82 -6.08
C VAL C 420 -6.65 1.90 -5.51
N ASP C 421 -6.37 0.59 -5.52
CA ASP C 421 -7.36 -0.36 -5.00
C ASP C 421 -7.65 -0.10 -3.53
N LEU C 422 -6.60 0.10 -2.72
CA LEU C 422 -6.80 0.30 -1.29
C LEU C 422 -7.60 1.56 -1.00
N TRP C 423 -7.28 2.66 -1.69
CA TRP C 423 -8.00 3.90 -1.41
C TRP C 423 -9.46 3.84 -1.88
N SER C 424 -9.71 3.16 -3.00
CA SER C 424 -11.10 3.00 -3.45
C SER C 424 -11.91 2.21 -2.43
N TYR C 425 -11.34 1.12 -1.90
CA TYR C 425 -12.05 0.35 -0.88
C TYR C 425 -12.32 1.20 0.36
N ASN C 426 -11.34 2.00 0.79
CA ASN C 426 -11.54 2.84 1.96
C ASN C 426 -12.68 3.82 1.73
N ALA C 427 -12.74 4.44 0.55
CA ALA C 427 -13.81 5.40 0.27
C ALA C 427 -15.18 4.74 0.31
N GLU C 428 -15.31 3.56 -0.31
CA GLU C 428 -16.60 2.86 -0.30
C GLU C 428 -17.05 2.58 1.13
N LEU C 429 -16.17 1.99 1.94
CA LEU C 429 -16.56 1.61 3.30
C LEU C 429 -16.93 2.84 4.12
N LEU C 430 -16.15 3.92 4.00
CA LEU C 430 -16.43 5.12 4.78
C LEU C 430 -17.80 5.70 4.42
N VAL C 431 -18.11 5.78 3.13
CA VAL C 431 -19.39 6.35 2.74
C VAL C 431 -20.54 5.50 3.27
N ALA C 432 -20.42 4.17 3.17
CA ALA C 432 -21.49 3.32 3.68
C ALA C 432 -21.70 3.50 5.17
N LEU C 433 -20.61 3.55 5.94
CA LEU C 433 -20.72 3.72 7.39
C LEU C 433 -21.39 5.05 7.73
N GLU C 434 -20.97 6.13 7.08
CA GLU C 434 -21.54 7.44 7.40
C GLU C 434 -23.03 7.49 7.07
N ASN C 435 -23.44 6.92 5.93
CA ASN C 435 -24.85 6.91 5.59
C ASN C 435 -25.67 6.15 6.62
N GLN C 436 -25.19 4.97 7.02
CA GLN C 436 -25.91 4.18 8.02
C GLN C 436 -26.07 4.96 9.32
N HIS C 437 -24.99 5.61 9.78
CA HIS C 437 -25.07 6.30 11.06
C HIS C 437 -25.97 7.52 10.98
N THR C 438 -25.99 8.21 9.83
CA THR C 438 -26.90 9.35 9.68
C THR C 438 -28.36 8.91 9.78
N ILE C 439 -28.70 7.83 9.07
CA ILE C 439 -30.08 7.32 9.14
C ILE C 439 -30.44 6.95 10.57
N ASP C 440 -29.54 6.24 11.25
CA ASP C 440 -29.81 5.81 12.62
C ASP C 440 -30.01 7.00 13.55
N LEU C 441 -29.17 8.03 13.41
CA LEU C 441 -29.30 9.19 14.31
C LEU C 441 -30.61 9.91 14.08
N THR C 442 -31.05 10.06 12.82
CA THR C 442 -32.32 10.73 12.58
C THR C 442 -33.48 9.96 13.20
N ASP C 443 -33.48 8.63 13.02
CA ASP C 443 -34.55 7.83 13.61
C ASP C 443 -34.54 7.93 15.13
N SER C 444 -33.36 7.88 15.75
CA SER C 444 -33.29 7.95 17.20
C SER C 444 -33.75 9.31 17.71
N GLU C 445 -33.44 10.38 16.97
CA GLU C 445 -33.91 11.71 17.38
C GLU C 445 -35.43 11.79 17.37
N MET C 446 -36.06 11.27 16.31
CA MET C 446 -37.52 11.28 16.28
C MET C 446 -38.11 10.46 17.43
N ASN C 447 -37.54 9.29 17.69
CA ASN C 447 -38.05 8.45 18.78
C ASN C 447 -37.88 9.13 20.13
N LYS C 448 -36.76 9.83 20.32
CA LYS C 448 -36.53 10.54 21.59
C LYS C 448 -37.52 11.66 21.78
N LEU C 449 -37.85 12.38 20.71
CA LEU C 449 -38.86 13.43 20.83
C LEU C 449 -40.22 12.83 21.20
N PHE C 450 -40.58 11.71 20.58
CA PHE C 450 -41.83 11.05 20.93
C PHE C 450 -41.82 10.60 22.39
N GLU C 451 -40.70 10.03 22.85
CA GLU C 451 -40.63 9.54 24.22
C GLU C 451 -40.73 10.68 25.22
N LYS C 452 -40.10 11.82 24.93
CA LYS C 452 -40.23 12.96 25.83
C LYS C 452 -41.68 13.47 25.87
N THR C 453 -42.33 13.54 24.71
CA THR C 453 -43.72 14.00 24.69
C THR C 453 -44.61 13.07 25.50
N ARG C 454 -44.41 11.75 25.37
CA ARG C 454 -45.13 10.80 26.22
C ARG C 454 -44.79 11.02 27.69
N ARG C 455 -43.52 11.31 27.96
CA ARG C 455 -43.05 11.44 29.34
C ARG C 455 -43.72 12.61 30.04
N GLN C 456 -44.04 13.67 29.29
CA GLN C 456 -44.78 14.79 29.88
C GLN C 456 -46.17 14.35 30.34
N LEU C 457 -46.89 13.62 29.48
CA LEU C 457 -48.25 13.18 29.78
C LEU C 457 -48.18 11.89 30.57
N ARG C 458 -48.24 11.99 31.90
CA ARG C 458 -48.06 10.82 32.74
C ARG C 458 -49.25 9.86 32.62
N GLU C 459 -50.45 10.33 32.98
CA GLU C 459 -51.64 9.49 32.93
C GLU C 459 -52.84 10.19 32.30
N ASN C 460 -52.63 11.33 31.63
CA ASN C 460 -53.70 12.06 30.99
C ASN C 460 -53.82 11.76 29.51
N ALA C 461 -53.08 10.78 28.99
CA ALA C 461 -53.10 10.46 27.57
C ALA C 461 -52.87 8.97 27.39
N GLU C 462 -53.18 8.49 26.19
CA GLU C 462 -52.96 7.10 25.82
C GLU C 462 -52.50 7.04 24.37
N ASP C 463 -51.48 6.22 24.12
CA ASP C 463 -50.95 6.05 22.77
C ASP C 463 -52.00 5.39 21.88
N MET C 464 -52.25 5.97 20.72
CA MET C 464 -53.27 5.48 19.81
C MET C 464 -52.75 4.47 18.79
N GLY C 465 -51.44 4.22 18.75
CA GLY C 465 -50.88 3.20 17.90
C GLY C 465 -50.23 3.71 16.62
N ASN C 466 -50.45 4.97 16.25
CA ASN C 466 -49.86 5.53 15.04
C ASN C 466 -48.97 6.72 15.36
N GLY C 467 -48.36 6.73 16.55
CA GLY C 467 -47.55 7.85 16.96
C GLY C 467 -48.33 9.04 17.45
N CYS C 468 -49.62 8.88 17.72
CA CYS C 468 -50.49 9.97 18.16
C CYS C 468 -50.97 9.69 19.58
N PHE C 469 -51.19 10.75 20.33
CA PHE C 469 -51.71 10.66 21.69
C PHE C 469 -53.16 11.13 21.74
N LYS C 470 -53.96 10.45 22.55
CA LYS C 470 -55.35 10.84 22.79
C LYS C 470 -55.42 11.53 24.14
N ILE C 471 -55.49 12.85 24.14
CA ILE C 471 -55.59 13.63 25.36
C ILE C 471 -57.04 13.56 25.84
N TYR C 472 -57.23 13.08 27.06
CA TYR C 472 -58.55 12.79 27.58
C TYR C 472 -59.17 13.97 28.33
N HIS C 473 -58.50 15.10 28.38
CA HIS C 473 -59.02 16.31 28.99
C HIS C 473 -59.05 17.44 27.97
N LYS C 474 -59.81 18.49 28.29
CA LYS C 474 -59.91 19.65 27.41
C LYS C 474 -58.57 20.37 27.36
N CYS C 475 -57.85 20.22 26.25
CA CYS C 475 -56.55 20.82 26.06
C CYS C 475 -56.68 21.92 25.02
N ASP C 476 -56.76 23.17 25.49
CA ASP C 476 -56.89 24.31 24.61
C ASP C 476 -55.52 24.64 24.01
N ASN C 477 -55.43 25.76 23.29
CA ASN C 477 -54.16 26.14 22.67
C ASN C 477 -53.09 26.41 23.73
N ALA C 478 -53.48 26.98 24.86
CA ALA C 478 -52.53 27.20 25.94
C ALA C 478 -51.99 25.88 26.47
N CYS C 479 -52.85 24.87 26.61
CA CYS C 479 -52.41 23.56 27.09
C CYS C 479 -51.48 22.90 26.07
N ILE C 480 -51.79 23.01 24.78
CA ILE C 480 -50.90 22.47 23.76
C ILE C 480 -49.53 23.15 23.82
N GLU C 481 -49.53 24.48 23.97
CA GLU C 481 -48.27 25.21 24.03
C GLU C 481 -47.49 24.83 25.30
N SER C 482 -48.20 24.57 26.40
CA SER C 482 -47.54 24.12 27.62
C SER C 482 -46.89 22.76 27.41
N ILE C 483 -47.58 21.86 26.70
CA ILE C 483 -46.98 20.57 26.37
C ILE C 483 -45.73 20.77 25.52
N ARG C 484 -45.81 21.66 24.53
CA ARG C 484 -44.68 21.86 23.63
C ARG C 484 -43.48 22.46 24.36
N ASN C 485 -43.72 23.41 25.25
CA ASN C 485 -42.60 24.11 25.90
C ASN C 485 -41.97 23.29 27.02
N GLY C 486 -42.71 22.36 27.61
CA GLY C 486 -42.22 21.58 28.72
C GLY C 486 -42.67 22.00 30.10
N THR C 487 -43.73 22.80 30.21
CA THR C 487 -44.25 23.28 31.48
C THR C 487 -45.60 22.67 31.83
N TYR C 488 -45.97 21.57 31.17
CA TYR C 488 -47.28 20.97 31.39
C TYR C 488 -47.36 20.37 32.78
N ASP C 489 -48.42 20.73 33.52
CA ASP C 489 -48.66 20.25 34.87
C ASP C 489 -49.84 19.28 34.83
N HIS C 490 -49.55 17.99 34.96
CA HIS C 490 -50.57 16.97 34.80
C HIS C 490 -51.60 16.94 35.92
N ASP C 491 -51.26 17.49 37.09
CA ASP C 491 -52.13 17.33 38.25
C ASP C 491 -53.49 18.01 38.07
N ILE C 492 -53.52 19.19 37.45
CA ILE C 492 -54.74 19.98 37.43
C ILE C 492 -55.73 19.40 36.43
N TYR C 493 -55.28 18.55 35.51
CA TYR C 493 -56.19 17.79 34.66
C TYR C 493 -56.24 16.32 35.03
N ARG C 494 -55.53 15.93 36.09
CA ARG C 494 -55.43 14.51 36.44
C ARG C 494 -56.79 13.91 36.75
N ASP C 495 -57.56 14.56 37.62
CA ASP C 495 -58.86 14.02 38.02
C ASP C 495 -59.81 13.97 36.84
N GLU C 496 -59.84 15.01 36.01
CA GLU C 496 -60.73 15.02 34.86
C GLU C 496 -60.38 13.92 33.87
N ALA C 497 -59.08 13.75 33.58
CA ALA C 497 -58.67 12.70 32.66
C ALA C 497 -58.96 11.31 33.21
N LEU C 498 -58.74 11.11 34.51
CA LEU C 498 -59.02 9.81 35.11
C LEU C 498 -60.51 9.51 35.09
N ASN C 499 -61.34 10.51 35.34
CA ASN C 499 -62.78 10.31 35.24
C ASN C 499 -63.20 9.97 33.81
N ASN C 500 -62.62 10.67 32.84
CA ASN C 500 -62.97 10.42 31.44
C ASN C 500 -62.56 9.02 31.00
N ARG C 501 -61.36 8.57 31.38
CA ARG C 501 -60.85 7.30 30.89
C ARG C 501 -61.66 6.12 31.42
N PHE C 502 -61.98 6.12 32.70
CA PHE C 502 -62.71 5.01 33.30
C PHE C 502 -64.15 5.40 33.64
#